data_9O8K
# 
_entry.id   9O8K 
# 
_audit_conform.dict_name       mmcif_pdbx.dic 
_audit_conform.dict_version    5.403 
_audit_conform.dict_location   http://mmcif.pdb.org/dictionaries/ascii/mmcif_pdbx.dic 
# 
loop_
_database_2.database_id 
_database_2.database_code 
_database_2.pdbx_database_accession 
_database_2.pdbx_DOI 
PDB   9O8K         pdb_00009o8k 10.2210/pdb9o8k/pdb 
WWPDB D_1000295094 ?            ?                   
# 
_pdbx_audit_revision_history.ordinal             1 
_pdbx_audit_revision_history.data_content_type   'Structure model' 
_pdbx_audit_revision_history.major_revision      1 
_pdbx_audit_revision_history.minor_revision      0 
_pdbx_audit_revision_history.revision_date       2025-05-28 
_pdbx_audit_revision_history.part_number         ? 
# 
_pdbx_audit_revision_details.ordinal             1 
_pdbx_audit_revision_details.revision_ordinal    1 
_pdbx_audit_revision_details.data_content_type   'Structure model' 
_pdbx_audit_revision_details.provider            repository 
_pdbx_audit_revision_details.type                'Initial release' 
_pdbx_audit_revision_details.description         ? 
_pdbx_audit_revision_details.details             ? 
# 
_pdbx_database_status.status_code                     REL 
_pdbx_database_status.status_code_sf                  REL 
_pdbx_database_status.status_code_mr                  ? 
_pdbx_database_status.entry_id                        9O8K 
_pdbx_database_status.recvd_initial_deposition_date   2025-04-16 
_pdbx_database_status.SG_entry                        N 
_pdbx_database_status.deposit_site                    RCSB 
_pdbx_database_status.process_site                    RCSB 
_pdbx_database_status.status_code_cs                  ? 
_pdbx_database_status.status_code_nmr_data            ? 
_pdbx_database_status.methods_development_category    ? 
_pdbx_database_status.pdb_format_compatible           Y 
# 
_pdbx_contact_author.id                 2 
_pdbx_contact_author.email              rs17@nyu.edu 
_pdbx_contact_author.name_first         Ruojie 
_pdbx_contact_author.name_last          Sha 
_pdbx_contact_author.name_mi            ? 
_pdbx_contact_author.role               'principal investigator/group leader' 
_pdbx_contact_author.identifier_ORCID   0000-0002-0807-734X 
# 
loop_
_audit_author.name 
_audit_author.pdbx_ordinal 
_audit_author.identifier_ORCID 
'Abi Rizk, J.'  1 0009-0000-0766-7631 
'Vecchioni, S.' 2 0000-0001-8243-650X 
'Horvath, A.'   3 0009-0008-5770-8014 
'Woloszyn, K.'  4 0000-0003-1200-583X 
'Ohayon, Y.P.'  5 0000-0001-7500-4282 
'Sha, R.'       6 0000-0002-0807-734X 
# 
_citation.abstract                  ? 
_citation.abstract_id_CAS           ? 
_citation.book_id_ISBN              ? 
_citation.book_publisher            ? 
_citation.book_publisher_city       ? 
_citation.book_title                ? 
_citation.coordinate_linkage        ? 
_citation.country                   ? 
_citation.database_id_Medline       ? 
_citation.details                   ? 
_citation.id                        primary 
_citation.journal_abbrev            'To Be Published' 
_citation.journal_id_ASTM           ? 
_citation.journal_id_CSD            0353 
_citation.journal_id_ISSN           ? 
_citation.journal_full              ? 
_citation.journal_issue             ? 
_citation.journal_volume            ? 
_citation.language                  ? 
_citation.page_first                ? 
_citation.page_last                 ? 
_citation.title                     'Shifted tensegrity triangles' 
_citation.year                      ? 
_citation.database_id_CSD           ? 
_citation.pdbx_database_id_DOI      ? 
_citation.pdbx_database_id_PubMed   ? 
_citation.pdbx_database_id_patent   ? 
_citation.unpublished_flag          ? 
# 
loop_
_citation_author.citation_id 
_citation_author.name 
_citation_author.ordinal 
_citation_author.identifier_ORCID 
primary 'Abi Rizk, J.'  1 0009-0000-0766-7631 
primary 'Vecchioni, S.' 2 0000-0001-8243-650X 
primary 'Horvath, A.'   3 0009-0008-5770-8014 
primary 'Woloszyn, K.'  4 0000-0003-1200-583X 
primary 'Ohayon, Y.P.'  5 0000-0001-7500-4282 
primary 'Sha, R.'       6 0000-0002-0807-734X 
# 
loop_
_entity.id 
_entity.type 
_entity.src_method 
_entity.pdbx_description 
_entity.formula_weight 
_entity.pdbx_number_of_molecules 
_entity.pdbx_ec 
_entity.pdbx_mutation 
_entity.pdbx_fragment 
_entity.details 
1 polymer syn 
;DNA (5'-D(P*AP*CP*GP*GP*AP*CP*AP*TP*A)-3')
;
2748.838 1 ? ? ? ? 
2 polymer syn 
;DNA (5'-D(P*CP*AP*CP*AP*CP*CP*GP*T)-3')
;
2371.582 1 ? ? ? ? 
3 polymer syn 
;DNA (5'-D(*TP*CP*TP*AP*TP*GP*TP*GP*GP*CP*TP*GP*C)-3')
;
3973.582 1 ? ? ? ? 
4 polymer syn 
;DNA (5'-D(*GP*AP*GP*CP*AP*GP*CP*CP*TP*GP*TP*G)-3')
;
3703.416 1 ? ? ? ? 
# 
loop_
_entity_poly.entity_id 
_entity_poly.type 
_entity_poly.nstd_linkage 
_entity_poly.nstd_monomer 
_entity_poly.pdbx_seq_one_letter_code 
_entity_poly.pdbx_seq_one_letter_code_can 
_entity_poly.pdbx_strand_id 
_entity_poly.pdbx_target_identifier 
1 polydeoxyribonucleotide no no '(DA)(DC)(DG)(DG)(DA)(DC)(DA)(DT)(DA)'                 ACGGACATA     A ? 
2 polydeoxyribonucleotide no no '(DC)(DA)(DC)(DA)(DC)(DC)(DG)(DT)'                     CACACCGT      B ? 
3 polydeoxyribonucleotide no no '(DT)(DC)(DT)(DA)(DT)(DG)(DT)(DG)(DG)(DC)(DT)(DG)(DC)' TCTATGTGGCTGC D ? 
4 polydeoxyribonucleotide no no '(DG)(DA)(DG)(DC)(DA)(DG)(DC)(DC)(DT)(DG)(DT)(DG)'     GAGCAGCCTGTG  X ? 
# 
loop_
_entity_poly_seq.entity_id 
_entity_poly_seq.num 
_entity_poly_seq.mon_id 
_entity_poly_seq.hetero 
1 1  DA n 
1 2  DC n 
1 3  DG n 
1 4  DG n 
1 5  DA n 
1 6  DC n 
1 7  DA n 
1 8  DT n 
1 9  DA n 
2 1  DC n 
2 2  DA n 
2 3  DC n 
2 4  DA n 
2 5  DC n 
2 6  DC n 
2 7  DG n 
2 8  DT n 
3 1  DT n 
3 2  DC n 
3 3  DT n 
3 4  DA n 
3 5  DT n 
3 6  DG n 
3 7  DT n 
3 8  DG n 
3 9  DG n 
3 10 DC n 
3 11 DT n 
3 12 DG n 
3 13 DC n 
4 1  DG n 
4 2  DA n 
4 3  DG n 
4 4  DC n 
4 5  DA n 
4 6  DG n 
4 7  DC n 
4 8  DC n 
4 9  DT n 
4 10 DG n 
4 11 DT n 
4 12 DG n 
# 
loop_
_pdbx_entity_src_syn.entity_id 
_pdbx_entity_src_syn.pdbx_src_id 
_pdbx_entity_src_syn.pdbx_alt_source_flag 
_pdbx_entity_src_syn.pdbx_beg_seq_num 
_pdbx_entity_src_syn.pdbx_end_seq_num 
_pdbx_entity_src_syn.organism_scientific 
_pdbx_entity_src_syn.organism_common_name 
_pdbx_entity_src_syn.ncbi_taxonomy_id 
_pdbx_entity_src_syn.details 
1 1 sample 1 9  'synthetic construct' ? 32630 ? 
2 1 sample 1 8  'synthetic construct' ? 32630 ? 
3 1 sample 1 13 'synthetic construct' ? 32630 ? 
4 1 sample 1 12 'synthetic construct' ? 32630 ? 
# 
loop_
_chem_comp.id 
_chem_comp.type 
_chem_comp.mon_nstd_flag 
_chem_comp.name 
_chem_comp.pdbx_synonyms 
_chem_comp.formula 
_chem_comp.formula_weight 
DA 'DNA linking' y "2'-DEOXYADENOSINE-5'-MONOPHOSPHATE" ? 'C10 H14 N5 O6 P' 331.222 
DC 'DNA linking' y "2'-DEOXYCYTIDINE-5'-MONOPHOSPHATE"  ? 'C9 H14 N3 O7 P'  307.197 
DG 'DNA linking' y "2'-DEOXYGUANOSINE-5'-MONOPHOSPHATE" ? 'C10 H14 N5 O7 P' 347.221 
DT 'DNA linking' y "THYMIDINE-5'-MONOPHOSPHATE"         ? 'C10 H15 N2 O8 P' 322.208 
# 
loop_
_pdbx_poly_seq_scheme.asym_id 
_pdbx_poly_seq_scheme.entity_id 
_pdbx_poly_seq_scheme.seq_id 
_pdbx_poly_seq_scheme.mon_id 
_pdbx_poly_seq_scheme.ndb_seq_num 
_pdbx_poly_seq_scheme.pdb_seq_num 
_pdbx_poly_seq_scheme.auth_seq_num 
_pdbx_poly_seq_scheme.pdb_mon_id 
_pdbx_poly_seq_scheme.auth_mon_id 
_pdbx_poly_seq_scheme.pdb_strand_id 
_pdbx_poly_seq_scheme.pdb_ins_code 
_pdbx_poly_seq_scheme.hetero 
A 1 1  DA 1  112 112 DA DA A . n 
A 1 2  DC 2  113 113 DC DC A . n 
A 1 3  DG 3  114 114 DG DG A . n 
A 1 4  DG 4  115 115 DG DG A . n 
A 1 5  DA 5  116 116 DA DA A . n 
A 1 6  DC 6  117 117 DC DC A . n 
A 1 7  DA 7  118 118 DA DA A . n 
A 1 8  DT 8  119 119 DT DT A . n 
A 1 9  DA 9  120 120 DA DA A . n 
B 2 1  DC 1  131 131 DC DC B . n 
B 2 2  DA 2  132 132 DA DA B . n 
B 2 3  DC 3  133 133 DC DC B . n 
B 2 4  DA 4  134 134 DA DA B . n 
B 2 5  DC 5  135 135 DC DC B . n 
B 2 6  DC 6  136 136 DC DC B . n 
B 2 7  DG 7  137 137 DG DG B . n 
B 2 8  DT 8  138 138 DT DT B . n 
C 3 1  DT 1  202 202 DT DT D . n 
C 3 2  DC 2  203 203 DC DC D . n 
C 3 3  DT 3  204 204 DT DT D . n 
C 3 4  DA 4  205 205 DA DA D . n 
C 3 5  DT 5  206 206 DT DT D . n 
C 3 6  DG 6  207 207 DG DG D . n 
C 3 7  DT 7  208 208 DT DT D . n 
C 3 8  DG 8  209 209 DG DG D . n 
C 3 9  DG 9  210 210 DG DG D . n 
C 3 10 DC 10 211 211 DC DC D . n 
C 3 11 DT 11 212 212 DT DT D . n 
C 3 12 DG 12 213 213 DG DG D . n 
C 3 13 DC 13 214 214 DC DC D . n 
D 4 1  DG 1  100 100 DG DG X . n 
D 4 2  DA 2  101 101 DA DA X . n 
D 4 3  DG 3  102 102 DG DG X . n 
D 4 4  DC 4  103 103 DC DC X . n 
D 4 5  DA 5  104 104 DA DA X . n 
D 4 6  DG 6  105 105 DG DG X . n 
D 4 7  DC 7  106 106 DC DC X . n 
D 4 8  DC 8  107 107 DC DC X . n 
D 4 9  DT 9  108 108 DT DT X . n 
D 4 10 DG 10 109 109 DG DG X . n 
D 4 11 DT 11 110 110 DT DT X . n 
D 4 12 DG 12 111 111 DG DG X . n 
# 
loop_
_software.citation_id 
_software.classification 
_software.compiler_name 
_software.compiler_version 
_software.contact_author 
_software.contact_author_email 
_software.date 
_software.description 
_software.dependencies 
_software.hardware 
_software.language 
_software.location 
_software.mods 
_software.name 
_software.os 
_software.os_version 
_software.type 
_software.version 
_software.pdbx_reference_DOI 
_software.pdbx_ordinal 
? refinement       ? ? ? ? ? ? ? ? ? ? ? PHENIX    ? ? ? 1.21.2_5419 ? 1 
? 'data reduction' ? ? ? ? ? ? ? ? ? ? ? autoPROC  ? ? ? .           ? 2 
? 'data scaling'   ? ? ? ? ? ? ? ? ? ? ? STARANISO ? ? ? .           ? 3 
? phasing          ? ? ? ? ? ? ? ? ? ? ? PHASER    ? ? ? .           ? 4 
# 
_cell.angle_alpha                  90.000 
_cell.angle_alpha_esd              ? 
_cell.angle_beta                   90.000 
_cell.angle_beta_esd               ? 
_cell.angle_gamma                  120.000 
_cell.angle_gamma_esd              ? 
_cell.entry_id                     9O8K 
_cell.details                      ? 
_cell.formula_units_Z              ? 
_cell.length_a                     130.562 
_cell.length_a_esd                 ? 
_cell.length_b                     130.562 
_cell.length_b_esd                 ? 
_cell.length_c                     54.231 
_cell.length_c_esd                 ? 
_cell.volume                       800593.082 
_cell.volume_esd                   ? 
_cell.Z_PDB                        6 
_cell.reciprocal_angle_alpha       ? 
_cell.reciprocal_angle_beta        ? 
_cell.reciprocal_angle_gamma       ? 
_cell.reciprocal_angle_alpha_esd   ? 
_cell.reciprocal_angle_beta_esd    ? 
_cell.reciprocal_angle_gamma_esd   ? 
_cell.reciprocal_length_a          ? 
_cell.reciprocal_length_b          ? 
_cell.reciprocal_length_c          ? 
_cell.reciprocal_length_a_esd      ? 
_cell.reciprocal_length_b_esd      ? 
_cell.reciprocal_length_c_esd      ? 
_cell.pdbx_unique_axis             ? 
_cell.pdbx_esd_method              ? 
# 
_symmetry.entry_id                         9O8K 
_symmetry.cell_setting                     ? 
_symmetry.Int_Tables_number                173 
_symmetry.space_group_name_Hall            'P 6c' 
_symmetry.space_group_name_H-M             'P 63' 
_symmetry.pdbx_full_space_group_name_H-M   ? 
# 
_exptl.absorpt_coefficient_mu     ? 
_exptl.absorpt_correction_T_max   ? 
_exptl.absorpt_correction_T_min   ? 
_exptl.absorpt_correction_type    ? 
_exptl.absorpt_process_details    ? 
_exptl.entry_id                   9O8K 
_exptl.crystals_number            1 
_exptl.details                    ? 
_exptl.method                     'X-RAY DIFFRACTION' 
_exptl.method_details             ? 
# 
_exptl_crystal.colour                       ? 
_exptl_crystal.density_diffrn               ? 
_exptl_crystal.density_Matthews             ? 
_exptl_crystal.density_method               ? 
_exptl_crystal.density_percent_sol          ? 
_exptl_crystal.description                  ? 
_exptl_crystal.F_000                        ? 
_exptl_crystal.id                           1 
_exptl_crystal.preparation                  ? 
_exptl_crystal.size_max                     ? 
_exptl_crystal.size_mid                     ? 
_exptl_crystal.size_min                     ? 
_exptl_crystal.size_rad                     ? 
_exptl_crystal.colour_lustre                ? 
_exptl_crystal.colour_modifier              ? 
_exptl_crystal.colour_primary               ? 
_exptl_crystal.density_meas                 ? 
_exptl_crystal.density_meas_esd             ? 
_exptl_crystal.density_meas_gt              ? 
_exptl_crystal.density_meas_lt              ? 
_exptl_crystal.density_meas_temp            ? 
_exptl_crystal.density_meas_temp_esd        ? 
_exptl_crystal.density_meas_temp_gt         ? 
_exptl_crystal.density_meas_temp_lt         ? 
_exptl_crystal.pdbx_crystal_image_url       ? 
_exptl_crystal.pdbx_crystal_image_format    ? 
_exptl_crystal.pdbx_mosaicity               ? 
_exptl_crystal.pdbx_mosaicity_esd           ? 
_exptl_crystal.pdbx_mosaic_method           ? 
_exptl_crystal.pdbx_mosaic_block_size       ? 
_exptl_crystal.pdbx_mosaic_block_size_esd   ? 
# 
_exptl_crystal_grow.apparatus       ? 
_exptl_crystal_grow.atmosphere      ? 
_exptl_crystal_grow.crystal_id      1 
_exptl_crystal_grow.details         ? 
_exptl_crystal_grow.method          'VAPOR DIFFUSION, HANGING DROP' 
_exptl_crystal_grow.method_ref      ? 
_exptl_crystal_grow.pH              ? 
_exptl_crystal_grow.pressure        ? 
_exptl_crystal_grow.pressure_esd    ? 
_exptl_crystal_grow.seeding         ? 
_exptl_crystal_grow.seeding_ref     ? 
_exptl_crystal_grow.temp_details    '338-293 at 0.4/hr' 
_exptl_crystal_grow.temp_esd        ? 
_exptl_crystal_grow.time            ? 
_exptl_crystal_grow.pdbx_details    '100 mM MOPS, 1.25 M magnesium sulfate' 
_exptl_crystal_grow.pdbx_pH_range   ? 
_exptl_crystal_grow.temp            293 
# 
_diffrn.ambient_environment              ? 
_diffrn.ambient_temp                     100 
_diffrn.ambient_temp_details             ? 
_diffrn.ambient_temp_esd                 ? 
_diffrn.crystal_id                       1 
_diffrn.crystal_support                  ? 
_diffrn.crystal_treatment                ? 
_diffrn.details                          ? 
_diffrn.id                               1 
_diffrn.ambient_pressure                 ? 
_diffrn.ambient_pressure_esd             ? 
_diffrn.ambient_pressure_gt              ? 
_diffrn.ambient_pressure_lt              ? 
_diffrn.ambient_temp_gt                  ? 
_diffrn.ambient_temp_lt                  ? 
_diffrn.pdbx_serial_crystal_experiment   N 
# 
_diffrn_detector.details                      ? 
_diffrn_detector.detector                     PIXEL 
_diffrn_detector.diffrn_id                    1 
_diffrn_detector.type                         'DECTRIS EIGER2 X 9M' 
_diffrn_detector.area_resol_mean              ? 
_diffrn_detector.dtime                        ? 
_diffrn_detector.pdbx_frames_total            ? 
_diffrn_detector.pdbx_collection_time_total   ? 
_diffrn_detector.pdbx_collection_date         2022-07-24 
_diffrn_detector.pdbx_frequency               ? 
_diffrn_detector.id                           ? 
_diffrn_detector.number_of_axes               ? 
# 
_diffrn_radiation.collimation                      ? 
_diffrn_radiation.diffrn_id                        1 
_diffrn_radiation.filter_edge                      ? 
_diffrn_radiation.inhomogeneity                    ? 
_diffrn_radiation.monochromator                    ? 
_diffrn_radiation.polarisn_norm                    ? 
_diffrn_radiation.polarisn_ratio                   ? 
_diffrn_radiation.probe                            ? 
_diffrn_radiation.type                             ? 
_diffrn_radiation.xray_symbol                      ? 
_diffrn_radiation.wavelength_id                    1 
_diffrn_radiation.pdbx_monochromatic_or_laue_m_l   M 
_diffrn_radiation.pdbx_wavelength_list             ? 
_diffrn_radiation.pdbx_wavelength                  ? 
_diffrn_radiation.pdbx_diffrn_protocol             'SINGLE WAVELENGTH' 
_diffrn_radiation.pdbx_analyzer                    ? 
_diffrn_radiation.pdbx_scattering_type             x-ray 
# 
_diffrn_radiation_wavelength.id           1 
_diffrn_radiation_wavelength.wavelength   1.007430 
_diffrn_radiation_wavelength.wt           1.0 
# 
_diffrn_source.current                     ? 
_diffrn_source.details                     ? 
_diffrn_source.diffrn_id                   1 
_diffrn_source.power                       ? 
_diffrn_source.size                        ? 
_diffrn_source.source                      SYNCHROTRON 
_diffrn_source.target                      ? 
_diffrn_source.type                        'APS BEAMLINE 17-ID' 
_diffrn_source.voltage                     ? 
_diffrn_source.take-off_angle              ? 
_diffrn_source.pdbx_wavelength_list        1.007430 
_diffrn_source.pdbx_wavelength             ? 
_diffrn_source.pdbx_synchrotron_beamline   17-ID 
_diffrn_source.pdbx_synchrotron_site       APS 
# 
_reflns.B_iso_Wilson_estimate                          430.99 
_reflns.entry_id                                       9O8K 
_reflns.data_reduction_details                         ? 
_reflns.data_reduction_method                          ? 
_reflns.d_resolution_high                              6.05 
_reflns.d_resolution_low                               65.281 
_reflns.details                                        ? 
_reflns.limit_h_max                                    ? 
_reflns.limit_h_min                                    ? 
_reflns.limit_k_max                                    ? 
_reflns.limit_k_min                                    ? 
_reflns.limit_l_max                                    ? 
_reflns.limit_l_min                                    ? 
_reflns.number_all                                     ? 
_reflns.number_obs                                     1131 
_reflns.observed_criterion                             ? 
_reflns.observed_criterion_F_max                       ? 
_reflns.observed_criterion_F_min                       ? 
_reflns.observed_criterion_I_max                       ? 
_reflns.observed_criterion_I_min                       ? 
_reflns.observed_criterion_sigma_F                     ? 
_reflns.observed_criterion_sigma_I                     ? 
_reflns.percent_possible_obs                           90.0 
_reflns.R_free_details                                 ? 
_reflns.Rmerge_F_all                                   ? 
_reflns.Rmerge_F_obs                                   ? 
_reflns.Friedel_coverage                               ? 
_reflns.number_gt                                      ? 
_reflns.threshold_expression                           ? 
_reflns.pdbx_redundancy                                19.4 
_reflns.pdbx_netI_over_av_sigmaI                       ? 
_reflns.pdbx_netI_over_sigmaI                          17.0 
_reflns.pdbx_res_netI_over_av_sigmaI_2                 ? 
_reflns.pdbx_res_netI_over_sigmaI_2                    ? 
_reflns.pdbx_chi_squared                               ? 
_reflns.pdbx_scaling_rejects                           ? 
_reflns.pdbx_d_res_high_opt                            ? 
_reflns.pdbx_d_res_low_opt                             ? 
_reflns.pdbx_d_res_opt_method                          ? 
_reflns.phase_calculation_details                      ? 
_reflns.pdbx_Rrim_I_all                                ? 
_reflns.pdbx_Rpim_I_all                                ? 
_reflns.pdbx_d_opt                                     ? 
_reflns.pdbx_number_measured_all                       ? 
_reflns.pdbx_diffrn_id                                 1 
_reflns.pdbx_ordinal                                   1 
_reflns.pdbx_CC_half                                   1.000 
_reflns.pdbx_CC_star                                   ? 
_reflns.pdbx_R_split                                   ? 
_reflns.pdbx_Rmerge_I_obs                              ? 
_reflns.pdbx_Rmerge_I_all                              ? 
_reflns.pdbx_Rsym_value                                ? 
_reflns.pdbx_CC_split_method                           ? 
_reflns.pdbx_aniso_diffraction_limit_axis_1_ortho[1]   ? 
_reflns.pdbx_aniso_diffraction_limit_axis_1_ortho[2]   ? 
_reflns.pdbx_aniso_diffraction_limit_axis_1_ortho[3]   ? 
_reflns.pdbx_aniso_diffraction_limit_axis_2_ortho[1]   ? 
_reflns.pdbx_aniso_diffraction_limit_axis_2_ortho[2]   ? 
_reflns.pdbx_aniso_diffraction_limit_axis_2_ortho[3]   ? 
_reflns.pdbx_aniso_diffraction_limit_axis_3_ortho[1]   ? 
_reflns.pdbx_aniso_diffraction_limit_axis_3_ortho[2]   ? 
_reflns.pdbx_aniso_diffraction_limit_axis_3_ortho[3]   ? 
_reflns.pdbx_aniso_diffraction_limit_1                 ? 
_reflns.pdbx_aniso_diffraction_limit_2                 ? 
_reflns.pdbx_aniso_diffraction_limit_3                 ? 
_reflns.pdbx_aniso_B_tensor_eigenvector_1_ortho[1]     ? 
_reflns.pdbx_aniso_B_tensor_eigenvector_1_ortho[2]     ? 
_reflns.pdbx_aniso_B_tensor_eigenvector_1_ortho[3]     ? 
_reflns.pdbx_aniso_B_tensor_eigenvector_2_ortho[1]     ? 
_reflns.pdbx_aniso_B_tensor_eigenvector_2_ortho[2]     ? 
_reflns.pdbx_aniso_B_tensor_eigenvector_2_ortho[3]     ? 
_reflns.pdbx_aniso_B_tensor_eigenvector_3_ortho[1]     ? 
_reflns.pdbx_aniso_B_tensor_eigenvector_3_ortho[2]     ? 
_reflns.pdbx_aniso_B_tensor_eigenvector_3_ortho[3]     ? 
_reflns.pdbx_aniso_B_tensor_eigenvalue_1               ? 
_reflns.pdbx_aniso_B_tensor_eigenvalue_2               ? 
_reflns.pdbx_aniso_B_tensor_eigenvalue_3               ? 
_reflns.pdbx_orthogonalization_convention              ? 
_reflns.pdbx_percent_possible_ellipsoidal              ? 
_reflns.pdbx_percent_possible_spherical                ? 
_reflns.pdbx_percent_possible_ellipsoidal_anomalous    ? 
_reflns.pdbx_percent_possible_spherical_anomalous      ? 
_reflns.pdbx_redundancy_anomalous                      ? 
_reflns.pdbx_CC_half_anomalous                         ? 
_reflns.pdbx_absDiff_over_sigma_anomalous              ? 
_reflns.pdbx_percent_possible_anomalous                ? 
_reflns.pdbx_observed_signal_threshold                 ? 
_reflns.pdbx_signal_type                               ? 
_reflns.pdbx_signal_details                            ? 
_reflns.pdbx_signal_software_id                        ? 
# 
loop_
_reflns_shell.d_res_high 
_reflns_shell.d_res_low 
_reflns_shell.meanI_over_sigI_all 
_reflns_shell.meanI_over_sigI_obs 
_reflns_shell.number_measured_all 
_reflns_shell.number_measured_obs 
_reflns_shell.number_possible 
_reflns_shell.number_unique_all 
_reflns_shell.number_unique_obs 
_reflns_shell.percent_possible_obs 
_reflns_shell.Rmerge_F_all 
_reflns_shell.Rmerge_F_obs 
_reflns_shell.meanI_over_sigI_gt 
_reflns_shell.meanI_over_uI_all 
_reflns_shell.meanI_over_uI_gt 
_reflns_shell.number_measured_gt 
_reflns_shell.number_unique_gt 
_reflns_shell.percent_possible_gt 
_reflns_shell.Rmerge_F_gt 
_reflns_shell.Rmerge_I_gt 
_reflns_shell.pdbx_redundancy 
_reflns_shell.pdbx_chi_squared 
_reflns_shell.pdbx_netI_over_sigmaI_all 
_reflns_shell.pdbx_netI_over_sigmaI_obs 
_reflns_shell.pdbx_Rrim_I_all 
_reflns_shell.pdbx_Rpim_I_all 
_reflns_shell.pdbx_rejects 
_reflns_shell.pdbx_ordinal 
_reflns_shell.pdbx_diffrn_id 
_reflns_shell.pdbx_CC_half 
_reflns_shell.pdbx_CC_star 
_reflns_shell.pdbx_R_split 
_reflns_shell.percent_possible_all 
_reflns_shell.Rmerge_I_all 
_reflns_shell.Rmerge_I_obs 
_reflns_shell.pdbx_Rsym_value 
_reflns_shell.pdbx_percent_possible_ellipsoidal 
_reflns_shell.pdbx_percent_possible_spherical 
_reflns_shell.pdbx_percent_possible_ellipsoidal_anomalous 
_reflns_shell.pdbx_percent_possible_spherical_anomalous 
_reflns_shell.pdbx_redundancy_anomalous 
_reflns_shell.pdbx_CC_half_anomalous 
_reflns_shell.pdbx_absDiff_over_sigma_anomalous 
_reflns_shell.pdbx_percent_possible_anomalous 
6.052  6.756  ? ? ? ? ? ? 188 ? ? ? ? ? ? ? ? ? ? ? ? ? ? ? ? ? ? 1 1 0.373 ? ? ? ? ? ? ? ? ? ? ? ? ? ? 
12.016 65.281 ? ? ? ? ? ? 187 ? ? ? ? ? ? ? ? ? ? ? ? ? ? ? ? ? ? 2 1 1.000 ? ? ? ? ? ? ? ? ? ? ? ? ? ? 
# 
_refine.aniso_B[1][1]                            ? 
_refine.aniso_B[1][2]                            ? 
_refine.aniso_B[1][3]                            ? 
_refine.aniso_B[2][2]                            ? 
_refine.aniso_B[2][3]                            ? 
_refine.aniso_B[3][3]                            ? 
_refine.B_iso_max                                ? 
_refine.B_iso_mean                               505.79 
_refine.B_iso_min                                ? 
_refine.correlation_coeff_Fo_to_Fc               ? 
_refine.correlation_coeff_Fo_to_Fc_free          ? 
_refine.details                                  ? 
_refine.diff_density_max                         ? 
_refine.diff_density_max_esd                     ? 
_refine.diff_density_min                         ? 
_refine.diff_density_min_esd                     ? 
_refine.diff_density_rms                         ? 
_refine.diff_density_rms_esd                     ? 
_refine.entry_id                                 9O8K 
_refine.pdbx_refine_id                           'X-RAY DIFFRACTION' 
_refine.ls_abs_structure_details                 ? 
_refine.ls_abs_structure_Flack                   ? 
_refine.ls_abs_structure_Flack_esd               ? 
_refine.ls_abs_structure_Rogers                  ? 
_refine.ls_abs_structure_Rogers_esd              ? 
_refine.ls_d_res_high                            6.05 
_refine.ls_d_res_low                             32.64 
_refine.ls_extinction_coef                       ? 
_refine.ls_extinction_coef_esd                   ? 
_refine.ls_extinction_expression                 ? 
_refine.ls_extinction_method                     ? 
_refine.ls_goodness_of_fit_all                   ? 
_refine.ls_goodness_of_fit_all_esd               ? 
_refine.ls_goodness_of_fit_obs                   ? 
_refine.ls_goodness_of_fit_obs_esd               ? 
_refine.ls_hydrogen_treatment                    ? 
_refine.ls_matrix_type                           ? 
_refine.ls_number_constraints                    ? 
_refine.ls_number_parameters                     ? 
_refine.ls_number_reflns_all                     ? 
_refine.ls_number_reflns_obs                     1115 
_refine.ls_number_reflns_R_free                  58 
_refine.ls_number_reflns_R_work                  1057 
_refine.ls_number_restraints                     ? 
_refine.ls_percent_reflns_obs                    82.11 
_refine.ls_percent_reflns_R_free                 5.20 
_refine.ls_R_factor_all                          ? 
_refine.ls_R_factor_obs                          0.1567 
_refine.ls_R_factor_R_free                       0.1755 
_refine.ls_R_factor_R_free_error                 ? 
_refine.ls_R_factor_R_free_error_details         ? 
_refine.ls_R_factor_R_work                       0.1562 
_refine.ls_R_Fsqd_factor_obs                     ? 
_refine.ls_R_I_factor_obs                        ? 
_refine.ls_redundancy_reflns_all                 ? 
_refine.ls_redundancy_reflns_obs                 ? 
_refine.ls_restrained_S_all                      ? 
_refine.ls_restrained_S_obs                      ? 
_refine.ls_shift_over_esd_max                    ? 
_refine.ls_shift_over_esd_mean                   ? 
_refine.ls_structure_factor_coef                 ? 
_refine.ls_weighting_details                     ? 
_refine.ls_weighting_scheme                      ? 
_refine.ls_wR_factor_all                         ? 
_refine.ls_wR_factor_obs                         ? 
_refine.ls_wR_factor_R_free                      ? 
_refine.ls_wR_factor_R_work                      ? 
_refine.occupancy_max                            ? 
_refine.occupancy_min                            ? 
_refine.solvent_model_details                    'FLAT BULK SOLVENT MODEL' 
_refine.solvent_model_param_bsol                 ? 
_refine.solvent_model_param_ksol                 ? 
_refine.correlation_coeff_I_to_Fcsqd_work        ? 
_refine.correlation_coeff_I_to_Fcsqd_free        ? 
_refine.pdbx_R_complete                          ? 
_refine.ls_R_factor_gt                           ? 
_refine.ls_goodness_of_fit_gt                    ? 
_refine.ls_goodness_of_fit_ref                   ? 
_refine.ls_shift_over_su_max                     ? 
_refine.ls_shift_over_su_max_lt                  ? 
_refine.ls_shift_over_su_mean                    ? 
_refine.ls_shift_over_su_mean_lt                 ? 
_refine.pdbx_ls_sigma_I                          ? 
_refine.pdbx_ls_sigma_F                          1.34 
_refine.pdbx_ls_sigma_Fsqd                       ? 
_refine.pdbx_data_cutoff_high_absF               ? 
_refine.pdbx_data_cutoff_high_rms_absF           ? 
_refine.pdbx_data_cutoff_low_absF                ? 
_refine.pdbx_isotropic_thermal_model             ? 
_refine.pdbx_ls_cross_valid_method               'FREE R-VALUE' 
_refine.pdbx_method_to_determine_struct          'MOLECULAR REPLACEMENT' 
_refine.pdbx_starting_model                      ? 
_refine.pdbx_stereochemistry_target_values       'GeoStd + Monomer Library + CDL v1.2' 
_refine.pdbx_R_Free_selection_details            ? 
_refine.pdbx_stereochem_target_val_spec_case     ? 
_refine.pdbx_overall_ESU_R                       ? 
_refine.pdbx_overall_ESU_R_Free                  ? 
_refine.pdbx_solvent_vdw_probe_radii             1.1000 
_refine.pdbx_solvent_ion_probe_radii             ? 
_refine.pdbx_solvent_shrinkage_radii             0.9000 
_refine.pdbx_real_space_R                        ? 
_refine.pdbx_density_correlation                 ? 
_refine.pdbx_pd_number_of_powder_patterns        ? 
_refine.pdbx_pd_number_of_points                 ? 
_refine.pdbx_pd_meas_number_of_points            ? 
_refine.pdbx_pd_proc_ls_prof_R_factor            ? 
_refine.pdbx_pd_proc_ls_prof_wR_factor           ? 
_refine.pdbx_pd_Marquardt_correlation_coeff      ? 
_refine.pdbx_pd_Fsqrd_R_factor                   ? 
_refine.pdbx_pd_ls_matrix_band_width             ? 
_refine.pdbx_overall_phase_error                 31.8642 
_refine.pdbx_overall_SU_R_free_Cruickshank_DPI   ? 
_refine.pdbx_overall_SU_R_free_Blow_DPI          ? 
_refine.pdbx_overall_SU_R_Blow_DPI               ? 
_refine.pdbx_TLS_residual_ADP_flag               ? 
_refine.pdbx_diffrn_id                           1 
_refine.overall_SU_B                             ? 
_refine.overall_SU_ML                            0.0000 
_refine.overall_SU_R_Cruickshank_DPI             ? 
_refine.overall_SU_R_free                        ? 
_refine.overall_FOM_free_R_set                   ? 
_refine.overall_FOM_work_R_set                   ? 
_refine.pdbx_average_fsc_overall                 ? 
_refine.pdbx_average_fsc_work                    ? 
_refine.pdbx_average_fsc_free                    ? 
# 
_refine_hist.pdbx_refine_id                   'X-RAY DIFFRACTION' 
_refine_hist.cycle_id                         LAST 
_refine_hist.details                          ? 
_refine_hist.d_res_high                       6.05 
_refine_hist.d_res_low                        32.64 
_refine_hist.number_atoms_solvent             0 
_refine_hist.number_atoms_total               855 
_refine_hist.number_reflns_all                ? 
_refine_hist.number_reflns_obs                ? 
_refine_hist.number_reflns_R_free             ? 
_refine_hist.number_reflns_R_work             ? 
_refine_hist.R_factor_all                     ? 
_refine_hist.R_factor_obs                     ? 
_refine_hist.R_factor_R_free                  ? 
_refine_hist.R_factor_R_work                  ? 
_refine_hist.pdbx_number_residues_total       ? 
_refine_hist.pdbx_B_iso_mean_ligand           ? 
_refine_hist.pdbx_B_iso_mean_solvent          ? 
_refine_hist.pdbx_number_atoms_protein        0 
_refine_hist.pdbx_number_atoms_nucleic_acid   855 
_refine_hist.pdbx_number_atoms_ligand         0 
_refine_hist.pdbx_number_atoms_lipid          ? 
_refine_hist.pdbx_number_atoms_carb           ? 
_refine_hist.pdbx_pseudo_atom_details         ? 
# 
loop_
_refine_ls_restr.pdbx_refine_id 
_refine_ls_restr.criterion 
_refine_ls_restr.dev_ideal 
_refine_ls_restr.dev_ideal_target 
_refine_ls_restr.number 
_refine_ls_restr.rejects 
_refine_ls_restr.type 
_refine_ls_restr.weight 
_refine_ls_restr.pdbx_Zscore 
_refine_ls_restr.pdbx_restraint_function 
'X-RAY DIFFRACTION' ? 0.0068  ? 956  ? f_bond_d           ? ? ? 
'X-RAY DIFFRACTION' ? 0.8701  ? 1467 ? f_angle_d          ? ? ? 
'X-RAY DIFFRACTION' ? 0.0491  ? 166  ? f_chiral_restr     ? ? ? 
'X-RAY DIFFRACTION' ? 0.0047  ? 42   ? f_plane_restr      ? ? ? 
'X-RAY DIFFRACTION' ? 39.2684 ? 442  ? f_dihedral_angle_d ? ? ? 
# 
_refine_ls_shell.pdbx_refine_id                      'X-RAY DIFFRACTION' 
_refine_ls_shell.d_res_high                          6.05 
_refine_ls_shell.d_res_low                           32.64 
_refine_ls_shell.number_reflns_all                   ? 
_refine_ls_shell.number_reflns_obs                   ? 
_refine_ls_shell.number_reflns_R_free                58 
_refine_ls_shell.number_reflns_R_work                1057 
_refine_ls_shell.percent_reflns_obs                  82.11 
_refine_ls_shell.percent_reflns_R_free               ? 
_refine_ls_shell.R_factor_all                        ? 
_refine_ls_shell.R_factor_obs                        ? 
_refine_ls_shell.R_factor_R_free_error               ? 
_refine_ls_shell.R_factor_R_work                     0.1562 
_refine_ls_shell.redundancy_reflns_all               ? 
_refine_ls_shell.redundancy_reflns_obs               ? 
_refine_ls_shell.wR_factor_all                       ? 
_refine_ls_shell.wR_factor_obs                       ? 
_refine_ls_shell.wR_factor_R_free                    ? 
_refine_ls_shell.wR_factor_R_work                    ? 
_refine_ls_shell.pdbx_R_complete                     ? 
_refine_ls_shell.correlation_coeff_Fo_to_Fc          ? 
_refine_ls_shell.correlation_coeff_Fo_to_Fc_free     ? 
_refine_ls_shell.correlation_coeff_I_to_Fcsqd_work   ? 
_refine_ls_shell.correlation_coeff_I_to_Fcsqd_free   ? 
_refine_ls_shell.pdbx_total_number_of_bins_used      ? 
_refine_ls_shell.pdbx_phase_error                    ? 
_refine_ls_shell.pdbx_fsc_work                       ? 
_refine_ls_shell.pdbx_fsc_free                       ? 
_refine_ls_shell.R_factor_R_free                     0.1755 
# 
_struct.entry_id                     9O8K 
_struct.title                        
'[6,8,5] Shifted tensegrity triangle with an (arm, center, arm) distribution of (6, 8, 5) base pairs, 2 nt sticky ends' 
_struct.pdbx_model_details           ? 
_struct.pdbx_formula_weight          ? 
_struct.pdbx_formula_weight_method   ? 
_struct.pdbx_model_type_details      ? 
_struct.pdbx_CASP_flag               N 
# 
_struct_keywords.entry_id        9O8K 
_struct_keywords.text            'Tensegrity Triangle, DNA' 
_struct_keywords.pdbx_keywords   DNA 
# 
loop_
_struct_asym.id 
_struct_asym.pdbx_blank_PDB_chainid_flag 
_struct_asym.pdbx_modified 
_struct_asym.entity_id 
_struct_asym.details 
A N N 1 ? 
B N N 2 ? 
C N N 3 ? 
D N N 4 ? 
# 
loop_
_struct_ref.id 
_struct_ref.db_name 
_struct_ref.db_code 
_struct_ref.pdbx_db_accession 
_struct_ref.pdbx_db_isoform 
_struct_ref.entity_id 
_struct_ref.pdbx_seq_one_letter_code 
_struct_ref.pdbx_align_begin 
1 PDB 9O8K 9O8K ? 1 ? 1 
2 PDB 9O8K 9O8K ? 2 ? 1 
3 PDB 9O8K 9O8K ? 3 ? 1 
4 PDB 9O8K 9O8K ? 4 ? 1 
# 
loop_
_struct_ref_seq.align_id 
_struct_ref_seq.ref_id 
_struct_ref_seq.pdbx_PDB_id_code 
_struct_ref_seq.pdbx_strand_id 
_struct_ref_seq.seq_align_beg 
_struct_ref_seq.pdbx_seq_align_beg_ins_code 
_struct_ref_seq.seq_align_end 
_struct_ref_seq.pdbx_seq_align_end_ins_code 
_struct_ref_seq.pdbx_db_accession 
_struct_ref_seq.db_align_beg 
_struct_ref_seq.pdbx_db_align_beg_ins_code 
_struct_ref_seq.db_align_end 
_struct_ref_seq.pdbx_db_align_end_ins_code 
_struct_ref_seq.pdbx_auth_seq_align_beg 
_struct_ref_seq.pdbx_auth_seq_align_end 
1 1 9O8K A 1 ? 9  ? 9O8K 112 ? 120 ? 112 120 
2 2 9O8K B 1 ? 8  ? 9O8K 131 ? 138 ? 131 138 
3 3 9O8K D 1 ? 13 ? 9O8K 202 ? 214 ? 202 214 
4 4 9O8K X 1 ? 12 ? 9O8K 100 ? 111 ? 100 111 
# 
_pdbx_struct_assembly.id                   1 
_pdbx_struct_assembly.details              author_defined_assembly 
_pdbx_struct_assembly.method_details       ? 
_pdbx_struct_assembly.oligomeric_details   dodecameric 
_pdbx_struct_assembly.oligomeric_count     12 
# 
loop_
_pdbx_struct_assembly_gen.assembly_id 
_pdbx_struct_assembly_gen.oper_expression 
_pdbx_struct_assembly_gen.asym_id_list 
1 1 A,B,C,D 
1 2 A,B,C,D 
1 3 A,B,C,D 
# 
_pdbx_struct_assembly_auth_evidence.id                     1 
_pdbx_struct_assembly_auth_evidence.assembly_id            1 
_pdbx_struct_assembly_auth_evidence.experimental_support   'native gel electrophoresis' 
_pdbx_struct_assembly_auth_evidence.details                ? 
# 
loop_
_pdbx_struct_oper_list.id 
_pdbx_struct_oper_list.type 
_pdbx_struct_oper_list.name 
_pdbx_struct_oper_list.symmetry_operation 
_pdbx_struct_oper_list.matrix[1][1] 
_pdbx_struct_oper_list.matrix[1][2] 
_pdbx_struct_oper_list.matrix[1][3] 
_pdbx_struct_oper_list.vector[1] 
_pdbx_struct_oper_list.matrix[2][1] 
_pdbx_struct_oper_list.matrix[2][2] 
_pdbx_struct_oper_list.matrix[2][3] 
_pdbx_struct_oper_list.vector[2] 
_pdbx_struct_oper_list.matrix[3][1] 
_pdbx_struct_oper_list.matrix[3][2] 
_pdbx_struct_oper_list.matrix[3][3] 
_pdbx_struct_oper_list.vector[3] 
1 'identity operation'         1_555 x,y,z       1.0000000000  0.0000000000 0.0000000000  0.0000000000  0.0000000000 1.0000000000 0.0000000000  0.0000000000  0.0000000000  0.0000000000  1.0000000000  0.0000000000   
2 'crystal symmetry operation' 2_565 -y,x-y+1,z  -0.4862769520 0.1239363960 0.8649708063  33.4071605535 0.1616262277 0.9855666903 -0.0503513805 -2.8270669702 -0.8587267834 0.1153172527  -0.4992897383 -17.5514210124 
3 'crystal symmetry operation' 3_455 -x+y-1,-x,z -0.4862769520 0.1616262277 -0.8587267834 1.6301850696  0.1239363960 0.9855666903 0.1153172527  0.6698816102  0.8649708063  -0.0503513805 -0.4992897383 -37.8018097299 
# 
loop_
_struct_conn.id 
_struct_conn.conn_type_id 
_struct_conn.pdbx_leaving_atom_flag 
_struct_conn.pdbx_PDB_id 
_struct_conn.ptnr1_label_asym_id 
_struct_conn.ptnr1_label_comp_id 
_struct_conn.ptnr1_label_seq_id 
_struct_conn.ptnr1_label_atom_id 
_struct_conn.pdbx_ptnr1_label_alt_id 
_struct_conn.pdbx_ptnr1_PDB_ins_code 
_struct_conn.pdbx_ptnr1_standard_comp_id 
_struct_conn.ptnr1_symmetry 
_struct_conn.ptnr2_label_asym_id 
_struct_conn.ptnr2_label_comp_id 
_struct_conn.ptnr2_label_seq_id 
_struct_conn.ptnr2_label_atom_id 
_struct_conn.pdbx_ptnr2_label_alt_id 
_struct_conn.pdbx_ptnr2_PDB_ins_code 
_struct_conn.ptnr1_auth_asym_id 
_struct_conn.ptnr1_auth_comp_id 
_struct_conn.ptnr1_auth_seq_id 
_struct_conn.ptnr2_auth_asym_id 
_struct_conn.ptnr2_auth_comp_id 
_struct_conn.ptnr2_auth_seq_id 
_struct_conn.ptnr2_symmetry 
_struct_conn.pdbx_ptnr3_label_atom_id 
_struct_conn.pdbx_ptnr3_label_seq_id 
_struct_conn.pdbx_ptnr3_label_comp_id 
_struct_conn.pdbx_ptnr3_label_asym_id 
_struct_conn.pdbx_ptnr3_label_alt_id 
_struct_conn.pdbx_ptnr3_PDB_ins_code 
_struct_conn.details 
_struct_conn.pdbx_dist_value 
_struct_conn.pdbx_value_order 
_struct_conn.pdbx_role 
hydrog1  hydrog ? ? A DA 1  N1 ? ? ? 1_555 B DT 8  N3 ? ? A DA 112 B DT 138 1_555 ? ? ? ? ? ? WATSON-CRICK ? ? ? 
hydrog2  hydrog ? ? A DA 1  N6 ? ? ? 1_555 B DT 8  O4 ? ? A DA 112 B DT 138 1_555 ? ? ? ? ? ? WATSON-CRICK ? ? ? 
hydrog3  hydrog ? ? A DC 2  N3 ? ? ? 1_555 B DG 7  N1 ? ? A DC 113 B DG 137 1_555 ? ? ? ? ? ? WATSON-CRICK ? ? ? 
hydrog4  hydrog ? ? A DC 2  N4 ? ? ? 1_555 B DG 7  O6 ? ? A DC 113 B DG 137 1_555 ? ? ? ? ? ? WATSON-CRICK ? ? ? 
hydrog5  hydrog ? ? A DC 2  O2 ? ? ? 1_555 B DG 7  N2 ? ? A DC 113 B DG 137 1_555 ? ? ? ? ? ? WATSON-CRICK ? ? ? 
hydrog6  hydrog ? ? A DG 3  N1 ? ? ? 1_555 B DC 6  N3 ? ? A DG 114 B DC 136 1_555 ? ? ? ? ? ? WATSON-CRICK ? ? ? 
hydrog7  hydrog ? ? A DG 3  N2 ? ? ? 1_555 B DC 6  O2 ? ? A DG 114 B DC 136 1_555 ? ? ? ? ? ? WATSON-CRICK ? ? ? 
hydrog8  hydrog ? ? A DG 3  O6 ? ? ? 1_555 B DC 6  N4 ? ? A DG 114 B DC 136 1_555 ? ? ? ? ? ? WATSON-CRICK ? ? ? 
hydrog9  hydrog ? ? A DG 4  N1 ? ? ? 1_555 B DC 5  N3 ? ? A DG 115 B DC 135 1_555 ? ? ? ? ? ? WATSON-CRICK ? ? ? 
hydrog10 hydrog ? ? A DG 4  N2 ? ? ? 1_555 B DC 5  O2 ? ? A DG 115 B DC 135 1_555 ? ? ? ? ? ? WATSON-CRICK ? ? ? 
hydrog11 hydrog ? ? A DG 4  O6 ? ? ? 1_555 B DC 5  N4 ? ? A DG 115 B DC 135 1_555 ? ? ? ? ? ? WATSON-CRICK ? ? ? 
hydrog12 hydrog ? ? A DA 5  N1 ? ? ? 1_555 C DT 7  N3 ? ? A DA 116 D DT 208 1_555 ? ? ? ? ? ? WATSON-CRICK ? ? ? 
hydrog13 hydrog ? ? A DA 5  N6 ? ? ? 1_555 C DT 7  O4 ? ? A DA 116 D DT 208 1_555 ? ? ? ? ? ? WATSON-CRICK ? ? ? 
hydrog14 hydrog ? ? A DC 6  N3 ? ? ? 1_555 C DG 6  N1 ? ? A DC 117 D DG 207 1_555 ? ? ? ? ? ? WATSON-CRICK ? ? ? 
hydrog15 hydrog ? ? A DC 6  N4 ? ? ? 1_555 C DG 6  O6 ? ? A DC 117 D DG 207 1_555 ? ? ? ? ? ? WATSON-CRICK ? ? ? 
hydrog16 hydrog ? ? A DC 6  O2 ? ? ? 1_555 C DG 6  N2 ? ? A DC 117 D DG 207 1_555 ? ? ? ? ? ? WATSON-CRICK ? ? ? 
hydrog17 hydrog ? ? A DA 7  N1 ? ? ? 1_555 C DT 5  N3 ? ? A DA 118 D DT 206 1_555 ? ? ? ? ? ? WATSON-CRICK ? ? ? 
hydrog18 hydrog ? ? A DA 7  N6 ? ? ? 1_555 C DT 5  O4 ? ? A DA 118 D DT 206 1_555 ? ? ? ? ? ? WATSON-CRICK ? ? ? 
hydrog19 hydrog ? ? A DT 8  N3 ? ? ? 1_555 C DA 4  N1 ? ? A DT 119 D DA 205 1_555 ? ? ? ? ? ? WATSON-CRICK ? ? ? 
hydrog20 hydrog ? ? A DT 8  O4 ? ? ? 1_555 C DA 4  N6 ? ? A DT 119 D DA 205 1_555 ? ? ? ? ? ? WATSON-CRICK ? ? ? 
hydrog21 hydrog ? ? A DA 9  N1 ? ? ? 1_555 C DT 3  N3 ? ? A DA 120 D DT 204 1_555 ? ? ? ? ? ? WATSON-CRICK ? ? ? 
hydrog22 hydrog ? ? A DA 9  N6 ? ? ? 1_555 C DT 3  O4 ? ? A DA 120 D DT 204 1_555 ? ? ? ? ? ? WATSON-CRICK ? ? ? 
hydrog23 hydrog ? ? B DC 1  N3 ? ? ? 1_555 D DG 12 N1 ? ? B DC 131 X DG 111 1_555 ? ? ? ? ? ? WATSON-CRICK ? ? ? 
hydrog24 hydrog ? ? B DC 1  N4 ? ? ? 1_555 D DG 12 O6 ? ? B DC 131 X DG 111 1_555 ? ? ? ? ? ? WATSON-CRICK ? ? ? 
hydrog25 hydrog ? ? B DC 1  O2 ? ? ? 1_555 D DG 12 N2 ? ? B DC 131 X DG 111 1_555 ? ? ? ? ? ? WATSON-CRICK ? ? ? 
hydrog26 hydrog ? ? B DA 2  N1 ? ? ? 1_555 D DT 11 N3 ? ? B DA 132 X DT 110 1_555 ? ? ? ? ? ? WATSON-CRICK ? ? ? 
hydrog27 hydrog ? ? B DA 2  N6 ? ? ? 1_555 D DT 11 O4 ? ? B DA 132 X DT 110 1_555 ? ? ? ? ? ? WATSON-CRICK ? ? ? 
hydrog28 hydrog ? ? B DC 3  N3 ? ? ? 1_555 D DG 10 N1 ? ? B DC 133 X DG 109 1_555 ? ? ? ? ? ? WATSON-CRICK ? ? ? 
hydrog29 hydrog ? ? B DC 3  N4 ? ? ? 1_555 D DG 10 O6 ? ? B DC 133 X DG 109 1_555 ? ? ? ? ? ? WATSON-CRICK ? ? ? 
hydrog30 hydrog ? ? B DC 3  O2 ? ? ? 1_555 D DG 10 N2 ? ? B DC 133 X DG 109 1_555 ? ? ? ? ? ? WATSON-CRICK ? ? ? 
hydrog31 hydrog ? ? B DA 4  N1 ? ? ? 1_555 D DT 9  N3 ? ? B DA 134 X DT 108 1_555 ? ? ? ? ? ? WATSON-CRICK ? ? ? 
hydrog32 hydrog ? ? B DA 4  N6 ? ? ? 1_555 D DT 9  O4 ? ? B DA 134 X DT 108 1_555 ? ? ? ? ? ? WATSON-CRICK ? ? ? 
hydrog33 hydrog ? ? C DG 8  N1 ? ? ? 1_555 D DC 8  O2 ? ? D DG 209 X DC 107 1_555 ? ? ? ? ? ? 'DG-DC PAIR' ? ? ? 
hydrog34 hydrog ? ? C DG 9  N1 ? ? ? 1_555 D DC 7  N3 ? ? D DG 210 X DC 106 1_555 ? ? ? ? ? ? WATSON-CRICK ? ? ? 
hydrog35 hydrog ? ? C DG 9  N2 ? ? ? 1_555 D DC 7  O2 ? ? D DG 210 X DC 106 1_555 ? ? ? ? ? ? WATSON-CRICK ? ? ? 
hydrog36 hydrog ? ? C DG 9  O6 ? ? ? 1_555 D DC 7  N4 ? ? D DG 210 X DC 106 1_555 ? ? ? ? ? ? WATSON-CRICK ? ? ? 
hydrog37 hydrog ? ? C DC 10 N3 ? ? ? 1_555 D DG 6  N1 ? ? D DC 211 X DG 105 1_555 ? ? ? ? ? ? WATSON-CRICK ? ? ? 
hydrog38 hydrog ? ? C DC 10 N4 ? ? ? 1_555 D DG 6  O6 ? ? D DC 211 X DG 105 1_555 ? ? ? ? ? ? WATSON-CRICK ? ? ? 
hydrog39 hydrog ? ? C DC 10 O2 ? ? ? 1_555 D DG 6  N2 ? ? D DC 211 X DG 105 1_555 ? ? ? ? ? ? WATSON-CRICK ? ? ? 
hydrog40 hydrog ? ? C DT 11 N3 ? ? ? 1_555 D DA 5  N1 ? ? D DT 212 X DA 104 1_555 ? ? ? ? ? ? WATSON-CRICK ? ? ? 
hydrog41 hydrog ? ? C DT 11 O4 ? ? ? 1_555 D DA 5  N6 ? ? D DT 212 X DA 104 1_555 ? ? ? ? ? ? WATSON-CRICK ? ? ? 
hydrog42 hydrog ? ? C DG 12 N1 ? ? ? 1_555 D DC 4  N3 ? ? D DG 213 X DC 103 1_555 ? ? ? ? ? ? WATSON-CRICK ? ? ? 
hydrog43 hydrog ? ? C DG 12 N2 ? ? ? 1_555 D DC 4  O2 ? ? D DG 213 X DC 103 1_555 ? ? ? ? ? ? WATSON-CRICK ? ? ? 
hydrog44 hydrog ? ? C DG 12 O6 ? ? ? 1_555 D DC 4  N4 ? ? D DG 213 X DC 103 1_555 ? ? ? ? ? ? WATSON-CRICK ? ? ? 
hydrog45 hydrog ? ? C DC 13 N4 ? ? ? 1_555 D DG 3  O6 ? ? D DC 214 X DG 102 1_555 ? ? ? ? ? ? 'DC-DG PAIR' ? ? ? 
# 
_struct_conn_type.id          hydrog 
_struct_conn_type.criteria    ? 
_struct_conn_type.reference   ? 
# 
_pdbx_entry_details.entry_id                   9O8K 
_pdbx_entry_details.compound_details           ? 
_pdbx_entry_details.source_details             ? 
_pdbx_entry_details.nonpolymer_details         ? 
_pdbx_entry_details.sequence_details           ? 
_pdbx_entry_details.has_ligand_of_interest     ? 
_pdbx_entry_details.has_protein_modification   N 
# 
loop_
_pdbx_validate_rmsd_angle.id 
_pdbx_validate_rmsd_angle.PDB_model_num 
_pdbx_validate_rmsd_angle.auth_atom_id_1 
_pdbx_validate_rmsd_angle.auth_asym_id_1 
_pdbx_validate_rmsd_angle.auth_comp_id_1 
_pdbx_validate_rmsd_angle.auth_seq_id_1 
_pdbx_validate_rmsd_angle.PDB_ins_code_1 
_pdbx_validate_rmsd_angle.label_alt_id_1 
_pdbx_validate_rmsd_angle.auth_atom_id_2 
_pdbx_validate_rmsd_angle.auth_asym_id_2 
_pdbx_validate_rmsd_angle.auth_comp_id_2 
_pdbx_validate_rmsd_angle.auth_seq_id_2 
_pdbx_validate_rmsd_angle.PDB_ins_code_2 
_pdbx_validate_rmsd_angle.label_alt_id_2 
_pdbx_validate_rmsd_angle.auth_atom_id_3 
_pdbx_validate_rmsd_angle.auth_asym_id_3 
_pdbx_validate_rmsd_angle.auth_comp_id_3 
_pdbx_validate_rmsd_angle.auth_seq_id_3 
_pdbx_validate_rmsd_angle.PDB_ins_code_3 
_pdbx_validate_rmsd_angle.label_alt_id_3 
_pdbx_validate_rmsd_angle.angle_value 
_pdbx_validate_rmsd_angle.angle_target_value 
_pdbx_validate_rmsd_angle.angle_deviation 
_pdbx_validate_rmsd_angle.angle_standard_deviation 
_pdbx_validate_rmsd_angle.linker_flag 
1 1 "O4'" A DG 115 ? ? "C1'" A DG 115 ? ? N9 A DG 115 ? ? 110.41 108.30 2.11 0.30 N 
2 1 "O4'" X DA 101 ? ? "C1'" X DA 101 ? ? N9 X DA 101 ? ? 110.25 108.30 1.95 0.30 N 
3 1 "O4'" X DG 102 ? ? "C1'" X DG 102 ? ? N9 X DG 102 ? ? 110.38 108.30 2.08 0.30 N 
4 1 "O4'" X DC 106 ? ? "C1'" X DC 106 ? ? N1 X DC 106 ? ? 110.45 108.30 2.15 0.30 N 
5 1 "O4'" X DC 107 ? ? "C1'" X DC 107 ? ? N1 X DC 107 ? ? 111.19 108.30 2.89 0.30 N 
# 
loop_
_space_group_symop.id 
_space_group_symop.operation_xyz 
1 x,y,z        
2 x-y,x,z+1/2  
3 y,-x+y,z+1/2 
4 -y,x-y,z     
5 -x+y,-x,z    
6 -x,-y,z+1/2  
# 
loop_
_pdbx_refine_tls.id 
_pdbx_refine_tls.pdbx_refine_id 
_pdbx_refine_tls.details 
_pdbx_refine_tls.method 
_pdbx_refine_tls.origin_x 
_pdbx_refine_tls.origin_y 
_pdbx_refine_tls.origin_z 
_pdbx_refine_tls.T[1][1] 
_pdbx_refine_tls.T[1][1]_esd 
_pdbx_refine_tls.T[1][2] 
_pdbx_refine_tls.T[1][2]_esd 
_pdbx_refine_tls.T[1][3] 
_pdbx_refine_tls.T[1][3]_esd 
_pdbx_refine_tls.T[2][2] 
_pdbx_refine_tls.T[2][2]_esd 
_pdbx_refine_tls.T[2][3] 
_pdbx_refine_tls.T[2][3]_esd 
_pdbx_refine_tls.T[3][3] 
_pdbx_refine_tls.T[3][3]_esd 
_pdbx_refine_tls.L[1][1] 
_pdbx_refine_tls.L[1][1]_esd 
_pdbx_refine_tls.L[1][2] 
_pdbx_refine_tls.L[1][2]_esd 
_pdbx_refine_tls.L[1][3] 
_pdbx_refine_tls.L[1][3]_esd 
_pdbx_refine_tls.L[2][2] 
_pdbx_refine_tls.L[2][2]_esd 
_pdbx_refine_tls.L[2][3] 
_pdbx_refine_tls.L[2][3]_esd 
_pdbx_refine_tls.L[3][3] 
_pdbx_refine_tls.L[3][3]_esd 
_pdbx_refine_tls.S[1][1] 
_pdbx_refine_tls.S[1][1]_esd 
_pdbx_refine_tls.S[1][2] 
_pdbx_refine_tls.S[1][2]_esd 
_pdbx_refine_tls.S[1][3] 
_pdbx_refine_tls.S[1][3]_esd 
_pdbx_refine_tls.S[2][1] 
_pdbx_refine_tls.S[2][1]_esd 
_pdbx_refine_tls.S[2][2] 
_pdbx_refine_tls.S[2][2]_esd 
_pdbx_refine_tls.S[2][3] 
_pdbx_refine_tls.S[2][3]_esd 
_pdbx_refine_tls.S[3][1] 
_pdbx_refine_tls.S[3][1]_esd 
_pdbx_refine_tls.S[3][2] 
_pdbx_refine_tls.S[3][2]_esd 
_pdbx_refine_tls.S[3][3] 
_pdbx_refine_tls.S[3][3]_esd 
1 'X-RAY DIFFRACTION' ? refined -4.1452793172 7.012770003   -6.9688543970  6.93057471053  ? -0.43398328417  ? 0.225996737569 ? 3.97179841038  ? 1.83932929526   ? 3.73834049847 ? 5.84568194376  ? 0.38781054920  ? 2.2897436488    ? 0.222812944615 ? 0.239311771078  ? 0.886161689679 ? -2.23116224000  ? -3.523071702244 ? -3.88646665041 ? -8.03984753259  ? 0.67897904382  ? -0.31799068450  ? 0.07438467998   ? 2.75962386141  ? 2.636034302447  ? 
2 'X-RAY DIFFRACTION' ? refined 2.0586706715  1.1386236341  -8.50902642645 -2.06380812063 ? -3.60896235941  ? 4.20283356273  ? 8.258219237207 ? -4.248778248715 ? 7.65862876864 ? 2.542454219132 ? 3.729518202134 ? -2.742263787967 ? 5.61716486314  ? -3.98920391487  ? 2.99914425638  ? 0.31291006557   ? 0.84140663953   ? 1.280332679068 ? 1.854667129624  ? 0.204869231881 ? -2.144760471576 ? -0.270969672165 ? 0.10850659651  ? 1.415380740127  ? 
3 'X-RAY DIFFRACTION' ? refined -1.2234752651 1.0985697364  4.80139471558  5.4608967962   ? -1.381965946532 ? 1.745588846346 ? 3.68664244263  ? 0.26927836411   ? 4.4042142972  ? 2.34459391026  ? -1.64948919644 ? 1.992279831775  ? 5.93632483871  ? 2.50246646828   ? 5.97890686272  ? -2.360953678226 ? -4.74396382775  ? 2.28457690356  ? -6.531589751704 ? 1.90903655159  ? 0.637363641     ? 0.05409357143   ? 4.77785227207  ? -1.120012615618 ? 
4 'X-RAY DIFFRACTION' ? refined 3.2369683239  -7.2236348635 5.5954681884   4.56074430684  ? -2.021905796308 ? -1.44689306247 ? 9.4744128687   ? 0.45790604743   ? 4.72065701197 ? 6.13352293814  ? -1.10797485373 ? -2.8079488140   ? 7.28034834538  ? -0.474795071048 ? 1.44950782869  ? 3.54925986720   ? -2.32510950255  ? -3.81821895545 ? 0.836350920146  ? -4.4090472799  ? -1.420104776203 ? 0.486346558789  ? -1.16748892838 ? 2.00705213513   ? 
# 
loop_
_pdbx_refine_tls_group.id 
_pdbx_refine_tls_group.pdbx_refine_id 
_pdbx_refine_tls_group.refine_tls_id 
_pdbx_refine_tls_group.beg_label_asym_id 
_pdbx_refine_tls_group.beg_label_seq_id 
_pdbx_refine_tls_group.beg_auth_asym_id 
_pdbx_refine_tls_group.beg_auth_seq_id 
_pdbx_refine_tls_group.beg_PDB_ins_code 
_pdbx_refine_tls_group.end_label_asym_id 
_pdbx_refine_tls_group.end_label_seq_id 
_pdbx_refine_tls_group.end_auth_asym_id 
_pdbx_refine_tls_group.end_auth_seq_id 
_pdbx_refine_tls_group.end_PDB_ins_code 
_pdbx_refine_tls_group.selection 
_pdbx_refine_tls_group.selection_details 
1 'X-RAY DIFFRACTION' 1 A ? A 112 ? A ? A 120 ? ? 
;chain 'A' and (resid 112 through 120 )
;
2 'X-RAY DIFFRACTION' 2 B ? B 131 ? B ? B 138 ? ? 
;chain 'B' and (resid 131 through 138 )
;
3 'X-RAY DIFFRACTION' 3 C ? D 202 ? C ? D 214 ? ? 
;chain 'D' and (resid 202 through 214 )
;
4 'X-RAY DIFFRACTION' 4 D ? X 100 ? D ? X 111 ? ? 
;chain 'X' and (resid 100 through 111 )
;
# 
loop_
_chem_comp_atom.comp_id 
_chem_comp_atom.atom_id 
_chem_comp_atom.type_symbol 
_chem_comp_atom.pdbx_aromatic_flag 
_chem_comp_atom.pdbx_stereo_config 
_chem_comp_atom.pdbx_ordinal 
DA OP3    O N N 1   
DA P      P N N 2   
DA OP1    O N N 3   
DA OP2    O N N 4   
DA "O5'"  O N N 5   
DA "C5'"  C N N 6   
DA "C4'"  C N R 7   
DA "O4'"  O N N 8   
DA "C3'"  C N S 9   
DA "O3'"  O N N 10  
DA "C2'"  C N N 11  
DA "C1'"  C N R 12  
DA N9     N Y N 13  
DA C8     C Y N 14  
DA N7     N Y N 15  
DA C5     C Y N 16  
DA C6     C Y N 17  
DA N6     N N N 18  
DA N1     N Y N 19  
DA C2     C Y N 20  
DA N3     N Y N 21  
DA C4     C Y N 22  
DA HOP3   H N N 23  
DA HOP2   H N N 24  
DA "H5'"  H N N 25  
DA "H5''" H N N 26  
DA "H4'"  H N N 27  
DA "H3'"  H N N 28  
DA "HO3'" H N N 29  
DA "H2'"  H N N 30  
DA "H2''" H N N 31  
DA "H1'"  H N N 32  
DA H8     H N N 33  
DA H61    H N N 34  
DA H62    H N N 35  
DA H2     H N N 36  
DC OP3    O N N 37  
DC P      P N N 38  
DC OP1    O N N 39  
DC OP2    O N N 40  
DC "O5'"  O N N 41  
DC "C5'"  C N N 42  
DC "C4'"  C N R 43  
DC "O4'"  O N N 44  
DC "C3'"  C N S 45  
DC "O3'"  O N N 46  
DC "C2'"  C N N 47  
DC "C1'"  C N R 48  
DC N1     N N N 49  
DC C2     C N N 50  
DC O2     O N N 51  
DC N3     N N N 52  
DC C4     C N N 53  
DC N4     N N N 54  
DC C5     C N N 55  
DC C6     C N N 56  
DC HOP3   H N N 57  
DC HOP2   H N N 58  
DC "H5'"  H N N 59  
DC "H5''" H N N 60  
DC "H4'"  H N N 61  
DC "H3'"  H N N 62  
DC "HO3'" H N N 63  
DC "H2'"  H N N 64  
DC "H2''" H N N 65  
DC "H1'"  H N N 66  
DC H41    H N N 67  
DC H42    H N N 68  
DC H5     H N N 69  
DC H6     H N N 70  
DG OP3    O N N 71  
DG P      P N N 72  
DG OP1    O N N 73  
DG OP2    O N N 74  
DG "O5'"  O N N 75  
DG "C5'"  C N N 76  
DG "C4'"  C N R 77  
DG "O4'"  O N N 78  
DG "C3'"  C N S 79  
DG "O3'"  O N N 80  
DG "C2'"  C N N 81  
DG "C1'"  C N R 82  
DG N9     N Y N 83  
DG C8     C Y N 84  
DG N7     N Y N 85  
DG C5     C Y N 86  
DG C6     C N N 87  
DG O6     O N N 88  
DG N1     N N N 89  
DG C2     C N N 90  
DG N2     N N N 91  
DG N3     N N N 92  
DG C4     C Y N 93  
DG HOP3   H N N 94  
DG HOP2   H N N 95  
DG "H5'"  H N N 96  
DG "H5''" H N N 97  
DG "H4'"  H N N 98  
DG "H3'"  H N N 99  
DG "HO3'" H N N 100 
DG "H2'"  H N N 101 
DG "H2''" H N N 102 
DG "H1'"  H N N 103 
DG H8     H N N 104 
DG H1     H N N 105 
DG H21    H N N 106 
DG H22    H N N 107 
DT OP3    O N N 108 
DT P      P N N 109 
DT OP1    O N N 110 
DT OP2    O N N 111 
DT "O5'"  O N N 112 
DT "C5'"  C N N 113 
DT "C4'"  C N R 114 
DT "O4'"  O N N 115 
DT "C3'"  C N S 116 
DT "O3'"  O N N 117 
DT "C2'"  C N N 118 
DT "C1'"  C N R 119 
DT N1     N N N 120 
DT C2     C N N 121 
DT O2     O N N 122 
DT N3     N N N 123 
DT C4     C N N 124 
DT O4     O N N 125 
DT C5     C N N 126 
DT C7     C N N 127 
DT C6     C N N 128 
DT HOP3   H N N 129 
DT HOP2   H N N 130 
DT "H5'"  H N N 131 
DT "H5''" H N N 132 
DT "H4'"  H N N 133 
DT "H3'"  H N N 134 
DT "HO3'" H N N 135 
DT "H2'"  H N N 136 
DT "H2''" H N N 137 
DT "H1'"  H N N 138 
DT H3     H N N 139 
DT H71    H N N 140 
DT H72    H N N 141 
DT H73    H N N 142 
DT H6     H N N 143 
# 
loop_
_chem_comp_bond.comp_id 
_chem_comp_bond.atom_id_1 
_chem_comp_bond.atom_id_2 
_chem_comp_bond.value_order 
_chem_comp_bond.pdbx_aromatic_flag 
_chem_comp_bond.pdbx_stereo_config 
_chem_comp_bond.pdbx_ordinal 
DA OP3   P      sing N N 1   
DA OP3   HOP3   sing N N 2   
DA P     OP1    doub N N 3   
DA P     OP2    sing N N 4   
DA P     "O5'"  sing N N 5   
DA OP2   HOP2   sing N N 6   
DA "O5'" "C5'"  sing N N 7   
DA "C5'" "C4'"  sing N N 8   
DA "C5'" "H5'"  sing N N 9   
DA "C5'" "H5''" sing N N 10  
DA "C4'" "O4'"  sing N N 11  
DA "C4'" "C3'"  sing N N 12  
DA "C4'" "H4'"  sing N N 13  
DA "O4'" "C1'"  sing N N 14  
DA "C3'" "O3'"  sing N N 15  
DA "C3'" "C2'"  sing N N 16  
DA "C3'" "H3'"  sing N N 17  
DA "O3'" "HO3'" sing N N 18  
DA "C2'" "C1'"  sing N N 19  
DA "C2'" "H2'"  sing N N 20  
DA "C2'" "H2''" sing N N 21  
DA "C1'" N9     sing N N 22  
DA "C1'" "H1'"  sing N N 23  
DA N9    C8     sing Y N 24  
DA N9    C4     sing Y N 25  
DA C8    N7     doub Y N 26  
DA C8    H8     sing N N 27  
DA N7    C5     sing Y N 28  
DA C5    C6     sing Y N 29  
DA C5    C4     doub Y N 30  
DA C6    N6     sing N N 31  
DA C6    N1     doub Y N 32  
DA N6    H61    sing N N 33  
DA N6    H62    sing N N 34  
DA N1    C2     sing Y N 35  
DA C2    N3     doub Y N 36  
DA C2    H2     sing N N 37  
DA N3    C4     sing Y N 38  
DC OP3   P      sing N N 39  
DC OP3   HOP3   sing N N 40  
DC P     OP1    doub N N 41  
DC P     OP2    sing N N 42  
DC P     "O5'"  sing N N 43  
DC OP2   HOP2   sing N N 44  
DC "O5'" "C5'"  sing N N 45  
DC "C5'" "C4'"  sing N N 46  
DC "C5'" "H5'"  sing N N 47  
DC "C5'" "H5''" sing N N 48  
DC "C4'" "O4'"  sing N N 49  
DC "C4'" "C3'"  sing N N 50  
DC "C4'" "H4'"  sing N N 51  
DC "O4'" "C1'"  sing N N 52  
DC "C3'" "O3'"  sing N N 53  
DC "C3'" "C2'"  sing N N 54  
DC "C3'" "H3'"  sing N N 55  
DC "O3'" "HO3'" sing N N 56  
DC "C2'" "C1'"  sing N N 57  
DC "C2'" "H2'"  sing N N 58  
DC "C2'" "H2''" sing N N 59  
DC "C1'" N1     sing N N 60  
DC "C1'" "H1'"  sing N N 61  
DC N1    C2     sing N N 62  
DC N1    C6     sing N N 63  
DC C2    O2     doub N N 64  
DC C2    N3     sing N N 65  
DC N3    C4     doub N N 66  
DC C4    N4     sing N N 67  
DC C4    C5     sing N N 68  
DC N4    H41    sing N N 69  
DC N4    H42    sing N N 70  
DC C5    C6     doub N N 71  
DC C5    H5     sing N N 72  
DC C6    H6     sing N N 73  
DG OP3   P      sing N N 74  
DG OP3   HOP3   sing N N 75  
DG P     OP1    doub N N 76  
DG P     OP2    sing N N 77  
DG P     "O5'"  sing N N 78  
DG OP2   HOP2   sing N N 79  
DG "O5'" "C5'"  sing N N 80  
DG "C5'" "C4'"  sing N N 81  
DG "C5'" "H5'"  sing N N 82  
DG "C5'" "H5''" sing N N 83  
DG "C4'" "O4'"  sing N N 84  
DG "C4'" "C3'"  sing N N 85  
DG "C4'" "H4'"  sing N N 86  
DG "O4'" "C1'"  sing N N 87  
DG "C3'" "O3'"  sing N N 88  
DG "C3'" "C2'"  sing N N 89  
DG "C3'" "H3'"  sing N N 90  
DG "O3'" "HO3'" sing N N 91  
DG "C2'" "C1'"  sing N N 92  
DG "C2'" "H2'"  sing N N 93  
DG "C2'" "H2''" sing N N 94  
DG "C1'" N9     sing N N 95  
DG "C1'" "H1'"  sing N N 96  
DG N9    C8     sing Y N 97  
DG N9    C4     sing Y N 98  
DG C8    N7     doub Y N 99  
DG C8    H8     sing N N 100 
DG N7    C5     sing Y N 101 
DG C5    C6     sing N N 102 
DG C5    C4     doub Y N 103 
DG C6    O6     doub N N 104 
DG C6    N1     sing N N 105 
DG N1    C2     sing N N 106 
DG N1    H1     sing N N 107 
DG C2    N2     sing N N 108 
DG C2    N3     doub N N 109 
DG N2    H21    sing N N 110 
DG N2    H22    sing N N 111 
DG N3    C4     sing N N 112 
DT OP3   P      sing N N 113 
DT OP3   HOP3   sing N N 114 
DT P     OP1    doub N N 115 
DT P     OP2    sing N N 116 
DT P     "O5'"  sing N N 117 
DT OP2   HOP2   sing N N 118 
DT "O5'" "C5'"  sing N N 119 
DT "C5'" "C4'"  sing N N 120 
DT "C5'" "H5'"  sing N N 121 
DT "C5'" "H5''" sing N N 122 
DT "C4'" "O4'"  sing N N 123 
DT "C4'" "C3'"  sing N N 124 
DT "C4'" "H4'"  sing N N 125 
DT "O4'" "C1'"  sing N N 126 
DT "C3'" "O3'"  sing N N 127 
DT "C3'" "C2'"  sing N N 128 
DT "C3'" "H3'"  sing N N 129 
DT "O3'" "HO3'" sing N N 130 
DT "C2'" "C1'"  sing N N 131 
DT "C2'" "H2'"  sing N N 132 
DT "C2'" "H2''" sing N N 133 
DT "C1'" N1     sing N N 134 
DT "C1'" "H1'"  sing N N 135 
DT N1    C2     sing N N 136 
DT N1    C6     sing N N 137 
DT C2    O2     doub N N 138 
DT C2    N3     sing N N 139 
DT N3    C4     sing N N 140 
DT N3    H3     sing N N 141 
DT C4    O4     doub N N 142 
DT C4    C5     sing N N 143 
DT C5    C7     sing N N 144 
DT C5    C6     doub N N 145 
DT C7    H71    sing N N 146 
DT C7    H72    sing N N 147 
DT C7    H73    sing N N 148 
DT C6    H6     sing N N 149 
# 
loop_
_ndb_struct_conf_na.entry_id 
_ndb_struct_conf_na.feature 
9O8K 'double helix'        
9O8K 'b-form double helix' 
# 
loop_
_ndb_struct_na_base_pair.model_number 
_ndb_struct_na_base_pair.i_label_asym_id 
_ndb_struct_na_base_pair.i_label_comp_id 
_ndb_struct_na_base_pair.i_label_seq_id 
_ndb_struct_na_base_pair.i_symmetry 
_ndb_struct_na_base_pair.j_label_asym_id 
_ndb_struct_na_base_pair.j_label_comp_id 
_ndb_struct_na_base_pair.j_label_seq_id 
_ndb_struct_na_base_pair.j_symmetry 
_ndb_struct_na_base_pair.shear 
_ndb_struct_na_base_pair.stretch 
_ndb_struct_na_base_pair.stagger 
_ndb_struct_na_base_pair.buckle 
_ndb_struct_na_base_pair.propeller 
_ndb_struct_na_base_pair.opening 
_ndb_struct_na_base_pair.pair_number 
_ndb_struct_na_base_pair.pair_name 
_ndb_struct_na_base_pair.i_auth_asym_id 
_ndb_struct_na_base_pair.i_auth_seq_id 
_ndb_struct_na_base_pair.i_PDB_ins_code 
_ndb_struct_na_base_pair.j_auth_asym_id 
_ndb_struct_na_base_pair.j_auth_seq_id 
_ndb_struct_na_base_pair.j_PDB_ins_code 
_ndb_struct_na_base_pair.hbond_type_28 
_ndb_struct_na_base_pair.hbond_type_12 
1 A DA 1  1_555 B DT 8  1_555 0.058  -0.155 0.175  0.856   -5.572  4.235   1  A_DA112:DT138_B A 112 ? B 138 ? 20 1 
1 A DC 2  1_555 B DG 7  1_555 0.165  -0.144 0.170  -3.405  -5.957  -0.213  2  A_DC113:DG137_B A 113 ? B 137 ? 19 1 
1 A DG 3  1_555 B DC 6  1_555 -0.099 -0.122 -0.302 -3.343  -2.429  -4.753  3  A_DG114:DC136_B A 114 ? B 136 ? 19 1 
1 A DG 4  1_555 B DC 5  1_555 -0.091 -0.191 -0.400 3.590   -2.467  0.665   4  A_DG115:DC135_B A 115 ? B 135 ? 19 1 
1 A DA 5  1_555 C DT 7  1_555 0.559  0.115  0.272  -1.374  -13.115 -24.571 5  A_DA116:DT208_D A 116 ? D 208 ? 20 1 
1 A DC 6  1_555 C DG 6  1_555 0.256  -0.111 0.199  -1.885  -2.620  1.207   6  A_DC117:DG207_D A 117 ? D 207 ? 19 1 
1 A DA 7  1_555 C DT 5  1_555 0.032  -0.129 -0.343 -6.355  -3.796  5.652   7  A_DA118:DT206_D A 118 ? D 206 ? 20 1 
1 A DT 8  1_555 C DA 4  1_555 -0.061 -0.142 -0.122 -0.098  -2.867  5.505   8  A_DT119:DA205_D A 119 ? D 205 ? 20 1 
1 A DA 9  1_555 C DT 3  1_555 0.079  -0.085 0.226  1.268   -2.361  0.669   9  A_DA120:DT204_D A 120 ? D 204 ? 20 1 
1 B DC 1  1_555 D DG 12 1_555 0.123  -0.096 0.166  -3.263  -3.712  -3.160  10 B_DC131:DG111_X B 131 ? X 111 ? 19 1 
1 B DA 2  1_555 D DT 11 1_555 0.073  -0.153 0.002  -6.583  -4.023  -0.744  11 B_DA132:DT110_X B 132 ? X 110 ? 20 1 
1 B DC 3  1_555 D DG 10 1_555 0.273  -0.156 0.163  -1.526  1.067   1.499   12 B_DC133:DG109_X B 133 ? X 109 ? 19 1 
1 B DA 4  1_555 D DT 9  1_555 0.924  -0.260 0.527  5.784   -0.208  -7.855  13 B_DA134:DT108_X B 134 ? X 108 ? 20 1 
1 C DG 8  1_555 D DC 8  1_555 -2.763 -0.104 -0.625 -9.077  -8.367  12.911  14 D_DG209:DC107_X D 209 ? X 107 ? ?  1 
1 C DG 9  1_555 D DC 7  1_555 -0.286 -0.171 -0.468 -5.112  -3.915  2.318   15 D_DG210:DC106_X D 210 ? X 106 ? 19 1 
1 C DC 10 1_555 D DG 6  1_555 0.176  -0.121 -0.124 3.900   -6.750  -2.286  16 D_DC211:DG105_X D 211 ? X 105 ? 19 1 
1 C DT 11 1_555 D DA 5  1_555 -0.077 -0.013 0.106  3.493   -8.020  -8.917  17 D_DT212:DA104_X D 212 ? X 104 ? 20 1 
1 C DG 12 1_555 D DC 4  1_555 -0.232 -0.144 0.033  2.528   -11.593 1.814   18 D_DG213:DC103_X D 213 ? X 103 ? 19 1 
1 C DC 13 1_555 D DG 3  1_555 1.902  0.047  0.053  -18.980 -16.747 -7.865  19 D_DC214:DG102_X D 214 ? X 102 ? ?  1 
# 
loop_
_ndb_struct_na_base_pair_step.model_number 
_ndb_struct_na_base_pair_step.i_label_asym_id_1 
_ndb_struct_na_base_pair_step.i_label_comp_id_1 
_ndb_struct_na_base_pair_step.i_label_seq_id_1 
_ndb_struct_na_base_pair_step.i_symmetry_1 
_ndb_struct_na_base_pair_step.j_label_asym_id_1 
_ndb_struct_na_base_pair_step.j_label_comp_id_1 
_ndb_struct_na_base_pair_step.j_label_seq_id_1 
_ndb_struct_na_base_pair_step.j_symmetry_1 
_ndb_struct_na_base_pair_step.i_label_asym_id_2 
_ndb_struct_na_base_pair_step.i_label_comp_id_2 
_ndb_struct_na_base_pair_step.i_label_seq_id_2 
_ndb_struct_na_base_pair_step.i_symmetry_2 
_ndb_struct_na_base_pair_step.j_label_asym_id_2 
_ndb_struct_na_base_pair_step.j_label_comp_id_2 
_ndb_struct_na_base_pair_step.j_label_seq_id_2 
_ndb_struct_na_base_pair_step.j_symmetry_2 
_ndb_struct_na_base_pair_step.shift 
_ndb_struct_na_base_pair_step.slide 
_ndb_struct_na_base_pair_step.rise 
_ndb_struct_na_base_pair_step.tilt 
_ndb_struct_na_base_pair_step.roll 
_ndb_struct_na_base_pair_step.twist 
_ndb_struct_na_base_pair_step.x_displacement 
_ndb_struct_na_base_pair_step.y_displacement 
_ndb_struct_na_base_pair_step.helical_rise 
_ndb_struct_na_base_pair_step.inclination 
_ndb_struct_na_base_pair_step.tip 
_ndb_struct_na_base_pair_step.helical_twist 
_ndb_struct_na_base_pair_step.step_number 
_ndb_struct_na_base_pair_step.step_name 
_ndb_struct_na_base_pair_step.i_auth_asym_id_1 
_ndb_struct_na_base_pair_step.i_auth_seq_id_1 
_ndb_struct_na_base_pair_step.i_PDB_ins_code_1 
_ndb_struct_na_base_pair_step.j_auth_asym_id_1 
_ndb_struct_na_base_pair_step.j_auth_seq_id_1 
_ndb_struct_na_base_pair_step.j_PDB_ins_code_1 
_ndb_struct_na_base_pair_step.i_auth_asym_id_2 
_ndb_struct_na_base_pair_step.i_auth_seq_id_2 
_ndb_struct_na_base_pair_step.i_PDB_ins_code_2 
_ndb_struct_na_base_pair_step.j_auth_asym_id_2 
_ndb_struct_na_base_pair_step.j_auth_seq_id_2 
_ndb_struct_na_base_pair_step.j_PDB_ins_code_2 
1 A DA 1  1_555 B DT 8  1_555 A DC 2  1_555 B DG 7  1_555 -1.061 -0.808 3.205 -1.691  0.129  35.501 -1.343 1.494  3.247 0.212  
2.772   35.541 1  AA_DA112DC113:DG137DT138_BB A 112 ? B 138 ? A 113 ? B 137 ? 
1 A DC 2  1_555 B DG 7  1_555 A DG 3  1_555 B DC 6  1_555 -0.314 1.777  3.211 1.401   0.040  32.730 3.144  0.793  3.198 0.071  
-2.485  32.759 2  AA_DC113DG114:DC136DG137_BB A 113 ? B 137 ? A 114 ? B 136 ? 
1 A DG 3  1_555 B DC 6  1_555 A DG 4  1_555 B DC 5  1_555 -0.002 -0.406 3.140 -1.353  0.380  28.886 -0.894 -0.283 3.131 0.760  
2.710   28.919 3  AA_DG114DG115:DC135DC136_BB A 114 ? B 136 ? A 115 ? B 135 ? 
1 A DG 4  1_555 B DC 5  1_555 A DA 5  1_555 C DT 7  1_555 -3.490 -1.153 3.055 -21.728 3.403  37.387 -1.971 2.163  4.267 4.831  
30.851  43.175 4  AA_DG115DA116:DT208DC135_DB A 115 ? B 135 ? A 116 ? D 208 ? 
1 A DA 5  1_555 C DT 7  1_555 A DC 6  1_555 C DG 6  1_555 1.325  -0.519 3.151 0.130   -2.138 28.108 -0.582 -2.692 3.186 -4.394 
-0.268  28.188 5  AA_DA116DC117:DG207DT208_DD A 116 ? D 208 ? A 117 ? D 207 ? 
1 A DC 6  1_555 C DG 6  1_555 A DA 7  1_555 C DT 5  1_555 -0.830 1.336  3.808 -4.377  -4.545 40.166 2.508  0.633  3.708 -6.569 
6.326   40.639 6  AA_DC117DA118:DT206DG207_DD A 117 ? D 207 ? A 118 ? D 206 ? 
1 A DA 7  1_555 C DT 5  1_555 A DT 8  1_555 C DA 4  1_555 0.447  0.105  3.247 -4.173  1.984  30.744 -0.179 -1.621 3.161 3.715  
7.815   31.081 7  AA_DA118DT119:DA205DT206_DD A 118 ? D 206 ? A 119 ? D 205 ? 
1 A DT 8  1_555 C DA 4  1_555 A DA 9  1_555 C DT 3  1_555 -0.624 -1.148 2.866 -4.635  11.618 29.503 -3.822 0.439  2.329 21.630 
8.628   31.991 8  AA_DT119DA120:DT204DA205_DD A 119 ? D 205 ? A 120 ? D 204 ? 
1 B DC 1  1_555 D DG 12 1_555 B DA 2  1_555 D DT 11 1_555 1.224  0.218  3.660 -3.261  0.288  25.108 0.406  -3.829 3.477 0.658  
7.461   25.317 9  BB_DC131DA132:DT110DG111_XX B 131 ? X 111 ? B 132 ? X 110 ? 
1 B DA 2  1_555 D DT 11 1_555 B DC 3  1_555 D DG 10 1_555 0.289  1.127  3.825 -3.888  5.283  45.459 0.904  -0.769 3.889 6.794  
5.000   45.904 10 BB_DA132DC133:DG109DT110_XX B 132 ? X 110 ? B 133 ? X 109 ? 
1 B DC 3  1_555 D DG 10 1_555 B DA 4  1_555 D DT 9  1_555 -1.472 -0.664 3.214 -0.268  14.342 24.250 -4.513 2.970  2.459 30.921 
0.578   28.120 11 BB_DC133DA134:DT108DG109_XX B 133 ? X 109 ? B 134 ? X 108 ? 
1 B DA 4  1_555 D DT 9  1_555 C DG 8  1_555 D DC 8  1_555 2.997  -1.377 3.787 13.264  -0.493 24.867 -2.672 -1.835 4.768 -1.055 
-28.366 28.139 12 BD_DA134DG209:DC107DT108_XX B 134 ? X 108 ? D 209 ? X 107 ? 
1 C DG 8  1_555 D DC 8  1_555 C DG 9  1_555 D DC 7  1_555 -0.952 -0.481 3.047 -3.201  2.258  40.790 -0.918 1.032  3.080 3.230  
4.579   40.970 13 DD_DG209DG210:DC106DC107_XX D 209 ? X 107 ? D 210 ? X 106 ? 
1 C DG 9  1_555 D DC 7  1_555 C DC 10 1_555 D DG 6  1_555 -1.474 0.348  3.255 2.330   3.180  34.656 0.105  2.807  3.171 5.316  
-3.895  34.873 14 DD_DG210DC211:DG105DC106_XX D 210 ? X 106 ? D 211 ? X 105 ? 
1 C DC 10 1_555 D DG 6  1_555 C DT 11 1_555 D DA 5  1_555 -0.348 0.282  3.597 4.637   -3.574 32.720 1.145  1.453  3.467 -6.282 
-8.149  33.225 15 DD_DC211DT212:DA104DG105_XX D 211 ? X 105 ? D 212 ? X 104 ? 
1 C DT 11 1_555 D DA 5  1_555 C DG 12 1_555 D DC 4  1_555 1.277  -0.731 3.470 -4.044  -2.964 34.915 -0.746 -2.736 3.355 -4.909 
6.697   35.262 16 DD_DT212DG213:DC103DA104_XX D 212 ? X 104 ? D 213 ? X 103 ? 
1 C DG 12 1_555 D DC 4  1_555 C DC 13 1_555 D DG 3  1_555 -0.564 -1.225 3.670 1.057   -2.236 44.951 -1.373 0.844  3.711 -2.922 
-1.381  45.016 17 DD_DG213DC214:DG102DC103_XX D 213 ? X 103 ? D 214 ? X 102 ? 
# 
loop_
_pdbx_audit_support.funding_organization 
_pdbx_audit_support.country 
_pdbx_audit_support.grant_number 
_pdbx_audit_support.ordinal 
'Office of Naval Research (ONR)'                   'United States' N000141912596 1 
'Department of Energy (DOE, United States)'        'United States' DE-SC0007991  2 
'National Science Foundation (NSF, United States)' 'United States' CCF-2106790   3 
'National Science Foundation (NSF, United States)' 'United States' GCR-2317843   4 
# 
_pdbx_initial_refinement_model.id               1 
_pdbx_initial_refinement_model.entity_id_list   ? 
_pdbx_initial_refinement_model.type             'experimental model' 
_pdbx_initial_refinement_model.source_name      PDB 
_pdbx_initial_refinement_model.accession_code   8D93 
_pdbx_initial_refinement_model.details          ? 
# 
_space_group.name_H-M_alt     'P 63' 
_space_group.name_Hall        'P 6c' 
_space_group.IT_number        173 
_space_group.crystal_system   hexagonal 
_space_group.id               1 
# 
_atom_sites.entry_id                    9O8K 
_atom_sites.Cartn_transf_matrix[1][1]   ? 
_atom_sites.Cartn_transf_matrix[1][2]   ? 
_atom_sites.Cartn_transf_matrix[1][3]   ? 
_atom_sites.Cartn_transf_matrix[2][1]   ? 
_atom_sites.Cartn_transf_matrix[2][2]   ? 
_atom_sites.Cartn_transf_matrix[2][3]   ? 
_atom_sites.Cartn_transf_matrix[3][1]   ? 
_atom_sites.Cartn_transf_matrix[3][2]   ? 
_atom_sites.Cartn_transf_matrix[3][3]   ? 
_atom_sites.Cartn_transf_vector[1]      ? 
_atom_sites.Cartn_transf_vector[2]      ? 
_atom_sites.Cartn_transf_vector[3]      ? 
_atom_sites.Cartn_transform_axes        ? 
_atom_sites.fract_transf_matrix[1][1]   0.00877902 
_atom_sites.fract_transf_matrix[1][2]   -0.00085773 
_atom_sites.fract_transf_matrix[1][3]   0.00063833 
_atom_sites.fract_transf_matrix[2][1]   0.00495593 
_atom_sites.fract_transf_matrix[2][2]   -0.00031631 
_atom_sites.fract_transf_matrix[2][3]   -0.00731813 
_atom_sites.fract_transf_matrix[3][1]   0.00176376 
_atom_sites.fract_transf_matrix[3][2]   0.01835107 
_atom_sites.fract_transf_matrix[3][3]   0.00040126 
_atom_sites.fract_transf_vector[1]      -0.424692 
_atom_sites.fract_transf_vector[2]      0.140195 
_atom_sites.fract_transf_vector[3]      0.099266 
_atom_sites.solution_primary            ? 
_atom_sites.solution_secondary          ? 
_atom_sites.solution_hydrogens          ? 
_atom_sites.special_details             ? 
# 
loop_
_atom_type.symbol 
_atom_type.scat_dispersion_real 
_atom_type.scat_dispersion_imag 
_atom_type.scat_Cromer_Mann_a1 
_atom_type.scat_Cromer_Mann_a2 
_atom_type.scat_Cromer_Mann_a3 
_atom_type.scat_Cromer_Mann_a4 
_atom_type.scat_Cromer_Mann_b1 
_atom_type.scat_Cromer_Mann_b2 
_atom_type.scat_Cromer_Mann_b3 
_atom_type.scat_Cromer_Mann_b4 
_atom_type.scat_Cromer_Mann_c 
_atom_type.scat_source 
_atom_type.scat_dispersion_source 
C ? ? 5.96793  ? ? ? 14.89577 ? ? ? 0.0 
;1-Gaussian fit: Grosse-Kunstleve RW, Sauter NK, Adams PD: Newsletter of the IUCr Commission on Crystallographic Computing 2004, 3, 22-31.
;
? 
N ? ? 6.96715  ? ? ? 11.43723 ? ? ? 0.0 
;1-Gaussian fit: Grosse-Kunstleve RW, Sauter NK, Adams PD: Newsletter of the IUCr Commission on Crystallographic Computing 2004, 3, 22-31.
;
? 
O ? ? 7.96527  ? ? ? 9.05267  ? ? ? 0.0 
;1-Gaussian fit: Grosse-Kunstleve RW, Sauter NK, Adams PD: Newsletter of the IUCr Commission on Crystallographic Computing 2004, 3, 22-31.
;
? 
P ? ? 14.90797 ? ? ? 11.91318 ? ? ? 0.0 
;1-Gaussian fit: Grosse-Kunstleve RW, Sauter NK, Adams PD: Newsletter of the IUCr Commission on Crystallographic Computing 2004, 3, 22-31.
;
? 
# 
loop_
_atom_site.group_PDB 
_atom_site.id 
_atom_site.type_symbol 
_atom_site.label_atom_id 
_atom_site.label_alt_id 
_atom_site.label_comp_id 
_atom_site.label_asym_id 
_atom_site.label_entity_id 
_atom_site.label_seq_id 
_atom_site.pdbx_PDB_ins_code 
_atom_site.Cartn_x 
_atom_site.Cartn_y 
_atom_site.Cartn_z 
_atom_site.occupancy 
_atom_site.B_iso_or_equiv 
_atom_site.pdbx_formal_charge 
_atom_site.auth_seq_id 
_atom_site.auth_comp_id 
_atom_site.auth_asym_id 
_atom_site.auth_atom_id 
_atom_site.pdbx_PDB_model_num 
ATOM 1   P P     . DA A 1 1  ? 8.33347   0.90539   -16.14513 1.000 529.72541 ? 112 DA A P     1 
ATOM 2   O OP1   . DA A 1 1  ? 9.31460   1.94643   -15.77102 1.000 526.56986 ? 112 DA A OP1   1 
ATOM 3   O OP2   . DA A 1 1  ? 7.06713   0.78858   -15.39277 1.000 521.85233 ? 112 DA A OP2   1 
ATOM 4   O "O5'" . DA A 1 1  ? 7.97040   1.07363   -17.69380 1.000 536.33442 ? 112 DA A "O5'" 1 
ATOM 5   C "C5'" . DA A 1 1  ? 8.25125   2.29433   -18.36848 1.000 535.94344 ? 112 DA A "C5'" 1 
ATOM 6   C "C4'" . DA A 1 1  ? 7.04503   3.21366   -18.34650 1.000 527.82382 ? 112 DA A "C4'" 1 
ATOM 7   O "O4'" . DA A 1 1  ? 5.84445   2.42971   -18.52987 1.000 527.92473 ? 112 DA A "O4'" 1 
ATOM 8   C "C3'" . DA A 1 1  ? 6.85196   3.99246   -17.04016 1.000 516.71852 ? 112 DA A "C3'" 1 
ATOM 9   O "O3'" . DA A 1 1  ? 6.97981   5.43744   -17.23478 1.000 512.57270 ? 112 DA A "O3'" 1 
ATOM 10  C "C2'" . DA A 1 1  ? 5.46794   3.57160   -16.52475 1.000 510.89506 ? 112 DA A "C2'" 1 
ATOM 11  C "C1'" . DA A 1 1  ? 4.80712   2.98496   -17.76507 1.000 517.81731 ? 112 DA A "C1'" 1 
ATOM 12  N N9    . DA A 1 1  ? 3.83327   1.93183   -17.47992 1.000 517.30860 ? 112 DA A N9    1 
ATOM 13  C C8    . DA A 1 1  ? 4.09675   0.66703   -17.04379 1.000 521.22985 ? 112 DA A C8    1 
ATOM 14  N N7    . DA A 1 1  ? 3.02669   -0.07575  -16.88073 1.000 519.99176 ? 112 DA A N7    1 
ATOM 15  C C5    . DA A 1 1  ? 1.98667   0.76160   -17.24055 1.000 514.77281 ? 112 DA A C5    1 
ATOM 16  C C6    . DA A 1 1  ? 0.58971   0.57728   -17.28433 1.000 511.13404 ? 112 DA A C6    1 
ATOM 17  N N6    . DA A 1 1  ? -0.01687  -0.57042  -16.95424 1.000 512.40968 ? 112 DA A N6    1 
ATOM 18  N N1    . DA A 1 1  ? -0.16163  1.61904   -17.69195 1.000 506.35619 ? 112 DA A N1    1 
ATOM 19  C C2    . DA A 1 1  ? 0.44599   2.76270   -18.02599 1.000 505.42860 ? 112 DA A C2    1 
ATOM 20  N N3    . DA A 1 1  ? 1.74413   3.05484   -18.02117 1.000 508.56430 ? 112 DA A N3    1 
ATOM 21  C C4    . DA A 1 1  ? 2.46658   2.00192   -17.61934 1.000 513.15642 ? 112 DA A C4    1 
ATOM 22  P P     . DC A 1 2  ? 6.20285   6.25887   -18.39103 1.000 541.32079 ? 113 DC A P     1 
ATOM 23  O OP1   . DC A 1 2  ? 6.49006   5.73632   -19.74379 1.000 552.00493 ? 113 DC A OP1   1 
ATOM 24  O OP2   . DC A 1 2  ? 6.52644   7.67608   -18.13042 1.000 535.76292 ? 113 DC A OP2   1 
ATOM 25  O "O5'" . DC A 1 2  ? 4.64947   6.08131   -18.05642 1.000 534.80569 ? 113 DC A "O5'" 1 
ATOM 26  C "C5'" . DC A 1 2  ? 3.66370   6.65705   -18.91444 1.000 534.09358 ? 113 DC A "C5'" 1 
ATOM 27  C "C4'" . DC A 1 2  ? 2.83968   7.72233   -18.19401 1.000 523.45084 ? 113 DC A "C4'" 1 
ATOM 28  O "O4'" . DC A 1 2  ? 1.68279   7.11735   -17.56396 1.000 518.32998 ? 113 DC A "O4'" 1 
ATOM 29  C "C3'" . DC A 1 2  ? 3.55120   8.47773   -17.08254 1.000 517.09652 ? 113 DC A "C3'" 1 
ATOM 30  O "O3'" . DC A 1 2  ? 2.98689   9.77522   -16.95641 1.000 510.10266 ? 113 DC A "O3'" 1 
ATOM 31  C "C2'" . DC A 1 2  ? 3.24258   7.62445   -15.85643 1.000 512.53125 ? 113 DC A "C2'" 1 
ATOM 32  C "C1'" . DC A 1 2  ? 1.82237   7.14039   -16.15194 1.000 511.18090 ? 113 DC A "C1'" 1 
ATOM 33  N N1    . DC A 1 2  ? 1.55738   5.76843   -15.66059 1.000 512.82697 ? 113 DC A N1    1 
ATOM 34  C C2    . DC A 1 2  ? 0.24037   5.30306   -15.56436 1.000 509.81997 ? 113 DC A C2    1 
ATOM 35  O O2    . DC A 1 2  ? -0.68950  6.05920   -15.86542 1.000 505.51630 ? 113 DC A O2    1 
ATOM 36  N N3    . DC A 1 2  ? 0.02428   4.03511   -15.12778 1.000 511.81720 ? 113 DC A N3    1 
ATOM 37  C C4    . DC A 1 2  ? 1.05732   3.25468   -14.81261 1.000 516.66898 ? 113 DC A C4    1 
ATOM 38  N N4    . DC A 1 2  ? 0.80169   2.01195   -14.39059 1.000 518.82004 ? 113 DC A N4    1 
ATOM 39  C C5    . DC A 1 2  ? 2.40213   3.71341   -14.91148 1.000 519.69291 ? 113 DC A C5    1 
ATOM 40  C C6    . DC A 1 2  ? 2.60251   4.96061   -15.34088 1.000 517.66003 ? 113 DC A C6    1 
ATOM 41  P P     . DG A 1 3  ? 3.92402   11.07933  -16.97756 1.000 539.90252 ? 114 DG A P     1 
ATOM 42  O OP1   . DG A 1 3  ? 4.26745   11.36155  -18.38867 1.000 547.92405 ? 114 DG A OP1   1 
ATOM 43  O OP2   . DG A 1 3  ? 5.00565   10.87635  -15.98734 1.000 538.78018 ? 114 DG A OP2   1 
ATOM 44  O "O5'" . DG A 1 3  ? 2.96818   12.24039  -16.42787 1.000 530.13639 ? 114 DG A "O5'" 1 
ATOM 45  C "C5'" . DG A 1 3  ? 2.43185   12.15849  -15.10410 1.000 521.66839 ? 114 DG A "C5'" 1 
ATOM 46  C "C4'" . DG A 1 3  ? 0.91291   12.24568  -15.12620 1.000 516.65114 ? 114 DG A "C4'" 1 
ATOM 47  O "O4'" . DG A 1 3  ? 0.34406   10.91115  -15.14920 1.000 519.15833 ? 114 DG A "O4'" 1 
ATOM 48  C "C3'" . DG A 1 3  ? 0.28261   12.92604  -13.92196 1.000 506.48028 ? 114 DG A "C3'" 1 
ATOM 49  O "O3'" . DG A 1 3  ? -0.96504  13.53997  -14.31848 1.000 504.21175 ? 114 DG A "O3'" 1 
ATOM 50  C "C2'" . DG A 1 3  ? 0.09289   11.75848  -12.95342 1.000 507.49783 ? 114 DG A "C2'" 1 
ATOM 51  C "C1'" . DG A 1 3  ? -0.24620  10.60785  -13.89468 1.000 511.93724 ? 114 DG A "C1'" 1 
ATOM 52  N N9    . DG A 1 3  ? 0.28508   9.32327   -13.45520 1.000 515.68235 ? 114 DG A N9    1 
ATOM 53  C C8    . DG A 1 3  ? 1.60854   9.01024   -13.27413 1.000 520.00415 ? 114 DG A C8    1 
ATOM 54  N N7    . DG A 1 3  ? 1.80022   7.78264   -12.89065 1.000 523.00436 ? 114 DG A N7    1 
ATOM 55  C C5    . DG A 1 3  ? 0.52208   7.24165   -12.81558 1.000 520.57333 ? 114 DG A C5    1 
ATOM 56  C C6    . DG A 1 3  ? 0.11288   5.94758   -12.44943 1.000 522.29287 ? 114 DG A C6    1 
ATOM 57  O O6    . DG A 1 3  ? 0.82323   4.99480   -12.11692 1.000 526.53268 ? 114 DG A O6    1 
ATOM 58  N N1    . DG A 1 3  ? -1.27527  5.80479   -12.50113 1.000 525.46994 ? 114 DG A N1    1 
ATOM 59  C C2    . DG A 1 3  ? -2.15227  6.80434   -12.86149 1.000 523.38920 ? 114 DG A C2    1 
ATOM 60  N N2    . DG A 1 3  ? -3.45379  6.48407   -12.85168 1.000 524.85908 ? 114 DG A N2    1 
ATOM 61  N N3    . DG A 1 3  ? -1.77372  8.03058   -13.20801 1.000 519.07182 ? 114 DG A N3    1 
ATOM 62  C C4    . DG A 1 3  ? -0.42367  8.18221   -13.16316 1.000 517.07698 ? 114 DG A C4    1 
ATOM 63  P P     . DG A 1 4  ? -2.20611  13.69835  -13.30349 1.000 477.35305 ? 115 DG A P     1 
ATOM 64  O OP1   . DG A 1 4  ? -3.12505  14.68434  -13.91646 1.000 471.49842 ? 115 DG A OP1   1 
ATOM 65  O OP2   . DG A 1 4  ? -1.69727  13.96423  -11.93712 1.000 479.28852 ? 115 DG A OP2   1 
ATOM 66  O "O5'" . DG A 1 4  ? -2.91468  12.26222  -13.35026 1.000 479.73549 ? 115 DG A "O5'" 1 
ATOM 67  C "C5'" . DG A 1 4  ? -4.32424  12.15868  -13.49428 1.000 476.38971 ? 115 DG A "C5'" 1 
ATOM 68  C "C4'" . DG A 1 4  ? -4.93248  11.52201  -12.26411 1.000 478.99691 ? 115 DG A "C4'" 1 
ATOM 69  O "O4'" . DG A 1 4  ? -4.16084  10.34190  -11.91411 1.000 488.29172 ? 115 DG A "O4'" 1 
ATOM 70  C "C3'" . DG A 1 4  ? -4.91476  12.41340  -11.01325 1.000 482.27932 ? 115 DG A "C3'" 1 
ATOM 71  O "O3'" . DG A 1 4  ? -6.05045  12.15117  -10.15887 1.000 481.48157 ? 115 DG A "O3'" 1 
ATOM 72  C "C2'" . DG A 1 4  ? -3.63281  11.95585  -10.33680 1.000 493.03109 ? 115 DG A "C2'" 1 
ATOM 73  C "C1'" . DG A 1 4  ? -3.76716  10.46570  -10.57487 1.000 496.20405 ? 115 DG A "C1'" 1 
ATOM 74  N N9    . DG A 1 4  ? -2.55937  9.68902   -10.32641 1.000 498.08058 ? 115 DG A N9    1 
ATOM 75  C C8    . DG A 1 4  ? -1.25642  10.11969  -10.33640 1.000 492.87135 ? 115 DG A C8    1 
ATOM 76  N N7    . DG A 1 4  ? -0.40083  9.17591   -10.04249 1.000 491.98873 ? 115 DG A N7    1 
ATOM 77  C C5    . DG A 1 4  ? -1.19657  8.06072   -9.81653  1.000 498.17868 ? 115 DG A C5    1 
ATOM 78  C C6    . DG A 1 4  ? -0.84755  6.73720   -9.46012  1.000 498.86729 ? 115 DG A C6    1 
ATOM 79  O O6    . DG A 1 4  ? 0.28103   6.26778   -9.26650  1.000 492.56846 ? 115 DG A O6    1 
ATOM 80  N N1    . DG A 1 4  ? -1.97474  5.92226   -9.33020  1.000 505.90834 ? 115 DG A N1    1 
ATOM 81  C C2    . DG A 1 4  ? -3.26672  6.34112   -9.52594  1.000 510.45375 ? 115 DG A C2    1 
ATOM 82  N N2    . DG A 1 4  ? -4.22883  5.42015   -9.36304  1.000 515.88649 ? 115 DG A N2    1 
ATOM 83  N N3    . DG A 1 4  ? -3.59539  7.56701   -9.87282  1.000 507.80736 ? 115 DG A N3    1 
ATOM 84  C C4    . DG A 1 4  ? -2.52405  8.37082   -9.98327  1.000 502.40408 ? 115 DG A C4    1 
ATOM 85  P P     . DA A 1 5  ? -7.52705  11.85147  -10.73379 1.000 443.60386 ? 116 DA A P     1 
ATOM 86  O OP1   . DA A 1 5  ? -7.72997  12.45888  -12.06971 1.000 447.14181 ? 116 DA A OP1   1 
ATOM 87  O OP2   . DA A 1 5  ? -8.44567  12.26481  -9.65285  1.000 435.03226 ? 116 DA A OP2   1 
ATOM 88  O "O5'" . DA A 1 5  ? -7.58920  10.24740  -10.81289 1.000 448.85422 ? 116 DA A "O5'" 1 
ATOM 89  C "C5'" . DA A 1 5  ? -8.69454  9.59298   -11.45702 1.000 450.65430 ? 116 DA A "C5'" 1 
ATOM 90  C "C4'" . DA A 1 5  ? -9.43962  8.64611   -10.51156 1.000 447.56991 ? 116 DA A "C4'" 1 
ATOM 91  O "O4'" . DA A 1 5  ? -8.51772  7.70214   -9.90323  1.000 450.86602 ? 116 DA A "O4'" 1 
ATOM 92  C "C3'" . DA A 1 5  ? -10.17011 9.30687   -9.34895  1.000 438.34741 ? 116 DA A "C3'" 1 
ATOM 93  O "O3'" . DA A 1 5  ? -11.35094 8.56858   -9.04235  1.000 436.29515 ? 116 DA A "O3'" 1 
ATOM 94  C "C2'" . DA A 1 5  ? -9.14870  9.21020   -8.22283  1.000 437.57507 ? 116 DA A "C2'" 1 
ATOM 95  C "C1'" . DA A 1 5  ? -8.53961  7.84220   -8.49203  1.000 449.03594 ? 116 DA A "C1'" 1 
ATOM 96  N N9    . DA A 1 5  ? -7.16899  7.72054   -8.03351  1.000 460.81564 ? 116 DA A N9    1 
ATOM 97  C C8    . DA A 1 5  ? -6.14053  8.55028   -8.36024  1.000 459.01147 ? 116 DA A C8    1 
ATOM 98  N N7    . DA A 1 5  ? -5.00555  8.21633   -7.81888  1.000 464.02415 ? 116 DA A N7    1 
ATOM 99  C C5    . DA A 1 5  ? -5.28962  7.06268   -7.11786  1.000 470.14084 ? 116 DA A C5    1 
ATOM 100 C C6    . DA A 1 5  ? -4.48234  6.22443   -6.33673  1.000 472.23734 ? 116 DA A C6    1 
ATOM 101 N N6    . DA A 1 5  ? -3.18427  6.44641   -6.15610  1.000 466.99609 ? 116 DA A N6    1 
ATOM 102 N N1    . DA A 1 5  ? -5.05935  5.15955   -5.74246  1.000 477.17735 ? 116 DA A N1    1 
ATOM 103 C C2    . DA A 1 5  ? -6.37289  4.94942   -5.93770  1.000 480.74308 ? 116 DA A C2    1 
ATOM 104 N N3    . DA A 1 5  ? -7.24113  5.68363   -6.65530  1.000 476.50448 ? 116 DA A N3    1 
ATOM 105 C C4    . DA A 1 5  ? -6.62156  6.73491   -7.22863  1.000 470.91577 ? 116 DA A C4    1 
ATOM 106 P P     . DC A 1 6  ? -12.28018 8.99755   -7.80250  1.000 425.19801 ? 117 DC A P     1 
ATOM 107 O OP1   . DC A 1 6  ? -13.64303 8.48928   -8.07021  1.000 424.30062 ? 117 DC A OP1   1 
ATOM 108 O OP2   . DC A 1 6  ? -12.06321 10.44124  -7.54877  1.000 420.02871 ? 117 DC A OP2   1 
ATOM 109 O "O5'" . DC A 1 6  ? -11.67794 8.17921   -6.57134  1.000 444.52275 ? 117 DC A "O5'" 1 
ATOM 110 C "C5'" . DC A 1 6  ? -11.67570 6.75960   -6.59185  1.000 455.51339 ? 117 DC A "C5'" 1 
ATOM 111 C "C4'" . DC A 1 6  ? -11.17185 6.20300   -5.27185  1.000 474.49423 ? 117 DC A "C4'" 1 
ATOM 112 O "O4'" . DC A 1 6  ? -9.72339  6.30375   -5.21739  1.000 485.27847 ? 117 DC A "O4'" 1 
ATOM 113 C "C3'" . DC A 1 6  ? -11.67069 6.92996   -4.01929  1.000 470.91967 ? 117 DC A "C3'" 1 
ATOM 114 O "O3'" . DC A 1 6  ? -11.73170 6.00962   -2.92833  1.000 484.95779 ? 117 DC A "O3'" 1 
ATOM 115 C "C2'" . DC A 1 6  ? -10.54634 7.93323   -3.78825  1.000 472.60266 ? 117 DC A "C2'" 1 
ATOM 116 C "C1'" . DC A 1 6  ? -9.36784  7.01880   -4.05037  1.000 490.23697 ? 117 DC A "C1'" 1 
ATOM 117 N N1    . DC A 1 6  ? -8.06218  7.70609   -4.27385  1.000 493.63811 ? 117 DC A N1    1 
ATOM 118 C C2    . DC A 1 6  ? -6.91318  7.17771   -3.67955  1.000 501.41605 ? 117 DC A C2    1 
ATOM 119 O O2    . DC A 1 6  ? -7.02371  6.15921   -2.98286  1.000 503.63398 ? 117 DC A O2    1 
ATOM 120 N N3    . DC A 1 6  ? -5.71923  7.78805   -3.89077  1.000 495.62337 ? 117 DC A N3    1 
ATOM 121 C C4    . DC A 1 6  ? -5.65932  8.88618   -4.65177  1.000 491.14770 ? 117 DC A C4    1 
ATOM 122 N N4    . DC A 1 6  ? -4.46247  9.45646   -4.83632  1.000 485.22636 ? 117 DC A N4    1 
ATOM 123 C C5    . DC A 1 6  ? -6.82441  9.43966   -5.26651  1.000 482.23116 ? 117 DC A C5    1 
ATOM 124 C C6    . DC A 1 6  ? -7.99329  8.82379   -5.05016  1.000 479.44430 ? 117 DC A C6    1 
ATOM 125 P P     . DA A 1 7  ? -12.97406 5.00829   -2.72938  1.000 432.66041 ? 118 DA A P     1 
ATOM 126 O OP1   . DA A 1 7  ? -13.23390 4.28928   -3.99817  1.000 431.28308 ? 118 DA A OP1   1 
ATOM 127 O OP2   . DA A 1 7  ? -14.05564 5.78033   -2.08005  1.000 415.06372 ? 118 DA A OP2   1 
ATOM 128 O "O5'" . DA A 1 7  ? -12.41945 3.94794   -1.66383  1.000 451.70893 ? 118 DA A "O5'" 1 
ATOM 129 C "C5'" . DA A 1 7  ? -11.09293 3.44367   -1.80355  1.000 466.09424 ? 118 DA A "C5'" 1 
ATOM 130 C "C4'" . DA A 1 7  ? -10.55325 2.89683   -0.48993  1.000 465.12916 ? 118 DA A "C4'" 1 
ATOM 131 O "O4'" . DA A 1 7  ? -9.35796  3.61573   -0.11155  1.000 461.23675 ? 118 DA A "O4'" 1 
ATOM 132 C "C3'" . DA A 1 7  ? -11.45688 3.03879   0.71199   1.000 461.66280 ? 118 DA A "C3'" 1 
ATOM 133 O "O3'" . DA A 1 7  ? -11.01984 2.11404   1.69932   1.000 453.22002 ? 118 DA A "O3'" 1 
ATOM 134 C "C2'" . DA A 1 7  ? -11.17936 4.48296   1.13722   1.000 452.71371 ? 118 DA A "C2'" 1 
ATOM 135 C "C1'" . DA A 1 7  ? -9.67862  4.60715   0.85507   1.000 457.90752 ? 118 DA A "C1'" 1 
ATOM 136 N N9    . DA A 1 7  ? -9.26606  5.89491   0.30295   1.000 454.28004 ? 118 DA A N9    1 
ATOM 137 C C8    . DA A 1 7  ? -10.02046 6.76825   -0.43059  1.000 443.86086 ? 118 DA A C8    1 
ATOM 138 N N7    . DA A 1 7  ? -9.36085  7.83677   -0.81924  1.000 439.49796 ? 118 DA A N7    1 
ATOM 139 C C5    . DA A 1 7  ? -8.08237  7.63778   -0.32551  1.000 448.57681 ? 118 DA A C5    1 
ATOM 140 C C6    . DA A 1 7  ? -6.90016  8.40694   -0.39564  1.000 446.80291 ? 118 DA A C6    1 
ATOM 141 N N6    . DA A 1 7  ? -6.81526  9.58423   -1.02712  1.000 440.68303 ? 118 DA A N6    1 
ATOM 142 N N1    . DA A 1 7  ? -5.80105  7.91422   0.21167   1.000 444.41031 ? 118 DA A N1    1 
ATOM 143 C C2    . DA A 1 7  ? -5.88392  6.73775   0.84208   1.000 441.93081 ? 118 DA A C2    1 
ATOM 144 N N3    . DA A 1 7  ? -6.93183  5.93020   0.97460   1.000 447.21419 ? 118 DA A N3    1 
ATOM 145 C C4    . DA A 1 7  ? -8.00809  6.44291   0.36377   1.000 453.18047 ? 118 DA A C4    1 
ATOM 146 P P     . DT A 1 8  ? -11.87064 1.85507   3.03653   1.000 468.44535 ? 119 DT A P     1 
ATOM 147 O OP1   . DT A 1 8  ? -11.91786 0.38979   3.25399   1.000 461.40886 ? 119 DT A OP1   1 
ATOM 148 O OP2   . DT A 1 8  ? -13.12447 2.63406   2.93081   1.000 471.64316 ? 119 DT A OP2   1 
ATOM 149 O "O5'" . DT A 1 8  ? -10.96972 2.50297   4.18784   1.000 452.07698 ? 119 DT A "O5'" 1 
ATOM 150 C "C5'" . DT A 1 8  ? -9.58928  2.17456   4.27039   1.000 446.36145 ? 119 DT A "C5'" 1 
ATOM 151 C "C4'" . DT A 1 8  ? -8.82404  3.25455   5.00661   1.000 439.05181 ? 119 DT A "C4'" 1 
ATOM 152 O "O4'" . DT A 1 8  ? -8.54899  4.34792   4.11475   1.000 452.66632 ? 119 DT A "O4'" 1 
ATOM 153 C "C3'" . DT A 1 8  ? -9.57540  3.88406   6.17335   1.000 426.57588 ? 119 DT A "C3'" 1 
ATOM 154 O "O3'" . DT A 1 8  ? -9.23666  3.22433   7.42103   1.000 401.97534 ? 119 DT A "O3'" 1 
ATOM 155 C "C2'" . DT A 1 8  ? -9.16053  5.36911   6.14720   1.000 428.60480 ? 119 DT A "C2'" 1 
ATOM 156 C "C1'" . DT A 1 8  ? -8.29229  5.48896   4.89187   1.000 447.49160 ? 119 DT A "C1'" 1 
ATOM 157 N N1    . DT A 1 8  ? -8.58659  6.70069   4.07703   1.000 457.28281 ? 119 DT A N1    1 
ATOM 158 C C2    . DT A 1 8  ? -7.58845  7.61831   3.86253   1.000 456.03640 ? 119 DT A C2    1 
ATOM 159 O O2    . DT A 1 8  ? -6.46334  7.49836   4.31061   1.000 451.06430 ? 119 DT A O2    1 
ATOM 160 N N3    . DT A 1 8  ? -7.95734  8.69716   3.11048   1.000 453.21566 ? 119 DT A N3    1 
ATOM 161 C C4    . DT A 1 8  ? -9.19757  8.94404   2.55599   1.000 447.60038 ? 119 DT A C4    1 
ATOM 162 O O4    . DT A 1 8  ? -9.42535  9.94717   1.88948   1.000 439.62176 ? 119 DT A O4    1 
ATOM 163 C C5    . DT A 1 8  ? -10.20285 7.93868   2.81658   1.000 447.16770 ? 119 DT A C5    1 
ATOM 164 C C7    . DT A 1 8  ? -11.59272 8.09328   2.26867   1.000 435.99160 ? 119 DT A C7    1 
ATOM 165 C C6    . DT A 1 8  ? -9.85155  6.87882   3.55832   1.000 453.54130 ? 119 DT A C6    1 
ATOM 166 P P     . DA A 1 9  ? -7.84458  3.49872   8.19238   1.000 448.23278 ? 120 DA A P     1 
ATOM 167 O OP1   . DA A 1 9  ? -6.72625  3.47871   7.22484   1.000 464.78050 ? 120 DA A OP1   1 
ATOM 168 O OP2   . DA A 1 9  ? -7.80888  2.56285   9.33862   1.000 430.71620 ? 120 DA A OP2   1 
ATOM 169 O "O5'" . DA A 1 9  ? -7.99647  4.97291   8.81012   1.000 437.97325 ? 120 DA A "O5'" 1 
ATOM 170 C "C5'" . DA A 1 9  ? -7.20499  5.37061   9.93681   1.000 423.62889 ? 120 DA A "C5'" 1 
ATOM 171 C "C4'" . DA A 1 9  ? -6.10006  6.33730   9.53630   1.000 429.01234 ? 120 DA A "C4'" 1 
ATOM 172 O "O4'" . DA A 1 9  ? -6.41431  6.96004   8.26451   1.000 449.63557 ? 120 DA A "O4'" 1 
ATOM 173 C "C3'" . DA A 1 9  ? -5.85636  7.48503   10.52427  1.000 417.71251 ? 120 DA A "C3'" 1 
ATOM 174 O "O3'" . DA A 1 9  ? -4.46953  7.58234   10.82358  1.000 413.32010 ? 120 DA A "O3'" 1 
ATOM 175 C "C2'" . DA A 1 9  ? -6.35720  8.72130   9.77032   1.000 425.67172 ? 120 DA A "C2'" 1 
ATOM 176 C "C1'" . DA A 1 9  ? -6.07846  8.32097   8.33403   1.000 447.02788 ? 120 DA A "C1'" 1 
ATOM 177 N N9    . DA A 1 9  ? -6.87603  9.04110   7.35189   1.000 461.94141 ? 120 DA A N9    1 
ATOM 178 C C8    . DA A 1 9  ? -8.08173  8.66283   6.83572   1.000 464.15456 ? 120 DA A C8    1 
ATOM 179 N N7    . DA A 1 9  ? -8.57027  9.50767   5.96079   1.000 466.38040 ? 120 DA A N7    1 
ATOM 180 C C5    . DA A 1 9  ? -7.61434  10.50550  5.89431   1.000 467.08631 ? 120 DA A C5    1 
ATOM 181 C C6    . DA A 1 9  ? -7.53588  11.69301  5.14563   1.000 466.23634 ? 120 DA A C6    1 
ATOM 182 N N6    . DA A 1 9  ? -8.47949  12.08392  4.28305   1.000 462.40976 ? 120 DA A N6    1 
ATOM 183 N N1    . DA A 1 9  ? -6.44560  12.47071  5.31863   1.000 466.70140 ? 120 DA A N1    1 
ATOM 184 C C2    . DA A 1 9  ? -5.50379  12.07587  6.18499   1.000 467.62448 ? 120 DA A C2    1 
ATOM 185 N N3    . DA A 1 9  ? -5.46753  10.98067  6.94089   1.000 466.77633 ? 120 DA A N3    1 
ATOM 186 C C4    . DA A 1 9  ? -6.56292  10.23207  6.74627   1.000 466.51967 ? 120 DA A C4    1 
ATOM 187 P P     . DC B 2 1  ? 16.75434  4.46792   0.68380   1.000 522.90199 ? 131 DC B P     1 
ATOM 188 O OP1   . DC B 2 1  ? 17.16594  5.86316   0.96507   1.000 525.38770 ? 131 DC B OP1   1 
ATOM 189 O OP2   . DC B 2 1  ? 15.38141  4.01388   1.01358   1.000 516.19556 ? 131 DC B OP2   1 
ATOM 190 O "O5'" . DC B 2 1  ? 17.05922  4.11653   -0.85413  1.000 523.63457 ? 131 DC B "O5'" 1 
ATOM 191 C "C5'" . DC B 2 1  ? 17.01857  5.14316   -1.85538  1.000 523.24775 ? 131 DC B "C5'" 1 
ATOM 192 C "C4'" . DC B 2 1  ? 15.79742  4.98978   -2.75428  1.000 517.26963 ? 131 DC B "C4'" 1 
ATOM 193 O "O4'" . DC B 2 1  ? 16.00280  3.88613   -3.68777  1.000 517.79185 ? 131 DC B "O4'" 1 
ATOM 194 C "C3'" . DC B 2 1  ? 14.49186  4.68120   -2.02019  1.000 511.45358 ? 131 DC B "C3'" 1 
ATOM 195 O "O3'" . DC B 2 1  ? 13.40942  5.38897   -2.60980  1.000 506.96195 ? 131 DC B "O3'" 1 
ATOM 196 C "C2'" . DC B 2 1  ? 14.34986  3.18398   -2.22324  1.000 510.38354 ? 131 DC B "C2'" 1 
ATOM 197 C "C1'" . DC B 2 1  ? 14.88407  3.03091   -3.63740  1.000 512.59599 ? 131 DC B "C1'" 1 
ATOM 198 N N1    . DC B 2 1  ? 15.31626  1.63367   -3.95142  1.000 514.20129 ? 131 DC B N1    1 
ATOM 199 C C2    . DC B 2 1  ? 15.04901  1.06395   -5.21356  1.000 512.84506 ? 131 DC B C2    1 
ATOM 200 O O2    . DC B 2 1  ? 14.46320  1.72997   -6.07655  1.000 510.52097 ? 131 DC B O2    1 
ATOM 201 N N3    . DC B 2 1  ? 15.45530  -0.21396  -5.44876  1.000 514.42864 ? 131 DC B N3    1 
ATOM 202 C C4    . DC B 2 1  ? 16.08441  -0.90022  -4.49394  1.000 517.28451 ? 131 DC B C4    1 
ATOM 203 N N4    . DC B 2 1  ? 16.46589  -2.15192  -4.76158  1.000 518.93653 ? 131 DC B N4    1 
ATOM 204 C C5    . DC B 2 1  ? 16.34989  -0.33874  -3.21451  1.000 518.82105 ? 131 DC B C5    1 
ATOM 205 C C6    . DC B 2 1  ? 15.94858  0.91177   -2.98926  1.000 517.12033 ? 131 DC B C6    1 
ATOM 206 P P     . DA B 2 2  ? 12.36072  6.18093   -1.68285  1.000 480.54229 ? 132 DA B P     1 
ATOM 207 O OP1   . DA B 2 2  ? 11.70648  7.20280   -2.52660  1.000 478.45641 ? 132 DA B OP1   1 
ATOM 208 O OP2   . DA B 2 2  ? 13.07988  6.59653   -0.45969  1.000 483.75395 ? 132 DA B OP2   1 
ATOM 209 O "O5'" . DA B 2 2  ? 11.28030  5.07460   -1.25368  1.000 475.66275 ? 132 DA B "O5'" 1 
ATOM 210 C "C5'" . DA B 2 2  ? 10.20260  4.73417   -2.13315  1.000 471.44113 ? 132 DA B "C5'" 1 
ATOM 211 C "C4'" . DA B 2 2  ? 10.72442  3.99714   -3.34797  1.000 473.40536 ? 132 DA B "C4'" 1 
ATOM 212 O "O4'" . DA B 2 2  ? 11.45420  2.84558   -2.92483  1.000 475.70019 ? 132 DA B "O4'" 1 
ATOM 213 C "C3'" . DA B 2 2  ? 9.66781   3.44649   -4.31043  1.000 469.54497 ? 132 DA B "C3'" 1 
ATOM 214 O "O3'" . DA B 2 2  ? 9.53118   4.32316   -5.43061  1.000 469.97789 ? 132 DA B "O3'" 1 
ATOM 215 C "C2'" . DA B 2 2  ? 10.23625  2.06580   -4.73954  1.000 471.17531 ? 132 DA B "C2'" 1 
ATOM 216 C "C1'" . DA B 2 2  ? 11.58790  2.03531   -4.04765  1.000 476.15984 ? 132 DA B "C1'" 1 
ATOM 217 N N9    . DA B 2 2  ? 12.10519  0.72757   -3.63598  1.000 477.74834 ? 132 DA B N9    1 
ATOM 218 C C8    . DA B 2 2  ? 12.71436  0.43502   -2.44703  1.000 480.13020 ? 132 DA B C8    1 
ATOM 219 N N7    . DA B 2 2  ? 13.14375  -0.79598  -2.35560  1.000 481.71828 ? 132 DA B N7    1 
ATOM 220 C C5    . DA B 2 2  ? 12.80439  -1.35573  -3.57275  1.000 480.15517 ? 132 DA B C5    1 
ATOM 221 C C6    . DA B 2 2  ? 12.98396  -2.64470  -4.09757  1.000 480.72420 ? 132 DA B C6    1 
ATOM 222 N N6    . DA B 2 2  ? 13.57554  -3.63375  -3.42216  1.000 483.16858 ? 132 DA B N6    1 
ATOM 223 N N1    . DA B 2 2  ? 12.53243  -2.88150  -5.34542  1.000 478.92456 ? 132 DA B N1    1 
ATOM 224 C C2    . DA B 2 2  ? 11.94056  -1.88646  -6.01765  1.000 476.86613 ? 132 DA B C2    1 
ATOM 225 N N3    . DA B 2 2  ? 11.71424  -0.63121  -5.62939  1.000 476.19347 ? 132 DA B N3    1 
ATOM 226 C C4    . DA B 2 2  ? 12.17532  -0.42845  -4.38327  1.000 477.83185 ? 132 DA B C4    1 
ATOM 227 P P     . DC B 2 3  ? 8.14639   5.09347   -5.71286  1.000 492.10307 ? 133 DC B P     1 
ATOM 228 O OP1   . DC B 2 3  ? 8.45653   6.30489   -6.50507  1.000 494.30343 ? 133 DC B OP1   1 
ATOM 229 O OP2   . DC B 2 3  ? 7.41231   5.21142   -4.43375  1.000 489.06375 ? 133 DC B OP2   1 
ATOM 230 O "O5'" . DC B 2 3  ? 7.32129   4.09079   -6.64280  1.000 489.49161 ? 133 DC B "O5'" 1 
ATOM 231 C "C5'" . DC B 2 3  ? 7.98131   3.03544   -7.32609  1.000 491.38837 ? 133 DC B "C5'" 1 
ATOM 232 C "C4'" . DC B 2 3  ? 7.00551   1.91552   -7.60859  1.000 487.88787 ? 133 DC B "C4'" 1 
ATOM 233 O "O4'" . DC B 2 3  ? 7.40832   0.70699   -6.91134  1.000 487.99737 ? 133 DC B "O4'" 1 
ATOM 234 C "C3'" . DC B 2 3  ? 5.59011   2.18312   -7.14540  1.000 483.47871 ? 133 DC B "C3'" 1 
ATOM 235 O "O3'" . DC B 2 3  ? 4.71689   1.45909   -7.97011  1.000 481.22209 ? 133 DC B "O3'" 1 
ATOM 236 C "C2'" . DC B 2 3  ? 5.61142   1.63031   -5.71608  1.000 482.07982 ? 133 DC B "C2'" 1 
ATOM 237 C "C1'" . DC B 2 3  ? 6.45311   0.38095   -5.90781  1.000 484.08194 ? 133 DC B "C1'" 1 
ATOM 238 N N1    . DC B 2 3  ? 7.21513   -0.05927  -4.70323  1.000 485.60214 ? 133 DC B N1    1 
ATOM 239 C C2    . DC B 2 3  ? 7.67598   -1.37184  -4.64982  1.000 486.54471 ? 133 DC B C2    1 
ATOM 240 O O2    . DC B 2 3  ? 7.39495   -2.13026  -5.58563  1.000 485.74213 ? 133 DC B O2    1 
ATOM 241 N N3    . DC B 2 3  ? 8.39984   -1.77636  -3.57775  1.000 488.49315 ? 133 DC B N3    1 
ATOM 242 C C4    . DC B 2 3  ? 8.67132   -0.91355  -2.59491  1.000 489.47914 ? 133 DC B C4    1 
ATOM 243 N N4    . DC B 2 3  ? 9.38747   -1.35477  -1.55670  1.000 491.79838 ? 133 DC B N4    1 
ATOM 244 C C5    . DC B 2 3  ? 8.21610   0.43836   -2.63412  1.000 488.37238 ? 133 DC B C5    1 
ATOM 245 C C6    . DC B 2 3  ? 7.49316   0.81848   -3.69726  1.000 486.45643 ? 133 DC B C6    1 
ATOM 246 P P     . DA B 2 4  ? 3.15683   1.81415   -8.02198  1.000 483.50258 ? 134 DA B P     1 
ATOM 247 O OP1   . DA B 2 4  ? 2.87678   2.41760   -9.34349  1.000 484.65396 ? 134 DA B OP1   1 
ATOM 248 O OP2   . DA B 2 4  ? 2.82400   2.55667   -6.78575  1.000 482.04437 ? 134 DA B OP2   1 
ATOM 249 O "O5'" . DA B 2 4  ? 2.46482   0.37936   -7.92707  1.000 480.55589 ? 134 DA B "O5'" 1 
ATOM 250 C "C5'" . DA B 2 4  ? 2.81692   -0.48366  -6.86217  1.000 479.77249 ? 134 DA B "C5'" 1 
ATOM 251 C "C4'" . DA B 2 4  ? 2.28959   -1.88404  -7.08866  1.000 477.58429 ? 134 DA B "C4'" 1 
ATOM 252 O "O4'" . DA B 2 4  ? 3.19104   -2.81854  -6.45592  1.000 478.83666 ? 134 DA B "O4'" 1 
ATOM 253 C "C3'" . DA B 2 4  ? 0.94260   -2.15857  -6.44331  1.000 473.27865 ? 134 DA B "C3'" 1 
ATOM 254 O "O3'" . DA B 2 4  ? 0.33353   -3.30826  -7.02242  1.000 471.48815 ? 134 DA B "O3'" 1 
ATOM 255 C "C2'" . DA B 2 4  ? 1.35343   -2.44535  -5.01429  1.000 472.71131 ? 134 DA B "C2'" 1 
ATOM 256 C "C1'" . DA B 2 4  ? 2.62472   -3.26402  -5.23825  1.000 475.86524 ? 134 DA B "C1'" 1 
ATOM 257 N N9    . DA B 2 4  ? 3.60642   -3.10642  -4.16935  1.000 477.99562 ? 134 DA B N9    1 
ATOM 258 C C8    . DA B 2 4  ? 3.92525   -1.95994  -3.50026  1.000 479.15769 ? 134 DA B C8    1 
ATOM 259 N N7    . DA B 2 4  ? 4.84084   -2.13043  -2.57675  1.000 481.36615 ? 134 DA B N7    1 
ATOM 260 C C5    . DA B 2 4  ? 5.13649   -3.47572  -2.64468  1.000 481.70212 ? 134 DA B C5    1 
ATOM 261 C C6    . DA B 2 4  ? 6.02701   -4.29435  -1.93251  1.000 484.06670 ? 134 DA B C6    1 
ATOM 262 N N6    . DA B 2 4  ? 6.81762   -3.82586  -0.96053  1.000 486.75717 ? 134 DA B N6    1 
ATOM 263 N N1    . DA B 2 4  ? 6.07640   -5.60451  -2.24849  1.000 483.87072 ? 134 DA B N1    1 
ATOM 264 C C2    . DA B 2 4  ? 5.28118   -6.06042  -3.22413  1.000 481.36883 ? 134 DA B C2    1 
ATOM 265 N N3    . DA B 2 4  ? 4.40148   -5.39199  -3.96237  1.000 479.14959 ? 134 DA B N3    1 
ATOM 266 C C4    . DA B 2 4  ? 4.37640   -4.09971  -3.62432  1.000 479.48298 ? 134 DA B C4    1 
ATOM 267 P P     . DC B 2 5  ? -0.93067  -3.16621  -8.00795  1.000 467.42710 ? 135 DC B P     1 
ATOM 268 O OP1   . DC B 2 5  ? -0.93719  -4.36663  -8.86928  1.000 467.39684 ? 135 DC B OP1   1 
ATOM 269 O OP2   . DC B 2 5  ? -0.88192  -1.82796  -8.62616  1.000 469.43859 ? 135 DC B OP2   1 
ATOM 270 O "O5'" . DC B 2 5  ? -2.21712  -3.22927  -7.05159  1.000 463.48615 ? 135 DC B "O5'" 1 
ATOM 271 C "C5'" . DC B 2 5  ? -2.36683  -2.30583  -5.97955  1.000 462.74767 ? 135 DC B "C5'" 1 
ATOM 272 C "C4'" . DC B 2 5  ? -3.71766  -1.62039  -6.02243  1.000 460.84314 ? 135 DC B "C4'" 1 
ATOM 273 O "O4'" . DC B 2 5  ? -3.53971  -0.18584  -5.91437  1.000 462.52581 ? 135 DC B "O4'" 1 
ATOM 274 C "C3'" . DC B 2 5  ? -4.49405  -1.81318  -7.30365  1.000 460.95714 ? 135 DC B "C3'" 1 
ATOM 275 O "O3'" . DC B 2 5  ? -5.86627  -1.58328  -7.05249  1.000 458.71276 ? 135 DC B "O3'" 1 
ATOM 276 C "C2'" . DC B 2 5  ? -3.90196  -0.72237  -8.18492  1.000 464.31356 ? 135 DC B "C2'" 1 
ATOM 277 C "C1'" . DC B 2 5  ? -3.72533  0.41848   -7.18527  1.000 464.52180 ? 135 DC B "C1'" 1 
ATOM 278 N N1    . DC B 2 5  ? -2.54305  1.28234   -7.45040  1.000 467.82919 ? 135 DC B N1    1 
ATOM 279 C C2    . DC B 2 5  ? -2.71697  2.60751   -7.87078  1.000 469.52434 ? 135 DC B C2    1 
ATOM 280 O O2    . DC B 2 5  ? -3.85989  3.04565   -8.04134  1.000 468.49166 ? 135 DC B O2    1 
ATOM 281 N N3    . DC B 2 5  ? -1.61636  3.37368   -8.08909  1.000 472.51522 ? 135 DC B N3    1 
ATOM 282 C C4    . DC B 2 5  ? -0.40146  2.86884   -7.89591  1.000 474.00527 ? 135 DC B C4    1 
ATOM 283 N N4    . DC B 2 5  ? 0.65152   3.66079   -8.11860  1.000 477.15598 ? 135 DC B N4    1 
ATOM 284 C C5    . DC B 2 5  ? -0.20989  1.52855   -7.45930  1.000 472.57668 ? 135 DC B C5    1 
ATOM 285 C C6    . DC B 2 5  ? -1.29342  0.78301   -7.24843  1.000 469.40756 ? 135 DC B C6    1 
ATOM 286 P P     . DC B 2 6  ? -6.98411  -2.20325  -8.02199  1.000 520.49226 ? 136 DC B P     1 
ATOM 287 O OP1   . DC B 2 6  ? -7.79035  -3.15207  -7.22421  1.000 517.10018 ? 136 DC B OP1   1 
ATOM 288 O OP2   . DC B 2 6  ? -6.29900  -2.69164  -9.23971  1.000 522.59099 ? 136 DC B OP2   1 
ATOM 289 O "O5'" . DC B 2 6  ? -7.89483  -0.93885  -8.39852  1.000 521.57074 ? 136 DC B "O5'" 1 
ATOM 290 C "C5'" . DC B 2 6  ? -7.30797  0.36223   -8.48756  1.000 524.06860 ? 136 DC B "C5'" 1 
ATOM 291 C "C4'" . DC B 2 6  ? -7.29778  0.85090   -9.92539  1.000 526.94710 ? 136 DC B "C4'" 1 
ATOM 292 O "O4'" . DC B 2 6  ? -6.12645  1.69087   -10.15339 1.000 529.66981 ? 136 DC B "O4'" 1 
ATOM 293 C "C3'" . DC B 2 6  ? -7.23380  -0.26374  -10.97593 1.000 527.14011 ? 136 DC B "C3'" 1 
ATOM 294 O "O3'" . DC B 2 6  ? -8.18126  -0.02841  -12.01325 1.000 528.35980 ? 136 DC B "O3'" 1 
ATOM 295 C "C2'" . DC B 2 6  ? -5.80174  -0.17716  -11.48787 1.000 529.64089 ? 136 DC B "C2'" 1 
ATOM 296 C "C1'" . DC B 2 6  ? -5.53325  1.31282   -11.37165 1.000 531.69210 ? 136 DC B "C1'" 1 
ATOM 297 N N1    . DC B 2 6  ? -4.07827  1.63857   -11.34182 1.000 533.87604 ? 136 DC B N1    1 
ATOM 298 C C2    . DC B 2 6  ? -3.63188  2.94122   -11.62032 1.000 536.46831 ? 136 DC B C2    1 
ATOM 299 O O2    . DC B 2 6  ? -4.46246  3.82431   -11.86808 1.000 536.93674 ? 136 DC B O2    1 
ATOM 300 N N3    . DC B 2 6  ? -2.28955  3.19047   -11.59459 1.000 538.61823 ? 136 DC B N3    1 
ATOM 301 C C4    . DC B 2 6  ? -1.43357  2.19987   -11.32135 1.000 538.47952 ? 136 DC B C4    1 
ATOM 302 N N4    . DC B 2 6  ? -0.12469  2.47160   -11.30353 1.000 541.03337 ? 136 DC B N4    1 
ATOM 303 C C5    . DC B 2 6  ? -1.87924  0.87820   -11.04880 1.000 535.94721 ? 136 DC B C5    1 
ATOM 304 C C6    . DC B 2 6  ? -3.18850  0.64497   -11.07941 1.000 533.61360 ? 136 DC B C6    1 
ATOM 305 P P     . DG B 2 7  ? -8.69558  -1.24095  -12.93756 1.000 549.95561 ? 137 DG B P     1 
ATOM 306 O OP1   . DG B 2 7  ? -9.75411  -1.95750  -12.18653 1.000 546.48000 ? 137 DG B OP1   1 
ATOM 307 O OP2   . DG B 2 7  ? -7.50360  -1.96853  -13.44033 1.000 550.60735 ? 137 DG B OP2   1 
ATOM 308 O "O5'" . DG B 2 7  ? -9.37127  -0.50447  -14.19197 1.000 553.05994 ? 137 DG B "O5'" 1 
ATOM 309 C "C5'" . DG B 2 7  ? -10.38860 0.49322   -13.98865 1.000 553.88388 ? 137 DG B "C5'" 1 
ATOM 310 C "C4'" . DG B 2 7  ? -9.90768  1.87914   -14.41293 1.000 557.20669 ? 137 DG B "C4'" 1 
ATOM 311 O "O4'" . DG B 2 7  ? -8.52702  2.06906   -14.00217 1.000 557.48765 ? 137 DG B "O4'" 1 
ATOM 312 C "C3'" . DG B 2 7  ? -9.93830  2.16417   -15.91674 1.000 560.34351 ? 137 DG B "C3'" 1 
ATOM 313 O "O3'" . DG B 2 7  ? -10.29671 3.53098   -16.14361 1.000 562.90489 ? 137 DG B "O3'" 1 
ATOM 314 C "C2'" . DG B 2 7  ? -8.49756  1.88820   -16.33824 1.000 561.25387 ? 137 DG B "C2'" 1 
ATOM 315 C "C1'" . DG B 2 7  ? -7.73487  2.39629   -15.12464 1.000 559.52514 ? 137 DG B "C1'" 1 
ATOM 316 N N9    . DG B 2 7  ? -6.42564  1.77915   -14.94369 1.000 557.66735 ? 137 DG B N9    1 
ATOM 317 C C8    . DG B 2 7  ? -6.16427  0.46719   -14.63868 1.000 555.69375 ? 137 DG B C8    1 
ATOM 318 N N7    . DG B 2 7  ? -4.89133  0.20269   -14.52534 1.000 555.56161 ? 137 DG B N7    1 
ATOM 319 C C5    . DG B 2 7  ? -4.27132  1.42238   -14.76002 1.000 558.20443 ? 137 DG B C5    1 
ATOM 320 C C6    . DG B 2 7  ? -2.89846  1.75995   -14.77182 1.000 560.37593 ? 137 DG B C6    1 
ATOM 321 O O6    . DG B 2 7  ? -1.92402  1.02173   -14.56703 1.000 560.62055 ? 137 DG B O6    1 
ATOM 322 N N1    . DG B 2 7  ? -2.70524  3.11225   -15.05955 1.000 562.70411 ? 137 DG B N1    1 
ATOM 323 C C2    . DG B 2 7  ? -3.71439  4.01642   -15.30226 1.000 563.03509 ? 137 DG B C2    1 
ATOM 324 N N2    . DG B 2 7  ? -3.33997  5.27634   -15.56239 1.000 565.51098 ? 137 DG B N2    1 
ATOM 325 N N3    . DG B 2 7  ? -5.00222  3.70794   -15.29456 1.000 561.30902 ? 137 DG B N3    1 
ATOM 326 C C4    . DG B 2 7  ? -5.20548  2.40104   -15.01680 1.000 558.87477 ? 137 DG B C4    1 
ATOM 327 P P     . DT B 2 8  ? -10.98114 3.98674   -17.52715 1.000 560.83846 ? 138 DT B P     1 
ATOM 328 O OP1   . DT B 2 8  ? -12.02859 4.97444   -17.19395 1.000 562.00886 ? 138 DT B OP1   1 
ATOM 329 O OP2   . DT B 2 8  ? -11.35881 2.77971   -18.29269 1.000 560.15376 ? 138 DT B OP2   1 
ATOM 330 O "O5'" . DT B 2 8  ? -9.80532  4.72902   -18.31588 1.000 563.56190 ? 138 DT B "O5'" 1 
ATOM 331 C "C5'" . DT B 2 8  ? -9.04975  4.02641   -19.28325 1.000 564.18210 ? 138 DT B "C5'" 1 
ATOM 332 C "C4'" . DT B 2 8  ? -7.67529  4.63680   -19.41694 1.000 564.61008 ? 138 DT B "C4'" 1 
ATOM 333 O "O4'" . DT B 2 8  ? -6.82880  4.14744   -18.35847 1.000 561.59335 ? 138 DT B "O4'" 1 
ATOM 334 C "C3'" . DT B 2 8  ? -6.93759  4.27102   -20.68289 1.000 566.13052 ? 138 DT B "C3'" 1 
ATOM 335 O "O3'" . DT B 2 8  ? -7.35604  5.12227   -21.74508 1.000 569.08131 ? 138 DT B "O3'" 1 
ATOM 336 C "C2'" . DT B 2 8  ? -5.48592  4.53477   -20.28403 1.000 564.47189 ? 138 DT B "C2'" 1 
ATOM 337 C "C1'" . DT B 2 8  ? -5.47964  4.20493   -18.78389 1.000 561.46307 ? 138 DT B "C1'" 1 
ATOM 338 N N1    . DT B 2 8  ? -4.80213  2.90854   -18.44669 1.000 559.56580 ? 138 DT B N1    1 
ATOM 339 C C2    . DT B 2 8  ? -3.42872  2.87669   -18.33942 1.000 560.68710 ? 138 DT B C2    1 
ATOM 340 O O2    . DT B 2 8  ? -2.72044  3.85532   -18.50752 1.000 563.00144 ? 138 DT B O2    1 
ATOM 341 N N3    . DT B 2 8  ? -2.90467  1.65175   -18.02222 1.000 559.22199 ? 138 DT B N3    1 
ATOM 342 C C4    . DT B 2 8  ? -3.59484  0.47442   -17.80789 1.000 556.57917 ? 138 DT B C4    1 
ATOM 343 O O4    . DT B 2 8  ? -3.02366  -0.57941  -17.52659 1.000 555.60878 ? 138 DT B O4    1 
ATOM 344 C C5    . DT B 2 8  ? -5.03252  0.57217   -17.93494 1.000 555.86065 ? 138 DT B C5    1 
ATOM 345 C C7    . DT B 2 8  ? -5.88873  -0.64026  -17.72881 1.000 554.57035 ? 138 DT B C7    1 
ATOM 346 C C6    . DT B 2 8  ? -5.56078  1.77126   -18.24662 1.000 557.90209 ? 138 DT B C6    1 
ATOM 347 O "O5'" . DT C 3 1  ? -16.96651 21.62709  2.24406   1.000 659.65625 ? 202 DT D "O5'" 1 
ATOM 348 C "C5'" . DT C 3 1  ? -16.64410 20.84453  3.39052   1.000 651.59661 ? 202 DT D "C5'" 1 
ATOM 349 C "C4'" . DT C 3 1  ? -15.35398 21.32250  4.03085   1.000 659.55295 ? 202 DT D "C4'" 1 
ATOM 350 O "O4'" . DT C 3 1  ? -15.07035 20.51288  5.20660   1.000 657.40163 ? 202 DT D "O4'" 1 
ATOM 351 C "C3'" . DT C 3 1  ? -14.11984 21.20112  3.14612   1.000 664.23687 ? 202 DT D "C3'" 1 
ATOM 352 O "O3'" . DT C 3 1  ? -13.20579 22.24008  3.45073   1.000 672.61158 ? 202 DT D "O3'" 1 
ATOM 353 C "C2'" . DT C 3 1  ? -13.56653 19.84478  3.55408   1.000 661.57680 ? 202 DT D "C2'" 1 
ATOM 354 C "C1'" . DT C 3 1  ? -13.81494 19.88215  5.05077   1.000 660.56309 ? 202 DT D "C1'" 1 
ATOM 355 N N1    . DT C 3 1  ? -13.87231 18.53044  5.67943   1.000 472.39396 ? 202 DT D N1    1 
ATOM 356 C C2    . DT C 3 1  ? -13.38577 18.36035  6.95407   1.000 470.39470 ? 202 DT D C2    1 
ATOM 357 O O2    . DT C 3 1  ? -12.90849 19.26475  7.61163   1.000 473.84477 ? 202 DT D O2    1 
ATOM 358 N N3    . DT C 3 1  ? -13.47770 17.08047  7.43658   1.000 464.52994 ? 202 DT D N3    1 
ATOM 359 C C4    . DT C 3 1  ? -13.99993 15.97622  6.78743   1.000 460.55336 ? 202 DT D C4    1 
ATOM 360 O O4    . DT C 3 1  ? -14.03800 14.86222  7.30529   1.000 455.77923 ? 202 DT D O4    1 
ATOM 361 C C5    . DT C 3 1  ? -14.48584 16.22596  5.45176   1.000 462.86272 ? 202 DT D C5    1 
ATOM 362 C C7    . DT C 3 1  ? -15.06911 15.10586  4.64716   1.000 459.29661 ? 202 DT D C7    1 
ATOM 363 C C6    . DT C 3 1  ? -14.39934 17.47527  4.96690   1.000 468.60981 ? 202 DT D C6    1 
ATOM 364 P P     . DC C 3 2  ? -12.06910 22.64936  2.39248   1.000 559.02192 ? 203 DC D P     1 
ATOM 365 O OP1   . DC C 3 2  ? -12.74492 23.34665  1.27624   1.000 566.26595 ? 203 DC D OP1   1 
ATOM 366 O OP2   . DC C 3 2  ? -11.23755 21.45596  2.12136   1.000 556.15760 ? 203 DC D OP2   1 
ATOM 367 O "O5'" . DC C 3 2  ? -11.16010 23.69918  3.18747   1.000 564.35164 ? 203 DC D "O5'" 1 
ATOM 368 C "C5'" . DC C 3 2  ? -9.76168  23.78283  2.91150   1.000 569.21378 ? 203 DC D "C5'" 1 
ATOM 369 C "C4'" . DC C 3 2  ? -8.95104  23.16085  4.03481   1.000 565.75624 ? 203 DC D "C4'" 1 
ATOM 370 O "O4'" . DC C 3 2  ? -9.70072  22.08243  4.62876   1.000 557.16517 ? 203 DC D "O4'" 1 
ATOM 371 C "C3'" . DC C 3 2  ? -7.60686  22.56168  3.60781   1.000 568.02770 ? 203 DC D "C3'" 1 
ATOM 372 O "O3'" . DC C 3 2  ? -6.53828  23.31086  4.16977   1.000 573.80157 ? 203 DC D "O3'" 1 
ATOM 373 C "C2'" . DC C 3 2  ? -7.63146  21.12038  4.14531   1.000 559.91716 ? 203 DC D "C2'" 1 
ATOM 374 C "C1'" . DC C 3 2  ? -8.80146  21.12811  5.12068   1.000 554.24792 ? 203 DC D "C1'" 1 
ATOM 375 N N1    . DC C 3 2  ? -9.50376  19.82230  5.19821   1.000 515.31827 ? 203 DC D N1    1 
ATOM 376 C C2    . DC C 3 2  ? -9.60360  19.16095  6.42570   1.000 509.81399 ? 203 DC D C2    1 
ATOM 377 O O2    . DC C 3 2  ? -9.10886  19.67920  7.43323   1.000 511.45634 ? 203 DC D O2    1 
ATOM 378 N N3    . DC C 3 2  ? -10.24608 17.96757  6.47483   1.000 503.20696 ? 203 DC D N3    1 
ATOM 379 C C4    . DC C 3 2  ? -10.76698 17.44404  5.36400   1.000 501.92671 ? 203 DC D C4    1 
ATOM 380 N N4    . DC C 3 2  ? -11.37883 16.26284  5.45752   1.000 495.77315 ? 203 DC D N4    1 
ATOM 381 C C5    . DC C 3 2  ? -10.66812 18.10119  4.10340   1.000 507.36002 ? 203 DC D C5    1 
ATOM 382 C C6    . DC C 3 2  ? -10.03478 19.27604  4.06822   1.000 513.96553 ? 203 DC D C6    1 
ATOM 383 P P     . DT C 3 3  ? -5.06154  23.20974  3.54394   1.000 556.19403 ? 204 DT D P     1 
ATOM 384 O OP1   . DT C 3 3  ? -4.28166  24.34482  4.08586   1.000 565.02054 ? 204 DT D OP1   1 
ATOM 385 O OP2   . DT C 3 3  ? -5.20180  23.04522  2.07958   1.000 558.93919 ? 204 DT D OP2   1 
ATOM 386 O "O5'" . DT C 3 3  ? -4.48373  21.83985  4.14189   1.000 549.39242 ? 204 DT D "O5'" 1 
ATOM 387 C "C5'" . DT C 3 3  ? -4.00211  20.82297  3.26483   1.000 547.94511 ? 204 DT D "C5'" 1 
ATOM 388 C "C4'" . DT C 3 3  ? -3.07579  19.86575  3.99998   1.000 539.69688 ? 204 DT D "C4'" 1 
ATOM 389 O "O4'" . DT C 3 3  ? -3.83970  18.73261  4.49360   1.000 530.84781 ? 204 DT D "O4'" 1 
ATOM 390 C "C3'" . DT C 3 3  ? -1.98016  19.24862  3.14319   1.000 537.32994 ? 204 DT D "C3'" 1 
ATOM 391 O "O3'" . DT C 3 3  ? -0.88717  18.86632  3.96636   1.000 532.60396 ? 204 DT D "O3'" 1 
ATOM 392 C "C2'" . DT C 3 3  ? -2.68492  18.02727  2.58577   1.000 531.39218 ? 204 DT D "C2'" 1 
ATOM 393 C "C1'" . DT C 3 3  ? -3.41289  17.55456  3.82929   1.000 524.65626 ? 204 DT D "C1'" 1 
ATOM 394 N N1    . DT C 3 3  ? -4.59129  16.73982  3.53175   1.000 430.22943 ? 204 DT D N1    1 
ATOM 395 C C2    . DT C 3 3  ? -4.76718  15.54563  4.18694   1.000 423.33926 ? 204 DT D C2    1 
ATOM 396 O O2    . DT C 3 3  ? -3.98514  15.11771  5.01663   1.000 422.71004 ? 204 DT D O2    1 
ATOM 397 N N3    . DT C 3 3  ? -5.89945  14.86724  3.83861   1.000 417.61508 ? 204 DT D N3    1 
ATOM 398 C C4    . DT C 3 3  ? -6.84936  15.25710  2.91381   1.000 418.09691 ? 204 DT D C4    1 
ATOM 399 O O4    . DT C 3 3  ? -7.83748  14.57665  2.66923   1.000 413.02974 ? 204 DT D O4    1 
ATOM 400 C C5    . DT C 3 3  ? -6.59691  16.52325  2.26143   1.000 425.46670 ? 204 DT D C5    1 
ATOM 401 C C7    . DT C 3 3  ? -7.55443  17.05766  1.23943   1.000 427.14614 ? 204 DT D C7    1 
ATOM 402 C C6    . DT C 3 3  ? -5.49254  17.19154  2.59735   1.000 431.12952 ? 204 DT D C6    1 
ATOM 403 P P     . DA C 3 4  ? 0.38829   18.13180  3.32224   1.000 453.77073 ? 205 DA D P     1 
ATOM 404 O OP1   . DA C 3 4  ? 1.54943   18.35550  4.21009   1.000 457.97822 ? 205 DA D OP1   1 
ATOM 405 O OP2   . DA C 3 4  ? 0.46457   18.57425  1.91544   1.000 459.87485 ? 205 DA D OP2   1 
ATOM 406 O "O5'" . DA C 3 4  ? -0.00612  16.57532  3.30853   1.000 445.29316 ? 205 DA D "O5'" 1 
ATOM 407 C "C5'" . DA C 3 4  ? -0.25204  15.88390  4.53144   1.000 438.40661 ? 205 DA D "C5'" 1 
ATOM 408 C "C4'" . DA C 3 4  ? -0.13257  14.37511  4.35126   1.000 433.36216 ? 205 DA D "C4'" 1 
ATOM 409 O "O4'" . DA C 3 4  ? -1.45061  13.79093  4.18727   1.000 425.90475 ? 205 DA D "O4'" 1 
ATOM 410 C "C3'" . DA C 3 4  ? 0.68290   13.91018  3.14227   1.000 438.05169 ? 205 DA D "C3'" 1 
ATOM 411 O "O3'" . DA C 3 4  ? 1.42788   12.73967  3.49192   1.000 436.19714 ? 205 DA D "O3'" 1 
ATOM 412 C "C2'" . DA C 3 4  ? -0.40287  13.58979  2.11748   1.000 434.50642 ? 205 DA D "C2'" 1 
ATOM 413 C "C1'" . DA C 3 4  ? -1.46319  12.99464  3.02279   1.000 425.54442 ? 205 DA D "C1'" 1 
ATOM 414 N N9    . DA C 3 4  ? -2.80916  13.02346  2.47379   1.000 421.55113 ? 205 DA D N9    1 
ATOM 415 C C8    . DA C 3 4  ? -3.35793  13.97721  1.66213   1.000 425.00474 ? 205 DA D C8    1 
ATOM 416 N N7    . DA C 3 4  ? -4.60717  13.73557  1.33898   1.000 420.24632 ? 205 DA D N7    1 
ATOM 417 C C5    . DA C 3 4  ? -4.89416  12.54503  1.99370   1.000 413.24591 ? 205 DA D C5    1 
ATOM 418 C C6    . DA C 3 4  ? -6.05521  11.74671  2.06371   1.000 406.35607 ? 205 DA D C6    1 
ATOM 419 N N6    . DA C 3 4  ? -7.19768  12.04507  1.43664   1.000 405.23451 ? 205 DA D N6    1 
ATOM 420 N N1    . DA C 3 4  ? -5.99639  10.61849  2.80611   1.000 401.11282 ? 205 DA D N1    1 
ATOM 421 C C2    . DA C 3 4  ? -4.85623  10.31935  3.43286   1.000 402.58340 ? 205 DA D C2    1 
ATOM 422 N N3    . DA C 3 4  ? -3.70936  10.98862  3.44463   1.000 408.79799 ? 205 DA D N3    1 
ATOM 423 C C4    . DA C 3 4  ? -3.79647  12.10056  2.69827   1.000 413.96108 ? 205 DA D C4    1 
ATOM 424 P P     . DT C 3 5  ? 2.68743   12.26609  2.61063   1.000 454.54772 ? 206 DT D P     1 
ATOM 425 O OP1   . DT C 3 5  ? 3.90357   12.45377  3.43335   1.000 460.85715 ? 206 DT D OP1   1 
ATOM 426 O OP2   . DT C 3 5  ? 2.60205   12.90528  1.28041   1.000 461.65202 ? 206 DT D OP2   1 
ATOM 427 O "O5'" . DT C 3 5  ? 2.44288   10.69714  2.41615   1.000 445.98946 ? 206 DT D "O5'" 1 
ATOM 428 C "C5'" . DT C 3 5  ? 2.47176   9.83365   3.54497   1.000 441.54658 ? 206 DT D "C5'" 1 
ATOM 429 C "C4'" . DT C 3 5  ? 1.70088   8.55406   3.27643   1.000 434.50440 ? 206 DT D "C4'" 1 
ATOM 430 O "O4'" . DT C 3 5  ? 0.32598   8.86873   2.92510   1.000 431.14316 ? 206 DT D "O4'" 1 
ATOM 431 C "C3'" . DT C 3 5  ? 2.23932   7.69433   2.13134   1.000 433.37099 ? 206 DT D "C3'" 1 
ATOM 432 O "O3'" . DT C 3 5  ? 2.15918   6.32749   2.49507   1.000 429.88436 ? 206 DT D "O3'" 1 
ATOM 433 C "C2'" . DT C 3 5  ? 1.27329   8.01205   0.99208   1.000 430.66985 ? 206 DT D "C2'" 1 
ATOM 434 C "C1'" . DT C 3 5  ? -0.02179  8.14567   1.76854   1.000 429.72968 ? 206 DT D "C1'" 1 
ATOM 435 N N1    . DT C 3 5  ? -1.10044  8.87611   1.04516   1.000 434.13895 ? 206 DT D N1    1 
ATOM 436 C C2    . DT C 3 5  ? -2.38535  8.39725   1.11175   1.000 432.74847 ? 206 DT D C2    1 
ATOM 437 O O2    . DT C 3 5  ? -2.69351  7.39829   1.73781   1.000 428.19569 ? 206 DT D O2    1 
ATOM 438 N N3    . DT C 3 5  ? -3.30916  9.12923   0.41824   1.000 437.42805 ? 206 DT D N3    1 
ATOM 439 C C4    . DT C 3 5  ? -3.08308  10.27328  -0.32406  1.000 443.28573 ? 206 DT D C4    1 
ATOM 440 O O4    . DT C 3 5  ? -3.98721  10.85941  -0.91334  1.000 447.51235 ? 206 DT D O4    1 
ATOM 441 C C5    . DT C 3 5  ? -1.70997  10.72480  -0.35511  1.000 444.68267 ? 206 DT D C5    1 
ATOM 442 C C7    . DT C 3 5  ? -1.33798  11.95497  -1.12801  1.000 451.73595 ? 206 DT D C7    1 
ATOM 443 C C6    . DT C 3 5  ? -0.79450  10.01203  0.32346   1.000 440.09864 ? 206 DT D C6    1 
ATOM 444 P P     . DG C 3 6  ? 3.48251   5.49590   2.86281   1.000 456.39228 ? 207 DG D P     1 
ATOM 445 O OP1   . DG C 3 6  ? 3.67111   5.57532   4.32976   1.000 453.21251 ? 207 DG D OP1   1 
ATOM 446 O OP2   . DG C 3 6  ? 4.56455   5.93134   1.95133   1.000 465.68527 ? 207 DG D OP2   1 
ATOM 447 O "O5'" . DG C 3 6  ? 3.08910   3.99465   2.47880   1.000 449.84352 ? 207 DG D "O5'" 1 
ATOM 448 C "C5'" . DG C 3 6  ? 1.84549   3.45742   2.91909   1.000 444.43873 ? 207 DG D "C5'" 1 
ATOM 449 C "C4'" . DG C 3 6  ? 1.00957   2.96758   1.74454   1.000 438.00560 ? 207 DG D "C4'" 1 
ATOM 450 O "O4'" . DG C 3 6  ? 0.38293   4.08238   1.07862   1.000 438.45942 ? 207 DG D "O4'" 1 
ATOM 451 C "C3'" . DG C 3 6  ? 1.78645   2.23258   0.64797   1.000 438.25491 ? 207 DG D "C3'" 1 
ATOM 452 O "O3'" . DG C 3 6  ? 1.64468   0.81681   0.80894   1.000 433.91133 ? 207 DG D "O3'" 1 
ATOM 453 C "C2'" . DG C 3 6  ? 1.14716   2.72874   -0.66686  1.000 446.35373 ? 207 DG D "C2'" 1 
ATOM 454 C "C1'" . DG C 3 6  ? 0.01398   3.64438   -0.20008  1.000 443.81415 ? 207 DG D "C1'" 1 
ATOM 455 N N9    . DG C 3 6  ? -0.20621  4.80203   -1.07358  1.000 449.09955 ? 207 DG D N9    1 
ATOM 456 C C8    . DG C 3 6  ? 0.74649   5.64826   -1.59130  1.000 453.07566 ? 207 DG D C8    1 
ATOM 457 N N7    . DG C 3 6  ? 0.25152   6.58576   -2.35616  1.000 457.97842 ? 207 DG D N7    1 
ATOM 458 C C5    . DG C 3 6  ? -1.11538  6.34425   -2.35173  1.000 457.16756 ? 207 DG D C5    1 
ATOM 459 C C6    . DG C 3 6  ? -2.16929  7.03657   -3.00353  1.000 461.51670 ? 207 DG D C6    1 
ATOM 460 O O6    . DG C 3 6  ? -2.09727  8.03656   -3.74121  1.000 467.27042 ? 207 DG D O6    1 
ATOM 461 N N1    . DG C 3 6  ? -3.40634  6.45818   -2.73103  1.000 459.38617 ? 207 DG D N1    1 
ATOM 462 C C2    . DG C 3 6  ? -3.59904  5.35288   -1.93155  1.000 454.04283 ? 207 DG D C2    1 
ATOM 463 N N2    . DG C 3 6  ? -4.86250  4.93853   -1.78434  1.000 453.53124 ? 207 DG D N2    1 
ATOM 464 N N3    . DG C 3 6  ? -2.62261  4.69795   -1.31692  1.000 450.07016 ? 207 DG D N3    1 
ATOM 465 C C4    . DG C 3 6  ? -1.41293  5.24540   -1.57035  1.000 451.79516 ? 207 DG D C4    1 
ATOM 466 P P     . DT C 3 7  ? 2.68477   -0.24318  0.13792   1.000 431.36921 ? 208 DT D P     1 
ATOM 467 O OP1   . DT C 3 7  ? 3.35343   -0.99058  1.23334   1.000 430.47384 ? 208 DT D OP1   1 
ATOM 468 O OP2   . DT C 3 7  ? 3.50903   0.43887   -0.90080  1.000 439.34826 ? 208 DT D OP2   1 
ATOM 469 O "O5'" . DT C 3 7  ? 1.71803   -1.25607  -0.62164  1.000 426.61115 ? 208 DT D "O5'" 1 
ATOM 470 C "C5'" . DT C 3 7  ? 0.95554   -0.82723  -1.76321  1.000 426.90202 ? 208 DT D "C5'" 1 
ATOM 471 C "C4'" . DT C 3 7  ? -0.52201  -0.99550  -1.49729  1.000 419.64589 ? 208 DT D "C4'" 1 
ATOM 472 O "O4'" . DT C 3 7  ? -1.11368  0.28534   -1.17869  1.000 419.19299 ? 208 DT D "O4'" 1 
ATOM 473 C "C3'" . DT C 3 7  ? -1.32697  -1.52931  -2.68161  1.000 418.26124 ? 208 DT D "C3'" 1 
ATOM 474 O "O3'" . DT C 3 7  ? -1.34116  -2.96936  -2.70632  1.000 415.53086 ? 208 DT D "O3'" 1 
ATOM 475 C "C2'" . DT C 3 7  ? -2.69560  -0.90909  -2.46665  1.000 413.73413 ? 208 DT D "C2'" 1 
ATOM 476 C "C1'" . DT C 3 7  ? -2.35005  0.44839   -1.86833  1.000 416.42191 ? 208 DT D "C1'" 1 
ATOM 477 N N1    . DT C 3 7  ? -2.18131  1.54181   -2.84668  1.000 422.07781 ? 208 DT D N1    1 
ATOM 478 C C2    . DT C 3 7  ? -3.30508  2.13854   -3.36884  1.000 420.66678 ? 208 DT D C2    1 
ATOM 479 O O2    . DT C 3 7  ? -4.43943  1.79799   -3.07454  1.000 415.00371 ? 208 DT D O2    1 
ATOM 480 N N3    . DT C 3 7  ? -3.05192  3.15552   -4.25529  1.000 426.67761 ? 208 DT D N3    1 
ATOM 481 C C4    . DT C 3 7  ? -1.81660  3.62733   -4.65487  1.000 433.97102 ? 208 DT D C4    1 
ATOM 482 O O4    . DT C 3 7  ? -1.74398  4.55327   -5.45540  1.000 439.33213 ? 208 DT D O4    1 
ATOM 483 C C5    . DT C 3 7  ? -0.68201  2.95773   -4.06422  1.000 435.12530 ? 208 DT D C5    1 
ATOM 484 C C7    . DT C 3 7  ? 0.69682   3.40008   -4.43663  1.000 443.47833 ? 208 DT D C7    1 
ATOM 485 C C6    . DT C 3 7  ? -0.91846  1.96178   -3.20241  1.000 429.12528 ? 208 DT D C6    1 
ATOM 486 P P     . DG C 3 8  ? -2.14621  -3.86362  -1.60555  1.000 400.75560 ? 209 DG D P     1 
ATOM 487 O OP1   . DG C 3 8  ? -3.56195  -3.98602  -2.00914  1.000 396.41924 ? 209 DG D OP1   1 
ATOM 488 O OP2   . DG C 3 8  ? -1.81835  -3.39131  -0.24497  1.000 399.76517 ? 209 DG D OP2   1 
ATOM 489 O "O5'" . DG C 3 8  ? -1.45758  -5.29964  -1.73335  1.000 401.42121 ? 209 DG D "O5'" 1 
ATOM 490 C "C5'" . DG C 3 8  ? -1.36541  -5.93391  -3.00188  1.000 403.80406 ? 209 DG D "C5'" 1 
ATOM 491 C "C4'" . DG C 3 8  ? -0.29135  -7.00798  -2.99428  1.000 406.54194 ? 209 DG D "C4'" 1 
ATOM 492 O "O4'" . DG C 3 8  ? 1.01276   -6.38894  -3.07688  1.000 412.99979 ? 209 DG D "O4'" 1 
ATOM 493 C "C3'" . DG C 3 8  ? -0.25149  -7.86912  -1.74572  1.000 402.79838 ? 209 DG D "C3'" 1 
ATOM 494 O "O3'" . DG C 3 8  ? -1.13942  -8.97505  -1.90527  1.000 398.54049 ? 209 DG D "O3'" 1 
ATOM 495 C "C2'" . DG C 3 8  ? 1.20786   -8.31882  -1.70238  1.000 408.17055 ? 209 DG D "C2'" 1 
ATOM 496 C "C1'" . DG C 3 8  ? 1.94529   -7.11945  -2.30502  1.000 414.19594 ? 209 DG D "C1'" 1 
ATOM 497 N N9    . DG C 3 8  ? 2.52798   -6.21328  -1.31874  1.000 415.75471 ? 209 DG D N9    1 
ATOM 498 C C8    . DG C 3 8  ? 2.15520   -4.91368  -1.07387  1.000 415.46031 ? 209 DG D C8    1 
ATOM 499 N N7    . DG C 3 8  ? 2.85979   -4.33758  -0.14184  1.000 417.48300 ? 209 DG D N7    1 
ATOM 500 C C5    . DG C 3 8  ? 3.76229   -5.31523  0.25419   1.000 419.29645 ? 209 DG D C5    1 
ATOM 501 C C6    . DG C 3 8  ? 4.78063   -5.27072  1.23315   1.000 422.21001 ? 209 DG D C6    1 
ATOM 502 O O6    . DG C 3 8  ? 5.09479   -4.32627  1.97066   1.000 423.72994 ? 209 DG D O6    1 
ATOM 503 N N1    . DG C 3 8  ? 5.46657   -6.48000  1.31730   1.000 423.70414 ? 209 DG D N1    1 
ATOM 504 C C2    . DG C 3 8  ? 5.20364   -7.58948  0.54911   1.000 422.53116 ? 209 DG D C2    1 
ATOM 505 N N2    . DG C 3 8  ? 5.97200   -8.66611  0.77640   1.000 424.65121 ? 209 DG D N2    1 
ATOM 506 N N3    . DG C 3 8  ? 4.25060   -7.64558  -0.37063  1.000 419.76861 ? 209 DG D N3    1 
ATOM 507 C C4    . DG C 3 8  ? 3.57232   -6.47604  -0.46358  1.000 418.28499 ? 209 DG D C4    1 
ATOM 508 P P     . DG C 3 9  ? -1.22446  -10.13171 -0.79258  1.000 420.42238 ? 210 DG D P     1 
ATOM 509 O OP1   . DG C 3 9  ? -2.58614  -10.70980 -0.85950  1.000 415.29833 ? 210 DG D OP1   1 
ATOM 510 O OP2   . DG C 3 9  ? -0.72748  -9.58241  0.48583   1.000 420.31453 ? 210 DG D OP2   1 
ATOM 511 O "O5'" . DG C 3 9  ? -0.17646  -11.22921 -1.29952  1.000 424.57407 ? 210 DG D "O5'" 1 
ATOM 512 C "C5'" . DG C 3 9  ? 0.08534   -12.37804 -0.50699  1.000 423.39670 ? 210 DG D "C5'" 1 
ATOM 513 C "C4'" . DG C 3 9  ? 1.40819   -12.23577 0.22318   1.000 427.40107 ? 210 DG D "C4'" 1 
ATOM 514 O "O4'" . DG C 3 9  ? 1.74106   -10.84574 0.35348   1.000 429.40381 ? 210 DG D "O4'" 1 
ATOM 515 C "C3'" . DG C 3 9  ? 1.41287   -12.76479 1.64867   1.000 424.76525 ? 210 DG D "C3'" 1 
ATOM 516 O "O3'" . DG C 3 9  ? 1.84818   -14.12023 1.66126   1.000 426.09611 ? 210 DG D "O3'" 1 
ATOM 517 C "C2'" . DG C 3 9  ? 2.40350   -11.84116 2.38718   1.000 428.12453 ? 210 DG D "C2'" 1 
ATOM 518 C "C1'" . DG C 3 9  ? 2.68802   -10.72515 1.38354   1.000 431.68875 ? 210 DG D "C1'" 1 
ATOM 519 N N9    . DG C 3 9  ? 2.63302   -9.36433  1.93523   1.000 425.87041 ? 210 DG D N9    1 
ATOM 520 C C8    . DG C 3 9  ? 1.77931   -8.35564  1.56002   1.000 423.80612 ? 210 DG D C8    1 
ATOM 521 N N7    . DG C 3 9  ? 1.97837   -7.23719  2.19877   1.000 424.70791 ? 210 DG D N7    1 
ATOM 522 C C5    . DG C 3 9  ? 3.03655   -7.51536  3.05430   1.000 427.55347 ? 210 DG D C5    1 
ATOM 523 C C6    . DG C 3 9  ? 3.68800   -6.68310  3.99366   1.000 429.89543 ? 210 DG D C6    1 
ATOM 524 O O6    . DG C 3 9  ? 3.45507   -5.49707  4.26806   1.000 429.87214 ? 210 DG D O6    1 
ATOM 525 N N1    . DG C 3 9  ? 4.71005   -7.35844  4.65216   1.000 432.85347 ? 210 DG D N1    1 
ATOM 526 C C2    . DG C 3 9  ? 5.05185   -8.67154  4.42556   1.000 433.49469 ? 210 DG D C2    1 
ATOM 527 N N2    . DG C 3 9  ? 6.06551   -9.15360  5.15099   1.000 436.90717 ? 210 DG D N2    1 
ATOM 528 N N3    . DG C 3 9  ? 4.44977   -9.45764  3.54786   1.000 431.31489 ? 210 DG D N3    1 
ATOM 529 C C4    . DG C 3 9  ? 3.45077   -8.81990  2.89935   1.000 428.35230 ? 210 DG D C4    1 
ATOM 530 P P     . DC C 3 10 ? 0.85511   -15.28359 2.15447   1.000 444.45185 ? 211 DC D P     1 
ATOM 531 O OP1   . DC C 3 10 ? 1.59732   -16.56311 2.12508   1.000 447.56098 ? 211 DC D OP1   1 
ATOM 532 O OP2   . DC C 3 10 ? -0.39611  -15.16640 1.37578   1.000 440.64298 ? 211 DC D OP2   1 
ATOM 533 O "O5'" . DC C 3 10 ? 0.52464   -14.89008 3.67083   1.000 442.03859 ? 211 DC D "O5'" 1 
ATOM 534 C "C5'" . DC C 3 10 ? 0.54397   -15.88192 4.69118   1.000 440.84564 ? 211 DC D "C5'" 1 
ATOM 535 C "C4'" . DC C 3 10 ? 1.94269   -16.04992 5.26137   1.000 445.62011 ? 211 DC D "C4'" 1 
ATOM 536 O "O4'" . DC C 3 10 ? 2.70875   -14.83891 5.05709   1.000 450.11623 ? 211 DC D "O4'" 1 
ATOM 537 C "C3'" . DC C 3 10 ? 1.98814   -16.35607 6.74713   1.000 444.57873 ? 211 DC D "C3'" 1 
ATOM 538 O "O3'" . DC C 3 10 ? 2.89027   -17.42114 7.00650   1.000 449.29575 ? 211 DC D "O3'" 1 
ATOM 539 C "C2'" . DC C 3 10 ? 2.42921   -15.04848 7.41470   1.000 446.12914 ? 211 DC D "C2'" 1 
ATOM 540 C "C1'" . DC C 3 10 ? 3.00336   -14.20177 6.28651   1.000 450.41998 ? 211 DC D "C1'" 1 
ATOM 541 N N1    . DC C 3 10 ? 2.45619   -12.79639 6.22864   1.000 433.72996 ? 211 DC D N1    1 
ATOM 542 C C2    . DC C 3 10 ? 3.08467   -11.75288 6.93665   1.000 435.94790 ? 211 DC D C2    1 
ATOM 543 O O2    . DC C 3 10 ? 4.07652   -11.99804 7.63103   1.000 439.47099 ? 211 DC D O2    1 
ATOM 544 N N3    . DC C 3 10 ? 2.57650   -10.49815 6.84162   1.000 434.46842 ? 211 DC D N3    1 
ATOM 545 C C4    . DC C 3 10 ? 1.50750   -10.26933 6.08482   1.000 431.04541 ? 211 DC D C4    1 
ATOM 546 N N4    . DC C 3 10 ? 1.03952   -9.02312  6.01858   1.000 430.05459 ? 211 DC D N4    1 
ATOM 547 C C5    . DC C 3 10 ? 0.86151   -11.31080 5.36003   1.000 428.81530 ? 211 DC D C5    1 
ATOM 548 C C6    . DC C 3 10 ? 1.36411   -12.54198 5.45994   1.000 430.22861 ? 211 DC D C6    1 
ATOM 549 P P     . DT C 3 11 ? 2.48830   -18.54150 8.08185   1.000 577.22095 ? 212 DT D P     1 
ATOM 550 O OP1   . DT C 3 11 ? 3.71950   -19.20984 8.55780   1.000 582.63992 ? 212 DT D OP1   1 
ATOM 551 O OP2   . DT C 3 11 ? 1.40544   -19.35272 7.47905   1.000 572.90323 ? 212 DT D OP2   1 
ATOM 552 O "O5'" . DT C 3 11 ? 1.85214   -17.68333 9.26838   1.000 574.47449 ? 212 DT D "O5'" 1 
ATOM 553 C "C5'" . DT C 3 11 ? 2.14642   -17.99824 10.61244  1.000 576.04586 ? 212 DT D "C5'" 1 
ATOM 554 C "C4'" . DT C 3 11 ? 3.35740   -17.22298 11.10173  1.000 580.84249 ? 212 DT D "C4'" 1 
ATOM 555 O "O4'" . DT C 3 11 ? 3.37752   -15.90035 10.49623  1.000 580.76078 ? 212 DT D "O4'" 1 
ATOM 556 C "C3'" . DT C 3 11 ? 3.39206   -16.99182 12.60167  1.000 581.79248 ? 212 DT D "C3'" 1 
ATOM 557 O "O3'" . DT C 3 11 ? 4.73040   -16.96784 13.06708  1.000 587.62207 ? 212 DT D "O3'" 1 
ATOM 558 C "C2'" . DT C 3 11 ? 2.72102   -15.63219 12.74469  1.000 579.28546 ? 212 DT D "C2'" 1 
ATOM 559 C "C1'" . DT C 3 11 ? 3.18397   -14.90356 11.48587  1.000 580.53767 ? 212 DT D "C1'" 1 
ATOM 560 N N1    . DT C 3 11 ? 2.18280   -13.91660 10.95977  1.000 484.05926 ? 212 DT D N1    1 
ATOM 561 C C2    . DT C 3 11 ? 2.34634   -12.56295 11.20055  1.000 484.58311 ? 212 DT D C2    1 
ATOM 562 O O2    . DT C 3 11 ? 3.27761   -12.10257 11.83306  1.000 488.13722 ? 212 DT D O2    1 
ATOM 563 N N3    . DT C 3 11 ? 1.36341   -11.76643 10.66482  1.000 481.10814 ? 212 DT D N3    1 
ATOM 564 C C4    . DT C 3 11 ? 0.26476   -12.18534 9.92803   1.000 477.34547 ? 212 DT D C4    1 
ATOM 565 O O4    . DT C 3 11 ? -0.56652  -11.40645 9.48610   1.000 474.77563 ? 212 DT D O4    1 
ATOM 566 C C5    . DT C 3 11 ? 0.16329   -13.60686 9.71531   1.000 477.05794 ? 212 DT D C5    1 
ATOM 567 C C7    . DT C 3 11 ? -0.98410  -14.17683 8.93271   1.000 473.56540 ? 212 DT D C7    1 
ATOM 568 C C6    . DT C 3 11 ? 1.10731   -14.38844 10.24458  1.000 480.33335 ? 212 DT D C6    1 
ATOM 569 P P     . DG C 3 12 ? 5.03450   -17.14790 14.63433  1.000 687.75551 ? 213 DG D P     1 
ATOM 570 O OP1   . DG C 3 12 ? 6.47371   -17.45714 14.77640  1.000 700.16442 ? 213 DG D OP1   1 
ATOM 571 O OP2   . DG C 3 12 ? 4.02607   -18.07798 15.18804  1.000 684.43626 ? 213 DG D OP2   1 
ATOM 572 O "O5'" . DG C 3 12 ? 4.75047   -15.69805 15.24582  1.000 682.19040 ? 213 DG D "O5'" 1 
ATOM 573 C "C5'" . DG C 3 12 ? 5.45980   -14.57362 14.74704  1.000 684.16528 ? 213 DG D "C5'" 1 
ATOM 574 C "C4'" . DG C 3 12 ? 4.80612   -13.27327 15.18112  1.000 678.98543 ? 213 DG D "C4'" 1 
ATOM 575 O "O4'" . DG C 3 12 ? 3.68550   -12.97207 14.32823  1.000 673.50744 ? 213 DG D "O4'" 1 
ATOM 576 C "C3'" . DG C 3 12 ? 4.26368   -13.25047 16.61466  1.000 676.29147 ? 213 DG D "C3'" 1 
ATOM 577 O "O3'" . DG C 3 12 ? 5.00846   -12.30870 17.37442  1.000 679.15554 ? 213 DG D "O3'" 1 
ATOM 578 C "C2'" . DG C 3 12 ? 2.78543   -12.83266 16.45839  1.000 668.71669 ? 213 DG D "C2'" 1 
ATOM 579 C "C1'" . DG C 3 12 ? 2.76978   -12.21495 15.06877  1.000 668.21505 ? 213 DG D "C1'" 1 
ATOM 580 N N9    . DG C 3 12 ? 1.47012   -12.25704 14.38864  1.000 517.48846 ? 213 DG D N9    1 
ATOM 581 C C8    . DG C 3 12 ? 0.80968   -13.36698 13.91806  1.000 515.21106 ? 213 DG D C8    1 
ATOM 582 N N7    . DG C 3 12 ? -0.32493  -13.09644 13.33377  1.000 511.24669 ? 213 DG D N7    1 
ATOM 583 C C5    . DG C 3 12 ? -0.42979  -11.71863 13.41952  1.000 510.79345 ? 213 DG D C5    1 
ATOM 584 C C6    . DG C 3 12 ? -1.45355  -10.85358 12.96195  1.000 507.53260 ? 213 DG D C6    1 
ATOM 585 O O6    . DG C 3 12 ? -2.50949  -11.14708 12.36831  1.000 504.29329 ? 213 DG D O6    1 
ATOM 586 N N1    . DG C 3 12 ? -1.16243  -9.52233  13.25262  1.000 508.72120 ? 213 DG D N1    1 
ATOM 587 C C2    . DG C 3 12 ? -0.02872  -9.08482  13.90359  1.000 512.63138 ? 213 DG D C2    1 
ATOM 588 N N2    . DG C 3 12 ? 0.07134   -7.76110  14.09179  1.000 513.54974 ? 213 DG D N2    1 
ATOM 589 N N3    . DG C 3 12 ? 0.93854   -9.88463  14.33700  1.000 515.80079 ? 213 DG D N3    1 
ATOM 590 C C4    . DG C 3 12 ? 0.67338   -11.18250 14.06004  1.000 514.61939 ? 213 DG D C4    1 
ATOM 591 P P     . DC C 3 13 ? 4.61916   -11.97596 18.89586  1.000 707.74998 ? 214 DC D P     1 
ATOM 592 O OP1   . DC C 3 13 ? 5.87434   -11.61338 19.59002  1.000 717.34186 ? 214 DC D OP1   1 
ATOM 593 O OP2   . DC C 3 13 ? 3.78359   -13.07486 19.42527  1.000 705.59570 ? 214 DC D OP2   1 
ATOM 594 O "O5'" . DC C 3 13 ? 3.71984   -10.66277 18.76544  1.000 703.99738 ? 214 DC D "O5'" 1 
ATOM 595 C "C5'" . DC C 3 13 ? 4.13184   -9.61523  17.89701  1.000 704.97496 ? 214 DC D "C5'" 1 
ATOM 596 C "C4'" . DC C 3 13 ? 3.05089   -8.55894  17.76829  1.000 701.39324 ? 214 DC D "C4'" 1 
ATOM 597 O "O4'" . DC C 3 13 ? 1.95535   -9.07224  16.96880  1.000 696.13466 ? 214 DC D "O4'" 1 
ATOM 598 C "C3'" . DC C 3 13 ? 2.43561   -8.09469  19.09355  1.000 701.23146 ? 214 DC D "C3'" 1 
ATOM 599 O "O3'" . DC C 3 13 ? 2.46029   -6.67481  19.16732  1.000 701.98494 ? 214 DC D "O3'" 1 
ATOM 600 C "C2'" . DC C 3 13 ? 1.00029   -8.63186  19.04146  1.000 695.54626 ? 214 DC D "C2'" 1 
ATOM 601 C "C1'" . DC C 3 13 ? 0.73977   -8.66458  17.54676  1.000 692.94616 ? 214 DC D "C1'" 1 
ATOM 602 N N1    . DC C 3 13 ? -0.32781  -9.62820  17.13735  1.000 556.10163 ? 214 DC D N1    1 
ATOM 603 C C2    . DC C 3 13 ? -1.55662  -9.14607  16.66502  1.000 552.07591 ? 214 DC D C2    1 
ATOM 604 O O2    . DC C 3 13 ? -1.73872  -7.92326  16.59641  1.000 551.83089 ? 214 DC D O2    1 
ATOM 605 N N3    . DC C 3 13 ? -2.51166  -10.03484 16.28991  1.000 548.96791 ? 214 DC D N3    1 
ATOM 606 C C4    . DC C 3 13 ? -2.27503  -11.34668 16.37635  1.000 549.71684 ? 214 DC D C4    1 
ATOM 607 N N4    . DC C 3 13 ? -3.24473  -12.18568 15.99520  1.000 546.96143 ? 214 DC D N4    1 
ATOM 608 C C5    . DC C 3 13 ? -1.03202  -11.85446 16.85577  1.000 553.73814 ? 214 DC D C5    1 
ATOM 609 C C6    . DC C 3 13 ? -0.09763  -10.96955 17.22310  1.000 556.81554 ? 214 DC D C6    1 
ATOM 610 O "O5'" . DG D 4 1  ? -8.45889  -15.41873 15.45229  1.000 568.41597 ? 100 DG X "O5'" 1 
ATOM 611 C "C5'" . DG D 4 1  ? -9.22676  -15.87718 14.33455  1.000 570.41890 ? 100 DG X "C5'" 1 
ATOM 612 C "C4'" . DG D 4 1  ? -10.71112 -15.62784 14.55726  1.000 572.08937 ? 100 DG X "C4'" 1 
ATOM 613 O "O4'" . DG D 4 1  ? -10.92644 -15.32126 15.95837  1.000 569.37349 ? 100 DG X "O4'" 1 
ATOM 614 C "C3'" . DG D 4 1  ? -11.30438 -14.45804 13.75689  1.000 563.79271 ? 100 DG X "C3'" 1 
ATOM 615 O "O3'" . DG D 4 1  ? -12.59190 -14.80213 13.18625  1.000 565.48455 ? 100 DG X "O3'" 1 
ATOM 616 C "C2'" . DG D 4 1  ? -11.41273 -13.33678 14.79159  1.000 562.45555 ? 100 DG X "C2'" 1 
ATOM 617 C "C1'" . DG D 4 1  ? -11.62128 -14.10575 16.08788  1.000 564.39818 ? 100 DG X "C1'" 1 
ATOM 618 N N9    . DG D 4 1  ? -11.11480 -13.40543 17.26468  1.000 559.64885 ? 100 DG X N9    1 
ATOM 619 C C8    . DG D 4 1  ? -10.16346 -13.85588 18.15078  1.000 559.79203 ? 100 DG X C8    1 
ATOM 620 N N7    . DG D 4 1  ? -9.91731  -13.01440 19.11739  1.000 555.07266 ? 100 DG X N7    1 
ATOM 621 C C5    . DG D 4 1  ? -10.75514 -11.93323 18.85011  1.000 551.61307 ? 100 DG X C5    1 
ATOM 622 C C6    . DG D 4 1  ? -10.92824 -10.71903 19.54932  1.000 546.24384 ? 100 DG X C6    1 
ATOM 623 O O6    . DG D 4 1  ? -10.36952 -10.33305 20.58052  1.000 543.46449 ? 100 DG X O6    1 
ATOM 624 N N1    . DG D 4 1  ? -11.87617 -9.90406  18.93498  1.000 544.21876 ? 100 DG X N1    1 
ATOM 625 C C2    . DG D 4 1  ? -12.56778 -10.22659 17.79171  1.000 546.95497 ? 100 DG X C2    1 
ATOM 626 N N2    . DG D 4 1  ? -13.44236 -9.31291  17.34968  1.000 544.18079 ? 100 DG X N2    1 
ATOM 627 N N3    . DG D 4 1  ? -12.41407 -11.36137 17.13032  1.000 552.12463 ? 100 DG X N3    1 
ATOM 628 C C4    . DG D 4 1  ? -11.49276 -12.16904 17.71181  1.000 554.26423 ? 100 DG X C4    1 
ATOM 629 P P     . DA D 4 2  ? -12.99237 -14.32607 11.69443  1.000 565.04517 ? 101 DA X P     1 
ATOM 630 O OP1   . DA D 4 2  ? -14.46904 -14.30663 11.59753  1.000 567.56661 ? 101 DA X OP1   1 
ATOM 631 O OP2   . DA D 4 2  ? -12.20445 -15.12634 10.73143  1.000 564.44259 ? 101 DA X OP2   1 
ATOM 632 O "O5'" . DA D 4 2  ? -12.46145 -12.82164 11.60464  1.000 556.28963 ? 101 DA X "O5'" 1 
ATOM 633 C "C5'" . DA D 4 2  ? -13.13008 -11.86025 10.78641  1.000 550.15467 ? 101 DA X "C5'" 1 
ATOM 634 C "C4'" . DA D 4 2  ? -12.72848 -10.46424 11.21436  1.000 544.29212 ? 101 DA X "C4'" 1 
ATOM 635 O "O4'" . DA D 4 2  ? -11.95800 -10.57423 12.44424  1.000 547.79356 ? 101 DA X "O4'" 1 
ATOM 636 C "C3'" . DA D 4 2  ? -11.83798 -9.71824  10.22258  1.000 536.07864 ? 101 DA X "C3'" 1 
ATOM 637 O "O3'" . DA D 4 2  ? -12.15339 -8.27269  10.20391  1.000 530.19422 ? 101 DA X "O3'" 1 
ATOM 638 C "C2'" . DA D 4 2  ? -10.42581 -10.04175 10.72279  1.000 536.90779 ? 101 DA X "C2'" 1 
ATOM 639 C "C1'" . DA D 4 2  ? -10.62819 -10.13874 12.23349  1.000 542.97419 ? 101 DA X "C1'" 1 
ATOM 640 N N9    . DA D 4 2  ? -9.68831  -11.03176 12.91464  1.000 548.30336 ? 101 DA X N9    1 
ATOM 641 C C8    . DA D 4 2  ? -9.29838  -12.27848 12.51957  1.000 552.09692 ? 101 DA X C8    1 
ATOM 642 N N7    . DA D 4 2  ? -8.43551  -12.84644 13.33270  1.000 556.91099 ? 101 DA X N7    1 
ATOM 643 C C5    . DA D 4 2  ? -8.22520  -11.89537 14.31623  1.000 556.23234 ? 101 DA X C5    1 
ATOM 644 C C6    . DA D 4 2  ? -7.41038  -11.87829 15.46792  1.000 559.75279 ? 101 DA X C6    1 
ATOM 645 N N6    . DA D 4 2  ? -6.62434  -12.89627 15.83033  1.000 562.72130 ? 101 DA X N6    1 
ATOM 646 N N1    . DA D 4 2  ? -7.43476  -10.76930 16.23493  1.000 554.45830 ? 101 DA X N1    1 
ATOM 647 C C2    . DA D 4 2  ? -8.22681  -9.75579  15.87347  1.000 551.48832 ? 101 DA X C2    1 
ATOM 648 N N3    . DA D 4 2  ? -9.03441  -9.65512  14.81947  1.000 549.11714 ? 101 DA X N3    1 
ATOM 649 C C4    . DA D 4 2  ? -8.98712  -10.76774 14.07176  1.000 550.86904 ? 101 DA X C4    1 
ATOM 650 P P     . DG D 4 3  ? -11.12973 -7.17203  10.78914  1.000 553.48165 ? 102 DG X P     1 
ATOM 651 O OP1   . DG D 4 3  ? -9.84569  -7.24021  10.05556  1.000 556.69546 ? 102 DG X OP1   1 
ATOM 652 O OP2   . DG D 4 3  ? -11.23239 -7.30478  12.25653  1.000 559.37085 ? 102 DG X OP2   1 
ATOM 653 O "O5'" . DG D 4 3  ? -11.77015 -5.74545  10.44726  1.000 547.53130 ? 102 DG X "O5'" 1 
ATOM 654 C "C5'" . DG D 4 3  ? -12.12125 -4.83363  11.51152  1.000 548.11041 ? 102 DG X "C5'" 1 
ATOM 655 C "C4'" . DG D 4 3  ? -10.89604 -4.18525  12.18029  1.000 546.19188 ? 102 DG X "C4'" 1 
ATOM 656 O "O4'" . DG D 4 3  ? -10.18638 -5.14704  13.02028  1.000 552.13310 ? 102 DG X "O4'" 1 
ATOM 657 C "C3'" . DG D 4 3  ? -9.84098  -3.57485  11.24417  1.000 539.09493 ? 102 DG X "C3'" 1 
ATOM 658 O "O3'" . DG D 4 3  ? -9.46368  -2.26502  11.72224  1.000 535.62708 ? 102 DG X "O3'" 1 
ATOM 659 C "C2'" . DG D 4 3  ? -8.68360  -4.56263  11.35039  1.000 541.78593 ? 102 DG X "C2'" 1 
ATOM 660 C "C1'" . DG D 4 3  ? -8.80410  -5.00075  12.79957  1.000 549.06772 ? 102 DG X "C1'" 1 
ATOM 661 N N9    . DG D 4 3  ? -8.10727  -6.25755  13.07925  1.000 554.36665 ? 102 DG X N9    1 
ATOM 662 C C8    . DG D 4 3  ? -8.30658  -7.47420  12.47479  1.000 560.21496 ? 102 DG X C8    1 
ATOM 663 N N7    . DG D 4 3  ? -7.50556  -8.40657  12.90045  1.000 568.23249 ? 102 DG X N7    1 
ATOM 664 C C5    . DG D 4 3  ? -6.72223  -7.77217  13.85307  1.000 566.22895 ? 102 DG X C5    1 
ATOM 665 C C6    . DG D 4 3  ? -5.67222  -8.27849  14.65492  1.000 571.98615 ? 102 DG X C6    1 
ATOM 666 O O6    . DG D 4 3  ? -5.22521  -9.43474  14.69703  1.000 580.04930 ? 102 DG X O6    1 
ATOM 667 N N1    . DG D 4 3  ? -5.13645  -7.29395  15.48035  1.000 567.74169 ? 102 DG X N1    1 
ATOM 668 C C2    . DG D 4 3  ? -5.55632  -5.98529  15.51771  1.000 561.90392 ? 102 DG X C2    1 
ATOM 669 N N2    . DG D 4 3  ? -4.91642  -5.18131  16.37674  1.000 561.82740 ? 102 DG X N2    1 
ATOM 670 N N3    . DG D 4 3  ? -6.53502  -5.49803  14.76860  1.000 557.20847 ? 102 DG X N3    1 
ATOM 671 C C4    . DG D 4 3  ? -7.07412  -6.44562  13.96832  1.000 557.84481 ? 102 DG X C4    1 
ATOM 672 P P     . DC D 4 4  ? -8.07951  -1.56824  11.27113  1.000 495.71396 ? 103 DC X P     1 
ATOM 673 O OP1   . DC D 4 4  ? -8.20066  -0.12877  11.59577  1.000 492.22949 ? 103 DC X OP1   1 
ATOM 674 O OP2   . DC D 4 4  ? -7.76129  -1.98853  9.88420   1.000 491.96889 ? 103 DC X OP2   1 
ATOM 675 O "O5'" . DC D 4 4  ? -6.97504  -2.18534  12.25847  1.000 500.58551 ? 103 DC X "O5'" 1 
ATOM 676 C "C5'" . DC D 4 4  ? -6.19738  -1.32464  13.08870  1.000 500.42748 ? 103 DC X "C5'" 1 
ATOM 677 C "C4'" . DC D 4 4  ? -4.86693  -1.96470  13.44333  1.000 503.34394 ? 103 DC X "C4'" 1 
ATOM 678 O "O4'" . DC D 4 4  ? -4.99858  -3.39295  13.44128  1.000 508.37901 ? 103 DC X "O4'" 1 
ATOM 679 C "C3'" . DC D 4 4  ? -3.73103  -1.67269  12.46696  1.000 497.81893 ? 103 DC X "C3'" 1 
ATOM 680 O "O3'" . DC D 4 4  ? -2.92301  -0.59216  12.94449  1.000 496.06808 ? 103 DC X "O3'" 1 
ATOM 681 C "C2'" . DC D 4 4  ? -2.94048  -2.99146  12.36565  1.000 501.68628 ? 103 DC X "C2'" 1 
ATOM 682 C "C1'" . DC D 4 4  ? -3.72466  -3.95546  13.25516  1.000 509.07687 ? 103 DC X "C1'" 1 
ATOM 683 N N1    . DC D 4 4  ? -3.88936  -5.33389  12.68233  1.000 511.85113 ? 103 DC X N1    1 
ATOM 684 C C2    . DC D 4 4  ? -2.98519  -6.34096  13.03726  1.000 516.89330 ? 103 DC X C2    1 
ATOM 685 O O2    . DC D 4 4  ? -2.05198  -6.06654  13.80241  1.000 518.95844 ? 103 DC X O2    1 
ATOM 686 N N3    . DC D 4 4  ? -3.15423  -7.58868  12.52594  1.000 519.78314 ? 103 DC X N3    1 
ATOM 687 C C4    . DC D 4 4  ? -4.17619  -7.84326  11.70347  1.000 517.99948 ? 103 DC X C4    1 
ATOM 688 N N4    . DC D 4 4  ? -4.30228  -9.08781  11.22593  1.000 521.46642 ? 103 DC X N4    1 
ATOM 689 C C5    . DC D 4 4  ? -5.10852  -6.82907  11.33037  1.000 513.01772 ? 103 DC X C5    1 
ATOM 690 C C6    . DC D 4 4  ? -4.93128  -5.60325  11.84215  1.000 510.04310 ? 103 DC X C6    1 
ATOM 691 P P     . DA D 4 5  ? -2.03008  -0.71225  14.28191  1.000 511.32916 ? 104 DA X P     1 
ATOM 692 O OP1   . DA D 4 5  ? -2.63353  -1.59404  15.30477  1.000 518.99148 ? 104 DA X OP1   1 
ATOM 693 O OP2   . DA D 4 5  ? -1.72029  0.68511   14.63796  1.000 508.65963 ? 104 DA X OP2   1 
ATOM 694 O "O5'" . DA D 4 5  ? -0.65935  -1.37604  13.79834  1.000 511.37164 ? 104 DA X "O5'" 1 
ATOM 695 C "C5'" . DA D 4 5  ? 0.39160   -1.59726  14.74681  1.000 516.77896 ? 104 DA X "C5'" 1 
ATOM 696 C "C4'" . DA D 4 5  ? 1.62438   -2.16718  14.06908  1.000 515.94199 ? 104 DA X "C4'" 1 
ATOM 697 O "O4'" . DA D 4 5  ? 1.35308   -3.52194  13.66354  1.000 518.53537 ? 104 DA X "O4'" 1 
ATOM 698 C "C3'" . DA D 4 5  ? 2.04528   -1.43031  12.80197  1.000 507.95454 ? 104 DA X "C3'" 1 
ATOM 699 O "O3'" . DA D 4 5  ? 3.14410   -0.49723  13.04654  1.000 506.75764 ? 104 DA X "O3'" 1 
ATOM 700 C "C2'" . DA D 4 5  ? 2.41816   -2.53348  11.79940  1.000 507.40639 ? 104 DA X "C2'" 1 
ATOM 701 C "C1'" . DA D 4 5  ? 2.13829   -3.84527  12.54515  1.000 514.98849 ? 104 DA X "C1'" 1 
ATOM 702 N N9    . DA D 4 5  ? 1.40044   -4.81173  11.73557  1.000 514.71692 ? 104 DA X N9    1 
ATOM 703 C C8    . DA D 4 5  ? 0.35610   -4.53542  10.90400  1.000 510.12937 ? 104 DA X C8    1 
ATOM 704 N N7    . DA D 4 5  ? -0.12742  -5.58489  10.29078  1.000 511.62882 ? 104 DA X N7    1 
ATOM 705 C C5    . DA D 4 5  ? 0.65132   -6.63038  10.74853  1.000 517.43894 ? 104 DA X C5    1 
ATOM 706 C C6    . DA D 4 5  ? 0.63409   -8.00726  10.46767  1.000 521.82367 ? 104 DA X C6    1 
ATOM 707 N N6    . DA D 4 5  ? -0.23386  -8.56551  9.62122   1.000 520.97893 ? 104 DA X N6    1 
ATOM 708 N N1    . DA D 4 5  ? 1.54409   -8.78752  11.08623  1.000 527.57120 ? 104 DA X N1    1 
ATOM 709 C C2    . DA D 4 5  ? 2.41585   -8.21561  11.93467  1.000 528.98226 ? 104 DA X C2    1 
ATOM 710 N N3    . DA D 4 5  ? 2.52601   -6.92445  12.28097  1.000 525.39168 ? 104 DA X N3    1 
ATOM 711 C C4    . DA D 4 5  ? 1.60427   -6.17782  11.64382  1.000 519.49007 ? 104 DA X C4    1 
ATOM 712 P P     . DG D 4 6  ? 4.42909   -0.86070  13.95663  1.000 545.65541 ? 105 DG X P     1 
ATOM 713 O OP1   . DG D 4 6  ? 4.04230   -0.90899  15.38385  1.000 552.52360 ? 105 DG X OP1   1 
ATOM 714 O OP2   . DG D 4 6  ? 5.47530   0.10367   13.55272  1.000 541.80496 ? 105 DG X OP2   1 
ATOM 715 O "O5'" . DG D 4 6  ? 4.90430   -2.31455  13.46875  1.000 548.38725 ? 105 DG X "O5'" 1 
ATOM 716 C "C5'" . DG D 4 6  ? 5.12560   -3.34874  14.43556  1.000 556.68882 ? 105 DG X "C5'" 1 
ATOM 717 C "C4'" . DG D 4 6  ? 6.13857   -4.38304  13.94929  1.000 558.89597 ? 105 DG X "C4'" 1 
ATOM 718 O "O4'" . DG D 4 6  ? 5.51450   -5.31468  13.02310  1.000 557.20667 ? 105 DG X "O4'" 1 
ATOM 719 C "C3'" . DG D 4 6  ? 7.36586   -3.82924  13.23619  1.000 554.95522 ? 105 DG X "C3'" 1 
ATOM 720 O "O3'" . DG D 4 6  ? 8.52437   -4.56269  13.65485  1.000 561.00595 ? 105 DG X "O3'" 1 
ATOM 721 C "C2'" . DG D 4 6  ? 7.03918   -4.05590  11.75703  1.000 548.95515 ? 105 DG X "C2'" 1 
ATOM 722 C "C1'" . DG D 4 6  ? 6.22868   -5.34548  11.79805  1.000 552.47385 ? 105 DG X "C1'" 1 
ATOM 723 N N9    . DG D 4 6  ? 5.23722   -5.45690  10.72780  1.000 547.47022 ? 105 DG X N9    1 
ATOM 724 C C8    . DG D 4 6  ? 4.47100   -4.44171  10.22182  1.000 541.20637 ? 105 DG X C8    1 
ATOM 725 N N7    . DG D 4 6  ? 3.63772   -4.82274  9.29814   1.000 538.52986 ? 105 DG X N7    1 
ATOM 726 C C5    . DG D 4 6  ? 3.85856   -6.18791  9.18161   1.000 546.09393 ? 105 DG X C5    1 
ATOM 727 C C6    . DG D 4 6  ? 3.24392   -7.13416  8.33012   1.000 554.04492 ? 105 DG X C6    1 
ATOM 728 O O6    . DG D 4 6  ? 2.35800   -6.93816  7.48845   1.000 554.21639 ? 105 DG X O6    1 
ATOM 729 N N1    . DG D 4 6  ? 3.75525   -8.41745  8.52280   1.000 562.58757 ? 105 DG X N1    1 
ATOM 730 C C2    . DG D 4 6  ? 4.73938   -8.74288  9.42931   1.000 562.79614 ? 105 DG X C2    1 
ATOM 731 N N2    . DG D 4 6  ? 5.10282   -10.03780 9.47158   1.000 571.62931 ? 105 DG X N2    1 
ATOM 732 N N3    . DG D 4 6  ? 5.32759   -7.86048  10.23788  1.000 554.98257 ? 105 DG X N3    1 
ATOM 733 C C4    . DG D 4 6  ? 4.83821   -6.60270  10.05875  1.000 548.77484 ? 105 DG X C4    1 
ATOM 734 P P     . DC D 4 7  ? 10.00519  -4.05297  13.29179  1.000 555.36098 ? 106 DC X P     1 
ATOM 735 O OP1   . DC D 4 7  ? 10.87694  -4.37309  14.44948  1.000 563.72645 ? 106 DC X OP1   1 
ATOM 736 O OP2   . DC D 4 7  ? 9.90580   -2.66001  12.79810  1.000 548.20709 ? 106 DC X OP2   1 
ATOM 737 O "O5'" . DC D 4 7  ? 10.42208  -4.98962  12.06288  1.000 553.39507 ? 106 DC X "O5'" 1 
ATOM 738 C "C5'" . DC D 4 7  ? 10.40738  -6.40172  12.23239  1.000 559.23158 ? 106 DC X "C5'" 1 
ATOM 739 C "C4'" . DC D 4 7  ? 10.01931  -7.12821  10.95079  1.000 557.34933 ? 106 DC X "C4'" 1 
ATOM 740 O "O4'" . DC D 4 7  ? 8.79896   -6.58048  10.38227  1.000 553.50629 ? 106 DC X "O4'" 1 
ATOM 741 C "C3'" . DC D 4 7  ? 11.05872  -7.09881  9.81650   1.000 566.65492 ? 106 DC X "C3'" 1 
ATOM 742 O "O3'" . DC D 4 7  ? 11.37585  -8.43961  9.44871   1.000 575.48769 ? 106 DC X "O3'" 1 
ATOM 743 C "C2'" . DC D 4 7  ? 10.32624  -6.36052  8.68308   1.000 568.06410 ? 106 DC X "C2'" 1 
ATOM 744 C "C1'" . DC D 4 7  ? 8.89622   -6.74336  8.99409   1.000 562.92611 ? 106 DC X "C1'" 1 
ATOM 745 N N1    . DC D 4 7  ? 7.81982   -5.94729  8.29236   1.000 553.40585 ? 106 DC X N1    1 
ATOM 746 C C2    . DC D 4 7  ? 6.96067   -6.61849  7.42534   1.000 559.93112 ? 106 DC X C2    1 
ATOM 747 O O2    . DC D 4 7  ? 7.12440   -7.83137  7.25872   1.000 568.59990 ? 106 DC X O2    1 
ATOM 748 N N3    . DC D 4 7  ? 5.97684   -5.93143  6.79826   1.000 556.78586 ? 106 DC X N3    1 
ATOM 749 C C4    . DC D 4 7  ? 5.83430   -4.62428  7.01866   1.000 547.73236 ? 106 DC X C4    1 
ATOM 750 N N4    . DC D 4 7  ? 4.85014   -3.98811  6.37664   1.000 544.80366 ? 106 DC X N4    1 
ATOM 751 C C5    . DC D 4 7  ? 6.70104   -3.91307  7.90602   1.000 541.59065 ? 106 DC X C5    1 
ATOM 752 C C6    . DC D 4 7  ? 7.67155   -4.60955  8.51723   1.000 544.49909 ? 106 DC X C6    1 
ATOM 753 P P     . DC D 4 8  ? 12.66800  -8.77536  8.55452   1.000 545.98239 ? 107 DC X P     1 
ATOM 754 O OP1   . DC D 4 8  ? 13.61017  -9.54752  9.39635   1.000 554.11769 ? 107 DC X OP1   1 
ATOM 755 O OP2   . DC D 4 8  ? 13.12726  -7.53201  7.89817   1.000 539.37899 ? 107 DC X OP2   1 
ATOM 756 O "O5'" . DC D 4 8  ? 12.08456  -9.74162  7.42411   1.000 544.82795 ? 107 DC X "O5'" 1 
ATOM 757 C "C5'" . DC D 4 8  ? 10.68007  -9.96962  7.34328   1.000 543.30160 ? 107 DC X "C5'" 1 
ATOM 758 C "C4'" . DC D 4 8  ? 10.19720  -9.76457  5.92459   1.000 549.78929 ? 107 DC X "C4'" 1 
ATOM 759 O "O4'" . DC D 4 8  ? 9.31596   -8.60233  5.86249   1.000 540.59325 ? 107 DC X "O4'" 1 
ATOM 760 C "C3'" . DC D 4 8  ? 11.31665  -9.48726  4.91113   1.000 558.48804 ? 107 DC X "C3'" 1 
ATOM 761 O "O3'" . DC D 4 8  ? 11.03550  -10.15792 3.68502   1.000 569.51639 ? 107 DC X "O3'" 1 
ATOM 762 C "C2'" . DC D 4 8  ? 11.22061  -7.97510  4.74206   1.000 551.60302 ? 107 DC X "C2'" 1 
ATOM 763 C "C1'" . DC D 4 8  ? 9.71283   -7.83553  4.75667   1.000 545.45425 ? 107 DC X "C1'" 1 
ATOM 764 N N1    . DC D 4 8  ? 9.19550   -6.41946  4.85994   1.000 535.67105 ? 107 DC X N1    1 
ATOM 765 C C2    . DC D 4 8  ? 8.00347   -6.07359  4.20813   1.000 534.51465 ? 107 DC X C2    1 
ATOM 766 O O2    . DC D 4 8  ? 7.38685   -6.94111  3.57910   1.000 541.46338 ? 107 DC X O2    1 
ATOM 767 N N3    . DC D 4 8  ? 7.55097   -4.79601  4.29362   1.000 525.88912 ? 107 DC X N3    1 
ATOM 768 C C4    . DC D 4 8  ? 8.24427   -3.88582  4.97758   1.000 519.44158 ? 107 DC X C4    1 
ATOM 769 N N4    . DC D 4 8  ? 7.75657   -2.64041  5.03458   1.000 511.93357 ? 107 DC X N4    1 
ATOM 770 C C5    . DC D 4 8  ? 9.46620   -4.21566  5.63806   1.000 520.49483 ? 107 DC X C5    1 
ATOM 771 C C6    . DC D 4 8  ? 9.90523   -5.47766  5.54278   1.000 528.40822 ? 107 DC X C6    1 
ATOM 772 P P     . DT D 4 9  ? 12.22841  -10.79911 2.81177   1.000 542.79861 ? 108 DT X P     1 
ATOM 773 O OP1   . DT D 4 9  ? 12.76819  -11.97433 3.54353   1.000 542.80649 ? 108 DT X OP1   1 
ATOM 774 O OP2   . DT D 4 9  ? 13.14170  -9.70683  2.38119   1.000 538.05730 ? 108 DT X OP2   1 
ATOM 775 O "O5'" . DT D 4 9  ? 11.47501  -11.33039 1.51482   1.000 555.23282 ? 108 DT X "O5'" 1 
ATOM 776 C "C5'" . DT D 4 9  ? 10.48977  -12.37313 1.60448   1.000 562.29439 ? 108 DT X "C5'" 1 
ATOM 777 C "C4'" . DT D 4 9  ? 9.90873   -12.63099 0.23479   1.000 572.18139 ? 108 DT X "C4'" 1 
ATOM 778 O "O4'" . DT D 4 9  ? 8.64906   -11.93143 0.11043   1.000 564.26819 ? 108 DT X "O4'" 1 
ATOM 779 C "C3'" . DT D 4 9  ? 10.76786  -12.10771 -0.91122  1.000 575.83474 ? 108 DT X "C3'" 1 
ATOM 780 O "O3'" . DT D 4 9  ? 11.74919  -13.07417 -1.32758  1.000 587.30500 ? 108 DT X "O3'" 1 
ATOM 781 C "C2'" . DT D 4 9  ? 9.73654   -11.81431 -1.98366  1.000 577.93701 ? 108 DT X "C2'" 1 
ATOM 782 C "C1'" . DT D 4 9  ? 8.55492   -11.30659 -1.16829  1.000 567.55100 ? 108 DT X "C1'" 1 
ATOM 783 N N1    . DT D 4 9  ? 8.52356   -9.84408  -0.95908  1.000 555.91090 ? 108 DT X N1    1 
ATOM 784 C C2    . DT D 4 9  ? 7.72720   -9.08724  -1.78730  1.000 552.92682 ? 108 DT X C2    1 
ATOM 785 O O2    . DT D 4 9  ? 7.05348   -9.56558  -2.68452  1.000 558.92971 ? 108 DT X O2    1 
ATOM 786 N N3    . DT D 4 9  ? 7.74391   -7.74013  -1.52121  1.000 542.77610 ? 108 DT X N3    1 
ATOM 787 C C4    . DT D 4 9  ? 8.45247   -7.09443  -0.52664  1.000 535.83721 ? 108 DT X C4    1 
ATOM 788 O O4    . DT D 4 9  ? 8.36645   -5.87697  -0.40549  1.000 527.93693 ? 108 DT X O4    1 
ATOM 789 C C5    . DT D 4 9  ? 9.26678   -7.94848  0.30222   1.000 538.81000 ? 108 DT X C5    1 
ATOM 790 C C7    . DT D 4 9  ? 10.08615  -7.33358  1.39128   1.000 531.49341 ? 108 DT X C7    1 
ATOM 791 C C6    . DT D 4 9  ? 9.25897   -9.26261  0.05161   1.000 548.37096 ? 108 DT X C6    1 
ATOM 792 P P     . DG D 4 10 ? 12.99391  -12.65142 -2.28183  1.000 555.64391 ? 109 DG X P     1 
ATOM 793 O OP1   . DG D 4 10 ? 14.13648  -13.53123 -1.94739  1.000 561.31688 ? 109 DG X OP1   1 
ATOM 794 O OP2   . DG D 4 10 ? 13.17351  -11.18517 -2.20666  1.000 544.15007 ? 109 DG X OP2   1 
ATOM 795 O "O5'" . DG D 4 10 ? 12.44925  -13.02825 -3.74742  1.000 564.40054 ? 109 DG X "O5'" 1 
ATOM 796 C "C5'" . DG D 4 10 ? 12.76041  -12.19926 -4.88497  1.000 559.97311 ? 109 DG X "C5'" 1 
ATOM 797 C "C4'" . DG D 4 10 ? 11.58182  -11.30371 -5.22997  1.000 554.77540 ? 109 DG X "C4'" 1 
ATOM 798 O "O4'" . DG D 4 10 ? 11.39490  -10.35504 -4.18301  1.000 544.75153 ? 109 DG X "O4'" 1 
ATOM 799 C "C3'" . DG D 4 10 ? 11.72858  -10.45615 -6.49415  1.000 549.48044 ? 109 DG X "C3'" 1 
ATOM 800 O "O3'" . DG D 4 10 ? 10.97422  -11.03197 -7.54208  1.000 556.68823 ? 109 DG X "O3'" 1 
ATOM 801 C "C2'" . DG D 4 10 ? 11.17018  -9.06882  -6.09116  1.000 538.45225 ? 109 DG X "C2'" 1 
ATOM 802 C "C1'" . DG D 4 10 ? 10.62573  -9.31543  -4.68962  1.000 538.09042 ? 109 DG X "C1'" 1 
ATOM 803 N N9    . DG D 4 10 ? 10.74427  -8.18535  -3.76873  1.000 527.48326 ? 109 DG X N9    1 
ATOM 804 C C8    . DG D 4 10 ? 11.39535  -8.17693  -2.55836  1.000 524.04401 ? 109 DG X C8    1 
ATOM 805 N N7    . DG D 4 10 ? 11.32559  -7.03323  -1.93839  1.000 514.79575 ? 109 DG X N7    1 
ATOM 806 C C5    . DG D 4 10 ? 10.57377  -6.23202  -2.78549  1.000 512.18037 ? 109 DG X C5    1 
ATOM 807 C C6    . DG D 4 10 ? 10.16505  -4.88559  -2.64071  1.000 503.89515 ? 109 DG X C6    1 
ATOM 808 O O6    . DG D 4 10 ? 10.39878  -4.10866  -1.70026  1.000 497.35956 ? 109 DG X O6    1 
ATOM 809 N N1    . DG D 4 10 ? 9.41569   -4.45810  -3.73224  1.000 503.72603 ? 109 DG X N1    1 
ATOM 810 C C2    . DG D 4 10 ? 9.10049   -5.23694  -4.82446  1.000 510.12728 ? 109 DG X C2    1 
ATOM 811 N N2    . DG D 4 10 ? 8.36992   -4.65243  -5.78075  1.000 507.24991 ? 109 DG X N2    1 
ATOM 812 N N3    . DG D 4 10 ? 9.47419   -6.49860  -4.97004  1.000 518.61523 ? 109 DG X N3    1 
ATOM 813 C C4    . DG D 4 10 ? 10.20386  -6.93136  -3.91820  1.000 519.39848 ? 109 DG X C4    1 
ATOM 814 P P     . DT D 4 11 ? 11.69772  -11.46356 -8.90665  1.000 554.52316 ? 110 DT X P     1 
ATOM 815 O OP1   . DT D 4 11 ? 10.66071  -11.63460 -9.94475  1.000 558.65081 ? 110 DT X OP1   1 
ATOM 816 O OP2   . DT D 4 11 ? 12.61022  -12.58414 -8.58952  1.000 561.83651 ? 110 DT X OP2   1 
ATOM 817 O "O5'" . DT D 4 11 ? 12.58350  -10.18906 -9.27792  1.000 539.62803 ? 110 DT X "O5'" 1 
ATOM 818 C "C5'" . DT D 4 11 ? 12.91212  -9.92277  -10.63070 1.000 533.90026 ? 110 DT X "C5'" 1 
ATOM 819 C "C4'" . DT D 4 11 ? 12.06546  -8.78541  -11.17708 1.000 526.58219 ? 110 DT X "C4'" 1 
ATOM 820 O "O4'" . DT D 4 11 ? 11.57709  -7.97671  -10.07806 1.000 524.10396 ? 110 DT X "O4'" 1 
ATOM 821 C "C3'" . DT D 4 11 ? 12.80684  -7.82190  -12.08589 1.000 511.92452 ? 110 DT X "C3'" 1 
ATOM 822 O "O3'" . DT D 4 11 ? 11.89998  -7.20723  -13.00335 1.000 506.39464 ? 110 DT X "O3'" 1 
ATOM 823 C "C2'" . DT D 4 11 ? 13.37022  -6.81459  -11.09048 1.000 505.07077 ? 110 DT X "C2'" 1 
ATOM 824 C "C1'" . DT D 4 11 ? 12.26156  -6.73695  -10.04396 1.000 512.35814 ? 110 DT X "C1'" 1 
ATOM 825 N N1    . DT D 4 11 ? 12.76557  -6.53130  -8.65892  1.000 512.35388 ? 110 DT X N1    1 
ATOM 826 C C2    . DT D 4 11 ? 12.48285  -5.35898  -7.99830  1.000 506.87276 ? 110 DT X C2    1 
ATOM 827 O O2    . DT D 4 11 ? 11.83614  -4.45300  -8.49234  1.000 502.00997 ? 110 DT X O2    1 
ATOM 828 N N3    . DT D 4 11 ? 12.99191  -5.28396  -6.72746  1.000 506.60786 ? 110 DT X N3    1 
ATOM 829 C C4    . DT D 4 11 ? 13.73703  -6.24523  -6.06771  1.000 510.28282 ? 110 DT X C4    1 
ATOM 830 O O4    . DT D 4 11 ? 14.15108  -6.08796  -4.92398  1.000 508.45778 ? 110 DT X O4    1 
ATOM 831 C C5    . DT D 4 11 ? 13.99503  -7.44733  -6.81992  1.000 516.05537 ? 110 DT X C5    1 
ATOM 832 C C7    . DT D 4 11 ? 14.79071  -8.56206  -6.21114  1.000 520.17042 ? 110 DT X C7    1 
ATOM 833 C C6    . DT D 4 11 ? 13.50316  -7.52966  -8.06188  1.000 517.20719 ? 110 DT X C6    1 
ATOM 834 P P     . DG D 4 12 ? 11.92947  -7.61314  -14.55985 1.000 565.38126 ? 111 DG X P     1 
ATOM 835 O OP1   . DG D 4 12 ? 10.53146  -7.85648  -14.97884 1.000 570.38553 ? 111 DG X OP1   1 
ATOM 836 O OP2   . DG D 4 12 ? 12.95036  -8.66922  -14.72801 1.000 570.34961 ? 111 DG X OP2   1 
ATOM 837 O "O5'" . DG D 4 12 ? 12.45478  -6.29883  -15.30506 1.000 544.18991 ? 111 DG X "O5'" 1 
ATOM 838 C "C5'" . DG D 4 12 ? 13.46444  -5.50240  -14.71495 1.000 535.73658 ? 111 DG X "C5'" 1 
ATOM 839 C "C4'" . DG D 4 12 ? 13.02236  -4.05457  -14.64910 1.000 524.21863 ? 111 DG X "C4'" 1 
ATOM 840 O "O4'" . DG D 4 12 ? 12.92766  -3.63367  -13.26189 1.000 531.26971 ? 111 DG X "O4'" 1 
ATOM 841 C "C3'" . DG D 4 12 ? 13.96594  -3.07248  -15.32027 1.000 504.91086 ? 111 DG X "C3'" 1 
ATOM 842 O "O3'" . DG D 4 12 ? 13.23269  -1.98345  -15.85544 1.000 493.11083 ? 111 DG X "O3'" 1 
ATOM 843 C "C2'" . DG D 4 12 ? 14.86937  -2.63883  -14.17008 1.000 506.42377 ? 111 DG X "C2'" 1 
ATOM 844 C "C1'" . DG D 4 12 ? 13.91807  -2.66508  -12.97020 1.000 521.03156 ? 111 DG X "C1'" 1 
ATOM 845 N N9    . DG D 4 12 ? 14.57205  -3.04489  -11.70966 1.000 529.59066 ? 111 DG X N9    1 
ATOM 846 C C8    . DG D 4 12 ? 15.24194  -4.21612  -11.45675 1.000 535.48760 ? 111 DG X C8    1 
ATOM 847 N N7    . DG D 4 12 ? 15.72117  -4.29665  -10.24773 1.000 539.82496 ? 111 DG X N7    1 
ATOM 848 C C5    . DG D 4 12 ? 15.35183  -3.09751  -9.65176  1.000 537.78153 ? 111 DG X C5    1 
ATOM 849 C C6    . DG D 4 12 ? 15.59751  -2.62327  -8.33968  1.000 540.07822 ? 111 DG X C6    1 
ATOM 850 O O6    . DG D 4 12 ? 16.21557  -3.19089  -7.43131  1.000 543.14315 ? 111 DG X O6    1 
ATOM 851 N N1    . DG D 4 12 ? 15.05550  -1.35380  -8.13318  1.000 537.54709 ? 111 DG X N1    1 
ATOM 852 C C2    . DG D 4 12 ? 14.35643  -0.63791  -9.07864  1.000 532.49803 ? 111 DG X C2    1 
ATOM 853 N N2    . DG D 4 12 ? 13.90472  0.57083   -8.69719  1.000 530.86924 ? 111 DG X N2    1 
ATOM 854 N N3    . DG D 4 12 ? 14.11542  -1.07503  -10.31666 1.000 528.49446 ? 111 DG X N3    1 
ATOM 855 C C4    . DG D 4 12 ? 14.63923  -2.31140  -10.53208 1.000 531.98545 ? 111 DG X C4    1 
# 
loop_
_atom_site_anisotrop.id 
_atom_site_anisotrop.type_symbol 
_atom_site_anisotrop.pdbx_label_atom_id 
_atom_site_anisotrop.pdbx_label_alt_id 
_atom_site_anisotrop.pdbx_label_comp_id 
_atom_site_anisotrop.pdbx_label_asym_id 
_atom_site_anisotrop.pdbx_label_seq_id 
_atom_site_anisotrop.pdbx_PDB_ins_code 
_atom_site_anisotrop.U[1][1] 
_atom_site_anisotrop.U[2][2] 
_atom_site_anisotrop.U[3][3] 
_atom_site_anisotrop.U[1][2] 
_atom_site_anisotrop.U[1][3] 
_atom_site_anisotrop.U[2][3] 
_atom_site_anisotrop.pdbx_auth_seq_id 
_atom_site_anisotrop.pdbx_auth_comp_id 
_atom_site_anisotrop.pdbx_auth_asym_id 
_atom_site_anisotrop.pdbx_auth_atom_id 
1   P P     . DA A 1  ? 9.57972  5.07246  5.47497  -0.32052 2.21161  1.78485  112 DA A P     
2   O OP1   . DA A 1  ? 9.42826  5.21727  5.36173  -0.35891 2.21921  1.79308  112 DA A OP1   
3   O OP2   . DA A 1  ? 9.41677  4.96699  5.44425  -0.30646 2.08474  1.82482  112 DA A OP2   
4   O "O5'" . DA A 1  ? 9.99826  4.93090  5.44910  -0.36505 2.18385  1.64655  112 DA A "O5'" 
5   C "C5'" . DA A 1  ? 10.14260 4.92570  5.29511  -0.44030 2.12595  1.55272  112 DA A "C5'" 
6   C "C4'" . DA A 1  ? 10.14792 4.77777  5.12920  -0.49432 1.92781  1.48787  112 DA A "C4'" 
7   O "O4'" . DA A 1  ? 10.24018 4.62268  5.19588  -0.46728 1.85912  1.46814  112 DA A "O4'" 
8   C "C3'" . DA A 1  ? 9.79354  4.82938  5.01004  -0.50280 1.83588  1.55992  112 DA A "C3'" 
9   O "O3'" . DA A 1  ? 9.81227  4.83087  4.83228  -0.57700 1.73711  1.49021  112 DA A "O3'" 
10  C "C2'" . DA A 1  ? 9.70464  4.69272  5.01433  -0.47878 1.71686  1.58133  112 DA A "C2'" 
11  C "C1'" . DA A 1  ? 10.05183 4.54010  5.08277  -0.48318 1.69436  1.47953  112 DA A "C1'" 
12  N N9    . DA A 1  ? 10.01323 4.44268  5.19946  -0.42886 1.65993  1.51631  112 DA A N9    
13  C C8    . DA A 1  ? 9.91648  4.50147  5.38639  -0.35346 1.78286  1.61502  112 DA A C8    
14  N N7    . DA A 1  ? 9.90018  4.38780  5.46934  -0.31752 1.70857  1.62627  112 DA A N7    
15  C C5    . DA A 1  ? 9.99052  4.24623  5.32227  -0.37283 1.52163  1.52280  112 DA A C5    
16  C C6    . DA A 1  ? 10.00969 4.09047  5.32060  -0.36977 1.35867  1.47316  112 DA A C6    
17  N N6    . DA A 1  ? 9.93913  4.04774  5.48236  -0.30638 1.36106  1.52883  112 DA A N6    
18  N N1    . DA A 1  ? 10.09921 3.98641  5.15362  -0.43404 1.18719  1.35904  112 DA A N1    
19  C C2    . DA A 1  ? 10.17005 4.03078  5.00315  -0.49799 1.18095  1.30440  112 DA A C2    
20  N N3    . DA A 1  ? 10.15966 4.17184  4.99163  -0.50815 1.32274  1.34531  112 DA A N3    
21  C C4    . DA A 1  ? 10.06577 4.27669  5.15515  -0.44232 1.49052  1.45365  112 DA A C4    
22  P P     . DC A 2  ? 10.47584 5.02325  5.06863  -0.65224 1.59481  1.33865  113 DC A P     
23  O OP1   . DC A 2  ? 10.83105 4.98866  5.15397  -0.65986 1.67548  1.25751  113 DC A OP1   
24  O OP2   . DC A 2  ? 10.37196 5.07358  4.91101  -0.71205 1.51361  1.31335  113 DC A OP2   
25  O "O5'" . DC A 2  ? 10.43290 4.85500  5.03226  -0.64561 1.43405  1.32120  113 DC A "O5'" 
26  C "C5'" . DC A 2  ? 10.66359 4.69281  4.93673  -0.70291 1.27448  1.18817  113 DC A "C5'" 
27  C "C4'" . DC A 2  ? 10.48231 4.63143  4.77501  -0.74223 1.08842  1.17092  113 DC A "C4'" 
28  O "O4'" . DC A 2  ? 10.35326 4.53413  4.80679  -0.70180 0.99653  1.20479  113 DC A "O4'" 
29  C "C3'" . DC A 2  ? 10.17676 4.77381  4.69675  -0.74549 1.11057  1.25858  113 DC A "C3'" 
30  O "O3'" . DC A 2  ? 10.14273 4.71079  4.52807  -0.80988 0.93576  1.18791  113 DC A "O3'" 
31  C "C2'" . DC A 2  ? 9.88785  4.81420  4.77181  -0.67366 1.14380  1.38884  113 DC A "C2'" 
32  C "C1'" . DC A 2  ? 10.00078 4.63059  4.79118  -0.66616 1.01232  1.33190  113 DC A "C1'" 
33  N N1    . DC A 2  ? 9.89915  4.63331  4.95263  -0.58758 1.08970  1.42879  113 DC A N1    
34  C C2    . DC A 2  ? 9.90114  4.49026  4.97944  -0.56803 0.96206  1.40688  113 DC A C2    
35  O O2    . DC A 2  ? 9.97835  4.36763  4.86134  -0.61643 0.78327  1.30352  113 DC A O2    
36  N N3    . DC A 2  ? 9.80810  4.49616  5.14246  -0.49546 1.03333  1.49817  113 DC A N3    
37  C C4    . DC A 2  ? 9.72276  4.63582  5.27248  -0.44541 1.22231  1.60338  113 DC A C4    
38  N N4    . DC A 2  ? 9.63301  4.63828  5.44150  -0.37516 1.28300  1.69026  113 DC A N4    
39  C C5    . DC A 2  ? 9.71747  4.78497  5.24352  -0.46438 1.35096  1.62041  113 DC A C5    
40  C C6    . DC A 2  ? 9.80671  4.77748  5.08453  -0.53475 1.27938  1.53261  113 DC A C6    
41  P P     . DG A 3  ? 10.49607 5.20591  4.81186  -0.86701 0.93655  1.16412  114 DG A P     
42  O OP1   . DG A 3  ? 10.83636 5.16556  4.81669  -0.91877 0.95232  1.05301  114 DG A OP1   
43  O OP2   . DG A 3  ? 10.21489 5.39712  4.85919  -0.81935 1.07841  1.29427  114 DG A OP2   
44  O "O5'" . DG A 3  ? 10.37323 5.12174  4.64780  -0.91631 0.72383  1.11479  114 DG A "O5'" 
45  C "C5'" . DG A 3  ? 10.06324 5.14506  4.61271  -0.87900 0.66743  1.20192  114 DG A "C5'" 
46  C "C4'" . DG A 3  ? 10.10912 4.96797  4.55329  -0.89607 0.47059  1.13039  114 DG A "C4'" 
47  O "O4'" . DG A 3  ? 10.14017 4.90591  4.67958  -0.83472 0.51410  1.17131  114 DG A "O4'" 
48  C "C3'" . DG A 3  ? 9.82660  4.97885  4.43850  -0.90044 0.33081  1.16416  114 DG A "C3'" 
49  O "O3'" . DG A 3  ? 9.96305  4.82705  4.36766  -0.95030 0.11294  1.04128  114 DG A "O3'" 
50  C "C2'" . DG A 3  ? 9.64371  5.06868  4.57021  -0.81868 0.41002  1.29812  114 DG A "C2'" 
51  C "C1'" . DG A 3  ? 9.85246  4.92611  4.67271  -0.79003 0.46543  1.26659  114 DG A "C1'" 
52  N N9    . DG A 3  ? 9.74474  5.02039  4.82845  -0.71275 0.64413  1.39479  114 DG A N9    
53  C C8    . DG A 3  ? 9.66819  5.18746  4.90213  -0.68443 0.83698  1.47953  114 DG A C8    
54  N N7    . DG A 3  ? 9.57900  5.24120  5.05159  -0.61482 0.96222  1.58224  114 DG A N7    
55  C C5    . DG A 3  ? 9.60004  5.09826  5.08110  -0.59437 0.84830  1.56889  114 DG A C5    
56  C C6    . DG A 3  ? 9.52998  5.08080  5.23397  -0.52464 0.90189  1.65296  114 DG A C6    
57  O O6    . DG A 3  ? 9.43695  5.19145  5.37745  -0.46714 1.06636  1.75697  114 DG A O6    
58  N N1    . DG A 3  ? 9.65664  5.00355  5.30526  -0.52487 0.73419  1.60075  114 DG A N1    
59  C C2    . DG A 3  ? 9.78316  4.91134  5.19190  -0.58607 0.53614  1.47634  114 DG A C2    
60  N N2    . DG A 3  ? 9.85030  4.82752  5.26445  -0.57381 0.38708  1.43387  114 DG A N2    
61  N N3    . DG A 3  ? 9.81777  4.89142  5.01318  -0.65358 0.48456  1.39607  114 DG A N3    
62  C C4    . DG A 3  ? 9.71298  4.97664  4.95694  -0.65373 0.64915  1.45082  114 DG A C4    
63  P P     . DG A 4  ? 9.51945  4.54371  4.07408  -0.93699 -0.06877 1.05416  115 DG A P     
64  O OP1   . DG A 4  ? 9.62963  4.35437  3.93079  -1.00739 -0.28093 0.90228  115 DG A OP1   
65  O OP2   . DG A 4  ? 9.27865  4.80829  4.12384  -0.90916 -0.02766 1.17313  115 DG A OP2   
66  O "O5'" . DG A 4  ? 9.55332  4.46632  4.20814  -0.87084 -0.03526 1.09647  115 DG A "O5'" 
67  C "C5'" . DG A 4  ? 9.60141  4.30605  4.19318  -0.87422 -0.21762 1.01757  115 DG A "C5'" 
68  C "C4'" . DG A 4  ? 9.42660  4.44296  4.33015  -0.81238 -0.25091 1.12824  115 DG A "C4'" 
69  O "O4'" . DG A 4  ? 9.40786  4.61236  4.53265  -0.74389 -0.04068 1.26822  115 DG A "O4'" 
70  C "C3'" . DG A 4  ? 9.27419  4.70140  4.34883  -0.82340 -0.33751 1.18248  115 DG A "C3'" 
71  O "O3'" . DG A 4  ? 9.15058  4.73513  4.40840  -0.79053 -0.48262 1.21086  115 DG A "O3'" 
72  C "C2'" . DG A 4  ? 9.21413  5.00575  4.51306  -0.78094 -0.11952 1.33346  115 DG A "C2'" 
73  C "C1'" . DG A 4  ? 9.25697  4.93707  4.65945  -0.71608 -0.00260 1.39854  115 DG A "C1'" 
74  N N9    . DG A 4  ? 9.14628  5.04741  4.73110  -0.66786 0.23513  1.52396  115 DG A N9    
75  C C8    . DG A 4  ? 9.02001  5.09319  4.61367  -0.68168 0.37658  1.55436  115 DG A C8    
76  N N7    . DG A 4  ? 8.86715  5.14796  4.67822  -0.62367 0.57499  1.67029  115 DG A N7    
77  C C5    . DG A 4  ? 8.91468  5.14963  4.86422  -0.56927 0.56544  1.72368  115 DG A C5    
78  C C6    . DG A 4  ? 8.78152  5.17646  4.99670  -0.49344 0.72639  1.84557  115 DG A C6    
79  O O6    . DG A 4  ? 8.56570  5.19258  4.95707  -0.45939 0.91176  1.92817  115 DG A O6    
80  N N1    . DG A 4  ? 8.87270  5.16641  5.18309  -0.45387 0.64102  1.85568  115 DG A N1    
81  C C2    . DG A 4  ? 9.04192  5.12952  5.22348  -0.48279 0.42326  1.75095  115 DG A C2    
82  N N2    . DG A 4  ? 9.06797  5.12302  5.41034  -0.43324 0.36262  1.76654  115 DG A N2    
83  N N3    . DG A 4  ? 9.15372  5.07228  5.06837  -0.55568 0.27400  1.63911  115 DG A N3    
84  C C4    . DG A 4  ? 9.09014  5.09525  4.90368  -0.59559 0.35575  1.63501  115 DG A C4    
85  P P     . DA A 5  ? 8.81995  4.06428  3.97069  -0.79138 -0.65807 1.09744  116 DA A P     
86  O OP1   . DA A 5  ? 9.12773  3.92852  3.93311  -0.85616 -0.72585 0.93156  116 DA A OP1   
87  O OP2   . DA A 5  ? 8.55227  4.08507  3.89190  -0.78046 -0.83954 1.10670  116 DA A OP2   
88  O "O5'" . DA A 5  ? 8.84798  4.04781  4.15862  -0.71616 -0.52183 1.18744  116 DA A "O5'" 
89  C "C5'" . DA A 5  ? 8.98957  3.88991  4.24334  -0.69917 -0.61059 1.10219  116 DA A "C5'" 
90  C "C4'" . DA A 5  ? 8.76879  3.90100  4.33584  -0.62949 -0.64377 1.20393  116 DA A "C4'" 
91  O "O4'" . DA A 5  ? 8.62595  4.04738  4.45753  -0.56767 -0.43828 1.36694  116 DA A "O4'" 
92  C "C3'" . DA A 5  ? 8.46595  3.95700  4.23225  -0.62753 -0.81764 1.21312  116 DA A "C3'" 
93  O "O3'" . DA A 5  ? 8.37948  3.88398  4.31377  -0.58282 -0.92205 1.21499  116 DA A "O3'" 
94  C "C2'" . DA A 5  ? 8.15437  4.20708  4.26440  -0.58432 -0.66958 1.34671  116 DA A "C2'" 
95  C "C1'" . DA A 5  ? 8.28306  4.28039  4.49786  -0.52790 -0.46140 1.45016  116 DA A "C1'" 
96  N N9    . DA A 5  ? 8.27196  4.58846  4.64847  -0.50575 -0.25845 1.56193  116 DA A N9    
97  C C8    . DA A 5  ? 8.32337  4.60585  4.51114  -0.55545 -0.18246 1.54378  116 DA A C8    
98  N N7    . DA A 5  ? 8.20674  4.81949  4.60458  -0.52041 0.00510  1.66110  116 DA A N7    
99  C C5    . DA A 5  ? 8.08233  4.95332  4.82755  -0.44259 0.05998  1.76544  116 DA A C5    
100 C C6    . DA A 5  ? 7.86204  5.12954  4.95127  -0.37686 0.24097  1.91534  116 DA A C6    
101 N N6    . DA A 5  ? 7.71729  5.18290  4.84353  -0.37972 0.40557  1.98162  116 DA A N6    
102 N N1    . DA A 5  ? 7.75920  5.21539  5.15597  -0.30941 0.24404  1.99655  116 DA A N1    
103 C C2    . DA A 5  ? 7.88659  5.13838  5.24108  -0.30804 0.07615  1.92846  116 DA A C2    
104 N N3    . DA A 5  ? 8.06370  4.93827  5.10304  -0.36578 -0.10365 1.78381  116 DA A N3    
105 C C4    . DA A 5  ? 8.15090  4.84905  4.89270  -0.43230 -0.10078 1.70831  116 DA A C4    
106 P P     . DC A 6  ? 7.99905  3.93411  4.22243  -0.56226 -1.09869 1.21460  117 DC A P     
107 O OP1   . DC A 6  ? 8.07597  3.77234  4.27318  -0.54868 -1.24640 1.15664  117 DC A OP1   
108 O OP2   . DC A 6  ? 7.92542  3.98843  4.04534  -0.62013 -1.19839 1.14484  117 DC A OP2   
109 O "O5'" . DC A 6  ? 7.89958  4.40707  4.58320  -0.48390 -0.94754 1.38269  117 DC A "O5'" 
110 C "C5'" . DC A 6  ? 7.98312  4.47883  4.84548  -0.42003 -0.82467 1.47974  117 DC A "C5'" 
111 C "C4'" . DC A 6  ? 7.87066  4.97043  5.18752  -0.35317 -0.71322 1.63558  117 DC A "C4'" 
112 O "O4'" . DC A 6  ? 7.95002  5.20320  5.28515  -0.35370 -0.51641 1.70964  117 DC A "O4'" 
113 C "C3'" . DC A 6  ? 7.57569  5.17083  5.14628  -0.34742 -0.85254 1.64091  117 DC A "C3'" 
114 O "O3'" . DC A 6  ? 7.45510  5.51457  5.45651  -0.27445 -0.78945 1.78057  117 DC A "O3'" 
115 C "C2'" . DC A 6  ? 7.54760  5.34344  5.06571  -0.38253 -0.78033 1.64372  117 DC A "C2'" 
116 C "C1'" . DC A 6  ? 7.75552  5.54016  5.33109  -0.34888 -0.53312 1.75701  117 DC A "C1'" 
117 N N1    . DC A 6  ? 7.83718  5.64468  5.27413  -0.38475 -0.40535 1.76364  117 DC A N1    
118 C C2    . DC A 6  ? 7.73392  5.89589  5.42170  -0.34077 -0.20040 1.90285  117 DC A C2    
119 O O2    . DC A 6  ? 7.55656  6.00302  5.57623  -0.27413 -0.13415 2.01748  117 DC A O2    
120 N N3    . DC A 6  ? 7.69616  5.87740  5.25787  -0.37326 -0.08192 1.91009  117 DC A N3    
121 C C4    . DC A 6  ? 7.86286  5.73051  5.06801  -0.44777 -0.16435 1.78767  117 DC A C4    
122 N N4    . DC A 6  ? 7.81369  5.71477  4.90793  -0.47909 -0.04334 1.80272  117 DC A N4    
123 C C5    . DC A 6  ? 7.95725  5.46035  4.90498  -0.49442 -0.37525 1.64664  117 DC A C5    
124 C C6    . DC A 6  ? 7.88537  5.37209  4.95923  -0.46014 -0.48835 1.63844  117 DC A C6    
125 P P     . DA A 7  ? 6.74114  4.77749  4.92049  -0.22830 -0.88340 1.80441  118 DA A P     
126 O OP1   . DA A 7  ? 7.00410  4.46274  4.91996  -0.23496 -0.85409 1.75515  118 DA A OP1   
127 O OP2   . DA A 7  ? 6.42991  4.66368  4.67693  -0.24389 -1.10432 1.73141  118 DA A OP2   
128 O "O5'" . DA A 7  ? 6.66109  5.20678  5.29503  -0.15177 -0.72436 1.99226  118 DA A "O5'" 
129 C "C5'" . DA A 7  ? 6.81176  5.40512  5.49258  -0.13113 -0.49525 2.09074  118 DA A "C5'" 
130 C "C4'" . DA A 7  ? 6.44103  5.65400  5.57777  -0.07038 -0.38324 2.25867  118 DA A "C4'" 
131 O "O4'" . DA A 7  ? 6.29529  5.77847  5.45114  -0.08650 -0.27366 2.29171  118 DA A "O4'" 
132 C "C3'" . DA A 7  ? 6.14071  5.81419  5.58618  -0.04605 -0.52937 2.28957  118 DA A "C3'" 
133 O "O3'" . DA A 7  ? 5.73748  5.88279  5.60002  0.01875  -0.40100 2.46276  118 DA A "O3'" 
134 C "C2'" . DA A 7  ? 5.98023  5.87416  5.34667  -0.09180 -0.60841 2.21621  118 DA A "C2'" 
135 C "C1'" . DA A 7  ? 6.07376  5.96390  5.36075  -0.10101 -0.40464 2.26543  118 DA A "C1'" 
136 N N9    . DA A 7  ? 6.20519  5.89002  5.16536  -0.16885 -0.44886 2.14498  118 DA A N9    
137 C C8    . DA A 7  ? 6.31185  5.61327  4.93958  -0.22833 -0.62467 1.98466  118 DA A C8    
138 N N7    . DA A 7  ? 6.37468  5.56368  4.76056  -0.28381 -0.62004 1.91095  118 DA A N7    
139 C C5    . DA A 7  ? 6.32178  5.83457  4.88753  -0.25823 -0.42452 2.02913  118 DA A C5    
140 C C6    . DA A 7  ? 6.31064  5.89483  4.77101  -0.29117 -0.32269 2.02985  118 DA A C6    
141 N N6    . DA A 7  ? 6.43036  5.74903  4.56455  -0.36146 -0.40998 1.90427  118 DA A N6    
142 N N1    . DA A 7  ? 6.07858  6.02023  4.78676  -0.24973 -0.12794 2.16789  118 DA A N1    
143 C C2    . DA A 7  ? 5.84813  6.05546  4.88778  -0.18112 -0.04359 2.29726  118 DA A C2    
144 N N3    . DA A 7  ? 5.88140  6.05659  5.05411  -0.14566 -0.12535 2.31385  118 DA A N3    
145 C C4    . DA A 7  ? 6.16065  5.97887  5.07927  -0.18723 -0.31683 2.17333  118 DA A C4    
146 P P     . DT A 8  ? 5.61665  6.29820  5.88395  0.06086  -0.50909 2.54250  119 DT A P     
147 O OP1   . DT A 8  ? 5.40685  6.17326  5.95133  0.12274  -0.40533 2.68397  119 DT A OP1   
148 O OP2   . DT A 8  ? 5.75611  6.29787  5.86631  0.02398  -0.74605 2.40174  119 DT A OP2   
149 O "O5'" . DT A 8  ? 5.12897  6.40964  5.63827  0.06871  -0.43928 2.61974  119 DT A "O5'" 
150 C "C5'" . DT A 8  ? 4.98033  6.40225  5.57713  0.08803  -0.21958 2.72627  119 DT A "C5'" 
151 C "C4'" . DT A 8  ? 4.73297  6.55702  5.39199  0.06840  -0.20054 2.72674  119 DT A "C4'" 
152 O "O4'" . DT A 8  ? 5.16567  6.61053  5.42306  0.00312  -0.24339 2.58096  119 DT A "O4'" 
153 C "C3'" . DT A 8  ? 4.33628  6.64485  5.22680  0.07329  -0.36338 2.71665  119 DT A "C3'" 
154 O "O3'" . DT A 8  ? 3.68061  6.56515  5.02748  0.12093  -0.25611 2.82713  119 DT A "O3'" 
155 C "C2'" . DT A 8  ? 4.42169  6.75751  5.10584  0.01855  -0.42442 2.60287  119 DT A "C2'" 
156 C "C1'" . DT A 8  ? 4.95133  6.77627  5.27503  -0.01868 -0.30433 2.55099  119 DT A "C1'" 
157 N N1    . DT A 8  ? 5.33658  6.77297  5.26511  -0.08944 -0.44152 2.37378  119 DT A N1    
158 C C2    . DT A 8  ? 5.38230  6.80303  5.14198  -0.12959 -0.37655 2.33565  119 DT A C2    
159 O O2    . DT A 8  ? 5.17071  6.88222  5.08545  -0.10937 -0.20983 2.43754  119 DT A O2    
160 N N3    . DT A 8  ? 5.58646  6.64192  4.99176  -0.19560 -0.51705 2.17492  119 DT A N3    
161 C C4    . DT A 8  ? 5.69842  6.40609  4.90226  -0.22435 -0.71106 2.04928  119 DT A C4    
162 O O4    . DT A 8  ? 5.80753  6.19971  4.69639  -0.28563 -0.82785 1.91096  119 DT A O4    
163 C C5    . DT A 8  ? 5.61798  6.36077  5.01158  -0.17824 -0.76796 2.09481  119 DT A C5    
164 C C7    . DT A 8  ? 5.65865  6.04454  4.86251  -0.20320 -0.97502 1.96850  119 DT A C7    
165 C C6    . DT A 8  ? 5.46180  6.56469  5.20601  -0.11414 -0.63238 2.25410  119 DT A C6    
166 P P     . DA A 9  ? 4.04634  7.38406  5.60040  0.13249  -0.08474 2.90284  120 DA A P     
167 O OP1   . DA A 9  ? 4.45893  7.44599  5.75461  0.12284  0.06416  2.92130  120 DA A OP1   
168 O OP2   . DA A 9  ? 3.51014  7.33773  5.51738  0.17078  0.01289  3.00509  120 DA A OP2   
169 O "O5'" . DA A 9  ? 3.84791  7.42921  5.36386  0.08072  -0.20096 2.76778  120 DA A "O5'" 
170 C "C5'" . DA A 9  ? 3.42078  7.49933  5.17586  0.06991  -0.08615 2.79353  120 DA A "C5'" 
171 C "C4'" . DA A 9  ? 3.55136  7.61173  5.13741  0.05935  -0.05349 2.77649  120 DA A "C4'" 
172 O "O4'" . DA A 9  ? 4.15466  7.64676  5.28268  0.01771  -0.16542 2.68230  120 DA A "O4'" 
173 C "C3'" . DA A 9  ? 3.28931  7.66776  4.91410  0.00497  -0.04569 2.69091  120 DA A "C3'" 
174 O "O3'" . DA A 9  ? 3.18307  7.67438  4.84682  0.05842  0.05116  2.70647  120 DA A "O3'" 
175 C "C2'" . DA A 9  ? 3.60575  7.65684  4.91098  -0.04021 -0.23535 2.51516  120 DA A "C2'" 
176 C "C1'" . DA A 9  ? 4.15326  7.69803  5.13373  -0.03038 -0.22783 2.57497  120 DA A "C1'" 
177 N N9    . DA A 9  ? 4.63600  7.69256  5.22310  -0.08177 -0.40602 2.44275  120 DA A N9    
178 C C8    . DA A 9  ? 4.81055  7.54646  5.27873  -0.08384 -0.54458 2.39082  120 DA A C8    
179 N N7    . DA A 9  ? 5.10155  7.41270  5.20607  -0.14042 -0.68975 2.25165  120 DA A N7    
180 C C5    . DA A 9  ? 5.13899  7.49434  5.11381  -0.17876 -0.64203 2.21326  120 DA A C5    
181 C C6    . DA A 9  ? 5.35712  7.37736  4.98037  -0.24781 -0.73338 2.06831  120 DA A C6    
182 N N6    . DA A 9  ? 5.56389  7.11783  4.88775  -0.29174 -0.89816 1.92878  120 DA A N6    
183 N N1    . DA A 9  ? 5.31811  7.50258  4.91184  -0.27123 -0.65055 2.07431  120 DA A N1    
184 C C2    . DA A 9  ? 5.07350  7.72621  4.96789  -0.22697 -0.48570 2.21417  120 DA A C2    
185 N N3    . DA A 9  ? 4.83355  7.81952  5.08229  -0.16209 -0.38030 2.33616  120 DA A N3    
186 C C4    . DA A 9  ? 4.88049  7.69975  5.14539  -0.14118 -0.47020 2.33938  120 DA A C4    
187 P P     . DC B 1  ? 3.87045  7.88466  8.11278  -1.87002 1.43342  -1.82136 131 DC B P     
188 O OP1   . DC B 1  ? 3.88257  7.91526  8.16451  -1.90164 1.40664  -1.77638 131 DC B OP1   
189 O OP2   . DC B 1  ? 3.87245  7.78873  7.95190  -1.85614 1.46195  -1.94225 131 DC B OP2   
190 O "O5'" . DC B 1  ? 3.84624  7.89228  8.15722  -1.81762 1.46158  -1.80947 131 DC B "O5'" 
191 C "C5'" . DC B 1  ? 3.83592  7.87996  8.16515  -1.79331 1.47420  -1.81806 131 DC B "C5'" 
192 C "C4'" . DC B 1  ? 3.82507  7.78899  8.03983  -1.74934 1.51529  -1.92865 131 DC B "C4'" 
193 O "O4'" . DC B 1  ? 3.81372  7.79623  8.06378  -1.71531 1.53700  -1.91956 131 DC B "O4'" 
194 C "C3'" . DC B 1  ? 3.83402  7.70631  7.89257  -1.75512 1.52787  -2.03464 131 DC B "C3'" 
195 O "O3'" . DC B 1  ? 3.82993  7.63500  7.79731  -1.73294 1.55012  -2.11825 131 DC B "O3'" 
196 C "C2'" . DC B 1  ? 3.82937  7.69479  7.86808  -1.73708 1.54355  -2.05425 131 DC B "C2'" 
197 C "C1'" . DC B 1  ? 3.81527  7.72196  7.93908  -1.70151 1.55957  -2.01536 131 DC B "C1'" 
198 N N1    . DC B 1  ? 3.81189  7.74578  7.97964  -1.68654 1.57103  -1.98477 131 DC B N1    
199 C C2    . DC B 1  ? 3.80459  7.72044  7.96074  -1.64930 1.60064  -2.01048 131 DC B C2    
200 O O2    . DC B 1  ? 3.80053  7.68333  7.91361  -1.63045 1.61383  -2.05573 131 DC B O2    
201 N N3    . DC B 1  ? 3.80447  7.74123  8.00024  -1.63723 1.61360  -1.97921 131 DC B N3    
202 C C4    . DC B 1  ? 3.80892  7.78675  8.05878  -1.65891 1.59759  -1.92399 131 DC B C4    
203 N N4    . DC B 1  ? 3.80895  7.80671  8.10157  -1.64467 1.61357  -1.89062 131 DC B N4    
204 C C5    . DC B 1  ? 3.81599  7.81689  8.07996  -1.69886 1.56381  -1.89561 131 DC B C5    
205 C C6    . DC B 1  ? 3.81828  7.79339  8.03654  -1.71198 1.55218  -1.92871 131 DC B C6    
206 P P     . DA B 2  ? 3.56035  7.28919  7.40888  -1.75357 1.55114  -2.19057 132 DA B P     
207 O OP1   . DA B 2  ? 3.55382  7.24981  7.37554  -1.73087 1.56763  -2.23065 132 DA B OP1   
208 O OP2   . DA B 2  ? 3.57702  7.33758  7.46586  -1.79967 1.52054  -2.12835 132 DA B OP2   
209 O "O5'" . DA B 2  ? 3.56393  7.22323  7.28585  -1.74834 1.56739  -2.27926 132 DA B "O5'" 
210 C "C5'" . DA B 2  ? 3.55571  7.15981  7.19710  -1.71640 1.59248  -2.35967 132 DA B "C5'" 
211 C "C4'" . DA B 2  ? 3.54298  7.19010  7.25417  -1.68798 1.60113  -2.32709 132 DA B "C4'" 
212 O "O4'" . DA B 2  ? 3.54438  7.22945  7.30061  -1.69635 1.59392  -2.28348 132 DA B "O4'" 
213 C "C3'" . DA B 2  ? 3.53810  7.13391  7.16857  -1.66097 1.62272  -2.40119 132 DA B "C3'" 
214 O "O3'" . DA B 2  ? 3.53080  7.13526  7.19096  -1.64078 1.63024  -2.39616 132 DA B "O3'" 
215 C "C2'" . DA B 2  ? 3.53481  7.16125  7.20646  -1.64942 1.62880  -2.37154 132 DA B "C2'" 
216 C "C1'" . DA B 2  ? 3.53580  7.23491  7.32120  -1.66768 1.61027  -2.27725 132 DA B "C1'" 
217 N N9    . DA B 2  ? 3.53809  7.26167  7.35250  -1.67279 1.60890  -2.24614 132 DA B N9    
218 C C8    . DA B 2  ? 3.54521  7.30157  7.39599  -1.70191 1.58863  -2.19944 132 DA B C8    
219 N N7    . DA B 2  ? 3.54532  7.32614  7.43164  -1.69922 1.59207  -2.16890 132 DA B N7    
220 C C5    . DA B 2  ? 3.53906  7.29753  7.40713  -1.66616 1.61808  -2.19937 132 DA B C5    
221 C C6    . DA B 2  ? 3.53849  7.30174  7.42510  -1.64841 1.63620  -2.18786 132 DA B C6    
222 N N6    . DA B 2  ? 3.54202  7.33863  7.47755  -1.65911 1.63120  -2.13992 132 DA B N6    
223 N N1    . DA B 2  ? 3.53608  7.26959  7.39128  -1.62130 1.65947  -2.22270 132 DA B N1    
224 C C2    . DA B 2  ? 3.53285  7.23961  7.34628  -1.61258 1.66210  -2.26364 132 DA B C2    
225 N N3    . DA B 2  ? 3.53125  7.23271  7.32923  -1.62454 1.64746  -2.27734 132 DA B N3    
226 C C4    . DA B 2  ? 3.53500  7.26071  7.35972  -1.65129 1.62672  -2.24495 132 DA B C4    
227 P P     . DC B 3  ? 3.86392  7.40412  7.42964  -1.63438 1.63974  -2.47241 133 DC B P     
228 O OP1   . DC B 3  ? 3.85765  7.43023  7.49340  -1.62234 1.64015  -2.43357 133 DC B OP1   
229 O OP2   . DC B 3  ? 3.87450  7.35803  7.34966  -1.65691 1.63640  -2.52496 133 DC B OP2   
230 O "O5'" . DC B 3  ? 3.86189  7.37235  7.36421  -1.61646 1.65311  -2.52344 133 DC B "O5'" 
231 C "C5'" . DC B 3  ? 3.85873  7.40389  7.40790  -1.60421 1.65886  -2.48927 133 DC B "C5'" 
232 C "C4'" . DC B 3  ? 3.86296  7.35934  7.31523  -1.60137 1.66772  -2.55455 133 DC B "C4'" 
233 O "O4'" . DC B 3  ? 3.86706  7.36264  7.31198  -1.61049 1.66682  -2.55008 133 DC B "O4'" 
234 C "C3'" . DC B 3  ? 3.86776  7.29730  7.20493  -1.61150 1.66608  -2.63591 133 DC B "C3'" 
235 O "O3'" . DC B 3  ? 3.86923  7.27219  7.14283  -1.60441 1.67300  -2.67923 133 DC B "O3'" 
236 C "C2'" . DC B 3  ? 3.87445  7.27694  7.16545  -1.63223 1.65927  -2.65812 133 DC B "C2'" 
237 C "C1'" . DC B 3  ? 3.87379  7.30908  7.21004  -1.62765 1.66245  -2.62062 133 DC B "C1'" 
238 N N1    . DC B 3  ? 3.87748  7.33157  7.24162  -1.64451 1.65377  -2.58916 133 DC B N1    
239 C C2    . DC B 3  ? 3.87907  7.34730  7.26012  -1.64316 1.65788  -2.57056 133 DC B C2    
240 O O2    . DC B 3  ? 3.87875  7.33561  7.24163  -1.62880 1.67006  -2.58678 133 DC B O2    
241 N N3    . DC B 3  ? 3.88243  7.37755  7.30053  -1.65951 1.64831  -2.53151 133 DC B N3    
242 C C4    . DC B 3  ? 3.88566  7.39316  7.31916  -1.67961 1.63363  -2.51125 133 DC B C4    
243 N N4    . DC B 3  ? 3.89080  7.43128  7.36401  -1.70004 1.62093  -2.46528 133 DC B N4    
244 C C5    . DC B 3  ? 3.88556  7.37337  7.29700  -1.68189 1.63100  -2.53237 133 DC B C5    
245 C C6    . DC B 3  ? 3.88062  7.34228  7.26022  -1.66253 1.64202  -2.57103 133 DC B C6    
246 P P     . DA B 4  ? 3.94911  7.29815  7.12363  -1.60947 1.67184  -2.75013 134 DA B P     
247 O OP1   . DA B 4  ? 3.94477  7.31996  7.14991  -1.59379 1.67675  -2.73191 134 DA B OP1   
248 O OP2   . DA B 4  ? 3.95276  7.26807  7.09466  -1.62396 1.66645  -2.77474 134 DA B OP2   
249 O "O5'" . DA B 4  ? 3.95486  7.26428  7.03979  -1.61810 1.67216  -2.80327 134 DA B "O5'" 
250 C "C5'" . DA B 4  ? 3.95914  7.25079  7.01925  -1.63060 1.66936  -2.81487 134 DA B "C5'" 
251 C "C4'" . DA B 4  ? 3.96396  7.22701  6.95506  -1.63532 1.67143  -2.85426 134 DA B "C4'" 
252 O "O4'" . DA B 4  ? 3.96630  7.24178  6.98553  -1.63899 1.67333  -2.82891 134 DA B "O4'" 
253 C "C3'" . DA B 4  ? 3.96903  7.16907  6.84433  -1.65154 1.66445  -2.93217 134 DA B "C3'" 
254 O "O3'" . DA B 4  ? 3.97267  7.15286  6.78887  -1.65527 1.66500  -2.96448 134 DA B "O3'" 
255 C "C2'" . DA B 4  ? 3.97295  7.15530  6.83263  -1.66469 1.66099  -2.93955 134 DA B "C2'" 
256 C "C1'" . DA B 4  ? 3.97171  7.19998  6.90902  -1.65687 1.66666  -2.88103 134 DA B "C1'" 
257 N N9    . DA B 4  ? 3.97222  7.22641  6.96302  -1.66362 1.66338  -2.83950 134 DA B N9    
258 C C8    . DA B 4  ? 3.97162  7.23899  6.99520  -1.66970 1.65787  -2.81716 134 DA B C8    
259 N N7    . DA B 4  ? 3.97392  7.27113  7.04467  -1.68011 1.65284  -2.77359 134 DA B N7    
260 C C5    . DA B 4  ? 3.97510  7.27918  7.04820  -1.67805 1.65669  -2.76674 134 DA B C5    
261 C C6    . DA B 4  ? 3.97755  7.31533  7.09946  -1.68577 1.65398  -2.72044 134 DA B C6    
262 N N6    . DA B 4  ? 3.97973  7.35620  7.15863  -1.70122 1.64268  -2.66817 134 DA B N6    
263 N N1    . DA B 4  ? 3.97905  7.31236  7.09347  -1.67969 1.66216  -2.72378 134 DA B N1    
264 C C2    . DA B 4  ? 3.97931  7.27531  7.03520  -1.66947 1.67099  -2.77190 134 DA B C2    
265 N N3    . DA B 4  ? 3.97742  7.24448  6.98359  -1.66462 1.67115  -2.81533 134 DA B N3    
266 C C4    . DA B 4  ? 3.97469  7.24834  6.99514  -1.66783 1.66433  -2.80978 134 DA B C4    
267 P P     . DC B 5  ? 3.94326  7.11112  6.70573  -1.65615 1.66188  -2.99723 135 DC B P     
268 O OP1   . DC B 5  ? 3.94754  7.12011  6.69130  -1.65672 1.66629  -2.99634 135 DC B OP1   
269 O OP2   . DC B 5  ? 3.93767  7.13903  6.75981  -1.64298 1.66428  -2.96305 135 DC B OP2   
270 O "O5'" . DC B 5  ? 3.94678  7.05538  6.60820  -1.67466 1.65140  -3.06789 135 DC B "O5'" 
271 C "C5'" . DC B 5  ? 3.94710  7.03252  6.60270  -1.67946 1.64946  -3.08113 135 DC B "C5'" 
272 C "C4'" . DC B 5  ? 3.94767  7.00603  6.55624  -1.68442 1.64525  -3.11643 135 DC B "C4'" 
273 O "O4'" . DC B 5  ? 3.94533  7.01772  6.61082  -1.67531 1.65060  -3.08694 135 DC B "O4'" 
274 C "C3'" . DC B 5  ? 3.94556  7.02533  6.54338  -1.68033 1.64293  -3.11553 135 DC B "C3'" 
275 O "O3'" . DC B 5  ? 3.94754  6.99540  6.48605  -1.69029 1.63696  -3.15579 135 DC B "O3'" 
276 C "C2'" . DC B 5  ? 3.93998  7.07255  6.62927  -1.66093 1.65058  -3.05701 135 DC B "C2'" 
277 C "C1'" . DC B 5  ? 3.94008  7.05511  6.65452  -1.66066 1.65338  -3.05321 135 DC B "C1'" 
278 N N1    . DC B 5  ? 3.93540  7.09437  6.74561  -1.64608 1.65985  -2.99415 135 DC B N1    
279 C C2    . DC B 5  ? 3.93209  7.11264  6.79506  -1.63493 1.66431  -2.96482 135 DC B C2    
280 O O2    . DC B 5  ? 3.93329  7.09928  6.76799  -1.63572 1.66439  -2.98417 135 DC B O2    
281 N N3    . DC B 5  ? 3.92766  7.14815  6.87762  -1.62337 1.66860  -2.91092 135 DC B N3    
282 C C4    . DC B 5  ? 3.92636  7.16855  6.91515  -1.62265 1.66836  -2.88288 135 DC B C4    
283 N N4    . DC B 5  ? 3.92162  7.20707  7.00107  -1.61242 1.67098  -2.82570 135 DC B N4    
284 C C5    . DC B 5  ? 3.92993  7.15353  6.87230  -1.63249 1.66548  -2.90739 135 DC B C5    
285 C C6    . DC B 5  ? 3.93447  7.11478  6.78610  -1.64396 1.66144  -2.96457 135 DC B C6    
286 P P     . DC B 6  ? 4.74182  7.80030  7.23421  -1.69587 1.63005  -3.17141 136 DC B P     
287 O OP1   . DC B 6  ? 4.74629  7.75306  7.14810  -1.71669 1.61988  -3.23015 136 DC B OP1   
288 O OP2   . DC B 6  ? 4.74055  7.84557  7.26994  -1.68654 1.63431  -3.13324 136 DC B OP2   
289 O "O5'" . DC B 6  ? 4.73938  7.81661  7.26132  -1.68702 1.63298  -3.15352 136 DC B "O5'" 
290 C "C5'" . DC B 6  ? 4.73598  7.83824  7.33800  -1.67054 1.64269  -3.11050 136 DC B "C5'" 
291 C "C4'" . DC B 6  ? 4.73159  7.89793  7.39207  -1.65415 1.64724  -3.05993 136 DC B "C4'" 
292 O "O4'" . DC B 6  ? 4.72754  7.92502  7.47248  -1.63834 1.65545  -3.01253 136 DC B "O4'" 
293 C "C3'" . DC B 6  ? 4.73274  7.92713  7.36905  -1.65700 1.64383  -3.05491 136 DC B "C3'" 
294 O "O3'" . DC B 6  ? 4.73444  7.96908  7.37175  -1.65287 1.64364  -3.03513 136 DC B "O3'" 
295 C "C2'" . DC B 6  ? 4.73024  7.95779  7.43591  -1.64371 1.65180  -3.01072 136 DC B "C2'" 
296 C "C1'" . DC B 6  ? 4.72540  7.97193  7.50454  -1.62901 1.65806  -2.97614 136 DC B "C1'" 
297 N N1    . DC B 6  ? 4.72213  7.98908  7.57364  -1.61813 1.66419  -2.93749 136 DC B N1    
298 C C2    . DC B 6  ? 4.71722  8.01694  7.64920  -1.60289 1.67023  -2.89231 136 DC B C2    
299 O O2    . DC B 6  ? 4.71612  8.02563  7.65940  -1.59758 1.67199  -2.88481 136 DC B O2    
300 N N3    . DC B 6  ? 4.71407  8.03641  7.71457  -1.59429 1.67433  -2.85373 136 DC B N3    
301 C C4    . DC B 6  ? 4.71569  8.03222  7.71186  -1.59880 1.67417  -2.85479 136 DC B C4    
302 N N4    . DC B 6  ? 4.71215  8.05847  7.78617  -1.58975 1.67830  -2.80826 136 DC B N4    
303 C C5    . DC B 6  ? 4.72121  8.00392  7.63842  -1.61279 1.67003  -2.89907 136 DC B C5    
304 C C6    . DC B 6  ? 4.72409  7.98196  7.56884  -1.62271 1.66438  -2.94094 136 DC B C6    
305 P P     . DG B 7  ? 5.02109  8.27317  7.60154  -1.66398 1.63809  -3.04339 137 DG B P     
306 O OP1   . DG B 7  ? 5.01946  8.22750  7.51680  -1.68332 1.62702  -3.09695 137 DG B OP1   
307 O OP2   . DG B 7  ? 5.02044  8.28228  7.61785  -1.66192 1.64335  -3.02642 137 DG B OP2   
308 O "O5'" . DG B 7  ? 5.02567  8.34355  7.64455  -1.65186 1.64264  -2.99522 137 DG B "O5'" 
309 C "C5'" . DG B 7  ? 5.02539  8.35510  7.66457  -1.64524 1.64389  -2.98503 137 DG B "C5'" 
310 C "C4'" . DG B 7  ? 5.02220  8.39306  7.75605  -1.62319 1.65494  -2.93104 137 DG B "C4'" 
311 O "O4'" . DG B 7  ? 5.01923  8.37140  7.79135  -1.61785 1.65857  -2.92755 137 DG B "O4'" 
312 C "C3'" . DG B 7  ? 5.02261  8.46842  7.79948  -1.61120 1.66051  -2.87440 137 DG B "C3'" 
313 O "O3'" . DG B 7  ? 5.01789  8.50180  7.86812  -1.59328 1.66888  -2.82974 137 DG B "O3'" 
314 C "C2'" . DG B 7  ? 5.02197  8.47400  7.82912  -1.60664 1.66463  -2.85824 137 DG B "C2'" 
315 C "C1'" . DG B 7  ? 5.00638  8.41260  7.84043  -1.60372 1.66556  -2.87614 137 DG B "C1'" 
316 N N9    . DG B 7  ? 4.98587  8.37496  7.82799  -1.60524 1.66696  -2.87983 137 DG B N9    
317 C C8    . DG B 7  ? 4.99184  8.34702  7.77496  -1.61965 1.66276  -2.91471 137 DG B C8    
318 N N7    . DG B 7  ? 4.97884  8.33143  7.79853  -1.61483 1.66809  -2.89961 137 DG B N7    
319 C C5    . DG B 7  ? 4.97286  8.35895  7.87743  -1.59746 1.67443  -2.85456 137 DG B C5    
320 C C6    . DG B 7  ? 4.96947  8.37329  7.94897  -1.58556 1.68129  -2.81647 137 DG B C6    
321 O O6    . DG B 7  ? 4.97132  8.36713  7.96258  -1.58658 1.68472  -2.81100 137 DG B O6    
322 N N1    . DG B 7  ? 4.96349  8.40105  8.01565  -1.57068 1.68490  -2.77661 137 DG B N1    
323 C C2    . DG B 7  ? 4.96160  8.41390  8.01727  -1.56641 1.68412  -2.77171 137 DG B C2    
324 N N2    . DG B 7  ? 4.95619  8.44057  8.09007  -1.55134 1.68909  -2.72870 137 DG B N2    
325 N N3    . DG B 7  ? 4.96494  8.40471  7.95754  -1.57577 1.67941  -2.80193 137 DG B N3    
326 C C4    . DG B 7  ? 4.97022  8.37682  7.88766  -1.59170 1.67383  -2.84363 137 DG B C4    
327 P P     . DT B 8  ? 4.95108  8.51814  7.84008  -1.58177 1.67427  -2.76963 138 DT B P     
328 O OP1   . DT B 8  ? 4.94851  8.53003  7.87523  -1.57143 1.68030  -2.74848 138 DT B OP1   
329 O OP2   . DT B 8  ? 4.95862  8.54381  7.78086  -1.59646 1.66790  -2.77851 138 DT B OP2   
330 O "O5'" . DT B 8  ? 4.94520  8.55287  7.91472  -1.56509 1.68239  -2.71997 138 DT B "O5'" 
331 C "C5'" . DT B 8  ? 4.94786  8.57985  7.90864  -1.56814 1.68297  -2.70558 138 DT B "C5'" 
332 C "C4'" . DT B 8  ? 4.92742  8.56582  7.95937  -1.55476 1.68954  -2.67841 138 DT B "C4'" 
333 O "O4'" . DT B 8  ? 4.91683  8.49320  7.92797  -1.56207 1.68620  -2.72017 138 DT B "O4'" 
334 C "C3'" . DT B 8  ? 4.92605  8.60729  7.97705  -1.55164 1.69551  -2.64148 138 DT B "C3'" 
335 O "O3'" . DT B 8  ? 4.92260  8.67396  8.02594  -1.53913 1.70115  -2.58452 138 DT B "O3'" 
336 C "C2'" . DT B 8  ? 4.89429  8.55474  7.99833  -1.54315 1.69963  -2.63547 138 DT B "C2'" 
337 C "C1'" . DT B 8  ? 4.89281  8.48389  7.95634  -1.55332 1.69237  -2.69127 138 DT B "C1'" 
338 N N1    . DT B 8  ? 4.89786  8.44897  7.91412  -1.56574 1.69093  -2.72364 138 DT B N1    
339 C C2    . DT B 8  ? 4.89607  8.44424  7.96325  -1.55837 1.69679  -2.70443 138 DT B C2    
340 O O2    . DT B 8  ? 4.89017  8.46572  8.03560  -1.54348 1.70144  -2.66485 138 DT B O2    
341 N N3    . DT B 8  ? 4.90162  8.41624  7.93002  -1.56867 1.69760  -2.72884 138 DT B N3    
342 C C4    . DT B 8  ? 4.90864  8.38922  7.84961  -1.58649 1.69236  -2.77342 138 DT B C4    
343 O O4    . DT B 8  ? 4.91386  8.36584  7.83091  -1.59391 1.69509  -2.78912 138 DT B O4    
344 C C5    . DT B 8  ? 4.91673  8.40089  7.80255  -1.59518 1.68419  -2.79513 138 DT B C5    
345 C C7    . DT B 8  ? 4.94325  8.39431  7.73359  -1.61580 1.67645  -2.84201 138 DT B C7    
346 C C6    . DT B 8  ? 4.91614  8.43707  7.84452  -1.58379 1.68448  -2.76723 138 DT B C6    
347 O "O5'" . DT C 1  ? 9.34526  5.84498  9.87369  -1.73886 -0.29020 -0.43402 202 DT D "O5'" 
348 C "C5'" . DT C 1  ? 9.13076  5.83203  9.79491  -1.73574 -0.22189 -0.45629 202 DT D "C5'" 
349 C "C4'" . DT C 1  ? 9.12767  5.99659  9.93575  -1.78668 -0.19835 -0.54546 202 DT D "C4'" 
350 O "O4'" . DT C 1  ? 9.02263  6.06429  9.89134  -1.80666 -0.18466 -0.54306 202 DT D "O4'" 
351 C "C3'" . DT C 1  ? 9.20001  6.01306  10.02492 -1.79674 -0.20157 -0.50838 202 DT D "C3'" 
352 O "O3'" . DT C 1  ? 9.24453  6.14694  10.16471 -1.84056 -0.24445 -0.59236 202 DT D "O3'" 
353 C "C2'" . DT C 1  ? 9.14767  6.02098  9.96826  -1.80117 -0.18549 -0.42998 202 DT D "C2'" 
354 C "C1'" . DT C 1  ? 9.01465  6.11213  9.97160  -1.81204 -0.19025 -0.49667 202 DT D "C1'" 
355 N N1    . DT C 1  ? 6.60749  3.77788  7.56346  -1.80729 -0.16326 -0.42055 202 DT D N1    
356 C C2    . DT C 1  ? 6.45127  3.86342  7.55817  -1.84464 -0.21463 -0.44207 202 DT D C2    
357 O O2    . DT C 1  ? 6.49188  3.98041  7.53165  -1.92597 -0.34521 -0.47929 202 DT D O2    
358 N N3    . DT C 1  ? 6.36312  3.83109  7.45583  -1.84751 -0.19168 -0.35098 202 DT D N3    
359 C C4    . DT C 1  ? 6.42233  3.71521  7.36138  -1.80395 -0.10266 -0.25673 202 DT D C4    
360 O O4    . DT C 1  ? 6.34385  3.69823  7.27545  -1.80761 -0.07391 -0.17749 202 DT D O4    
361 C C5    . DT C 1  ? 6.57642  3.62809  7.38217  -1.75174 -0.10315 -0.22578 202 DT D C5    
362 C C7    . DT C 1  ? 6.63287  3.53503  7.28328  -1.67841 -0.08775 -0.09729 202 DT D C7    
363 C C6    . DT C 1  ? 6.65841  3.66707  7.47956  -1.76250 -0.12961 -0.30806 202 DT D C6    
364 P P     . DC C 2  ? 7.89359  4.64564  8.70104  -1.89593 -0.26227 -0.57231 203 DC D P     
365 O OP1   . DC C 2  ? 8.09634  4.64336  8.77583  -1.89096 -0.26280 -0.56622 203 DC D OP1   
366 O OP2   . DC C 2  ? 7.93153  4.64748  8.55245  -1.92275 -0.21840 -0.48059 203 DC D OP2   
367 O "O5'" . DC C 2  ? 7.89606  4.77198  8.77474  -1.95938 -0.32291 -0.66586 203 DC D "O5'" 
368 C "C5'" . DC C 2  ? 8.03784  4.87542  8.71427  -2.05067 -0.28452 -0.66386 203 DC D "C5'" 
369 C "C4'" . DC C 2  ? 7.95152  4.98115  8.56349  -2.11938 -0.21566 -0.69192 203 DC D "C4'" 
370 O "O4'" . DC C 2  ? 7.79018  4.89641  8.48314  -2.07035 -0.22288 -0.63758 203 DC D "O4'" 
371 C "C3'" . DC C 2  ? 8.06079  5.08625  8.43543  -2.20033 -0.04779 -0.69041 203 DC D "C3'" 
372 O "O3'" . DC C 2  ? 8.08128  5.27012  8.45045  -2.28828 0.03975  -0.81188 203 DC D "O3'" 
373 C "C2'" . DC C 2  ? 7.92807  5.06438  8.28185  -2.19143 0.04490  -0.64793 203 DC D "C2'" 
374 C "C1'" . DC C 2  ? 7.74548  4.99309  8.32033  -2.13299 -0.06859 -0.64847 203 DC D "C1'" 
375 N N1    . DC C 2  ? 7.25536  4.48294  7.84146  -2.07622 -0.06398 -0.54845 203 DC D N1    
376 C C2    . DC C 2  ? 7.06468  4.53984  7.76609  -2.09064 0.00579  -0.58459 203 DC D C2    
377 O O2    . DC C 2  ? 6.93771  4.70514  7.79016  -2.13585 0.08434  -0.72440 203 DC D O2    
378 N N3    . DC C 2  ? 6.99256  4.43157  7.69544  -2.04115 0.00830  -0.48153 203 DC D N3    
379 C C4    . DC C 2  ? 7.09192  4.28117  7.69784  -1.97123 -0.04946 -0.35803 203 DC D C4    
380 N N4    . DC C 2  ? 7.01807  4.18805  7.63099  -1.91797 -0.03792 -0.25968 203 DC D N4    
381 C C5    . DC C 2  ? 7.25562  4.24780  7.77395  -1.95086 -0.08408 -0.34776 203 DC D C5    
382 C C6    . DC C 2  ? 7.33543  4.34619  7.84672  -2.00741 -0.09514 -0.43893 203 DC D C6    
383 P P     . DT C 3  ? 7.93043  5.10589  8.09651  -2.37988 0.21477  -0.84872 204 DT D P     
384 O OP1   . DT C 3  ? 7.96363  5.30094  8.20364  -2.44830 0.25814  -0.98142 204 DT D OP1   
385 O OP2   . DT C 3  ? 8.12404  5.00522  8.10789  -2.35530 0.17502  -0.74038 204 DT D OP2   
386 O "O5'" . DT C 3  ? 7.78163  5.16004  7.93275  -2.40338 0.39538  -0.86850 204 DT D "O5'" 
387 C "C5'" . DT C 3  ? 7.88275  5.11851  7.81816  -2.41372 0.49049  -0.79024 204 DT D "C5'" 
388 C "C4'" . DT C 3  ? 7.67707  5.18397  7.64497  -2.46049 0.70199  -0.86754 204 DT D "C4'" 
389 O "O4'" . DT C 3  ? 7.52372  5.08257  7.56351  -2.39699 0.69223  -0.79748 204 DT D "O4'" 
390 C "C3'" . DT C 3  ? 7.75601  5.17013  7.48994  -2.51473 0.85203  -0.85302 204 DT D "C3'" 
391 O "O3'" . DT C 3  ? 7.54596  5.29928  7.39129  -2.57561 1.05939  -0.98629 204 DT D "O3'" 
392 C "C2'" . DT C 3  ? 7.79030  5.00699  7.39319  -2.44167 0.80445  -0.70185 204 DT D "C2'" 
393 C "C1'" . DT C 3  ? 7.55170  4.99240  7.39044  -2.39649 0.79067  -0.71726 204 DT D "C1'" 
394 N N1    . DT C 3  ? 6.43005  3.68645  6.23026  -2.30442 0.66640  -0.56695 204 DT D N1    
395 C C2    . DT C 3  ? 6.27884  3.66635  6.13977  -2.27616 0.74697  -0.53402 204 DT D C2    
396 O O2    . DT C 3  ? 6.13466  3.81591  6.11048  -2.32042 0.92607  -0.63000 204 DT D O2    
397 N N3    . DT C 3  ? 6.28111  3.48231  6.10405  -2.18711 0.61606  -0.38901 204 DT D N3    
398 C C4    . DT C 3  ? 6.38452  3.33631  6.16495  -2.11895 0.42801  -0.29439 204 DT D C4    
399 O O4    . DT C 3  ? 6.34726  3.19821  6.14778  -2.03370 0.33448  -0.18326 204 DT D O4    
400 C C5    . DT C 3  ? 6.51926  3.37594  6.27060  -2.15043 0.36833  -0.34643 204 DT D C5    
401 C C7    . DT C 3  ? 6.60343  3.25450  6.37168  -2.07763 0.20828  -0.27667 204 DT D C7    
402 C C6    . DT C 3  ? 6.55030  3.53987  6.29078  -2.24295 0.48185  -0.46904 204 DT D C6    
403 P P     . DA C 4  ? 6.61871  4.35703  6.26547  -2.63891 1.25119  -1.00218 205 DA D P     
404 O OP1   . DA C 4  ? 6.46907  4.61827  6.31374  -2.70765 1.43229  -1.18372 205 DA D OP1   
405 O OP2   . DA C 4  ? 6.90771  4.28327  6.28216  -2.65414 1.17736  -0.91750 205 DA D OP2   
406 O "O5'" . DA C 4  ? 6.54997  4.24128  6.12786  -2.57886 1.28957  -0.89238 205 DA D "O5'" 
407 C "C5'" . DA C 4  ? 6.27078  4.28617  6.10051  -2.54726 1.35723  -0.93272 205 DA D "C5'" 
408 C "C4'" . DA C 4  ? 6.25715  4.23813  5.97051  -2.51430 1.45834  -0.83793 205 DA D "C4'" 
409 O "O4'" . DA C 4  ? 6.25700  4.00831  5.91713  -2.42341 1.30415  -0.68193 205 DA D "O4'" 
410 C "C3'" . DA C 4  ? 6.50615  4.23827  5.89955  -2.54468 1.53334  -0.78647 205 DA D "C3'" 
411 O "O3'" . DA C 4  ? 6.40584  4.35244  5.81521  -2.54535 1.72528  -0.79612 205 DA D "O3'" 
412 C "C2'" . DA C 4  ? 6.67268  3.99067  5.84591  -2.46364 1.34327  -0.60800 205 DA D "C2'" 
413 C "C1'" . DA C 4  ? 6.46195  3.88686  5.81992  -2.38872 1.27944  -0.54788 205 DA D "C1'" 
414 N N9    . DA C 4  ? 6.52139  3.67251  5.82314  -2.30159 1.05767  -0.41041 205 DA D N9    
415 C C8    . DA C 4  ? 6.65342  3.59210  5.90273  -2.28450 0.88842  -0.37741 205 DA D C8    
416 N N7    . DA C 4  ? 6.63542  3.42228  5.90975  -2.19134 0.71746  -0.25984 205 DA D N7    
417 C C5    . DA C 4  ? 6.50198  3.38012  5.81936  -2.14845 0.77012  -0.20413 205 DA D C5    
418 C C6    . DA C 4  ? 6.41993  3.23070  5.78904  -2.05091 0.65913  -0.08109 205 DA D C6    
419 N N6    . DA C 4  ? 6.43862  3.09872  5.85972  -1.97422 0.47471  -0.00482 205 DA D N6    
420 N N1    . DA C 4  ? 6.30341  3.23788  5.69917  -2.03109 0.76283  -0.04502 205 DA D N1    
421 C C2    . DA C 4  ? 6.24848  3.39364  5.65422  -2.09969 0.97609  -0.13477 205 DA D C2    
422 N N3    . DA C 4  ? 6.28978  3.55505  5.68763  -2.19202 1.10222  -0.26719 205 DA D N3    
423 C C4    . DA C 4  ? 6.43106  3.53206  5.76550  -2.21433 0.98271  -0.29252 205 DA D C4    
424 P P     . DT C 5  ? 6.74683  4.61228  5.91163  -2.59455 1.87847  -0.80978 206 DT D P     
425 O OP1   . DT C 5  ? 6.58165  4.96297  5.96585  -2.58913 2.04402  -0.96701 206 DT D OP1   
426 O OP2   . DT C 5  ? 7.06423  4.52284  5.95361  -2.61640 1.75914  -0.75934 206 DT D OP2   
427 O "O5'" . DT C 5  ? 6.71608  4.48914  5.74035  -2.50818 1.91864  -0.66669 206 DT D "O5'" 
428 C "C5'" . DT C 5  ? 6.42540  4.68100  5.67037  -2.30752 1.94756  -0.65734 206 DT D "C5'" 
429 C "C4'" . DT C 5  ? 6.45401  4.50147  5.55370  -2.20871 1.89041  -0.48460 206 DT D "C4'" 
430 O "O4'" . DT C 5  ? 6.56027  4.21481  5.60640  -2.25455 1.71487  -0.38551 206 DT D "O4'" 
431 C "C3'" . DT C 5  ? 6.66179  4.37853  5.42581  -2.25905 1.97530  -0.40816 206 DT D "C3'" 
432 O "O3'" . DT C 5  ? 6.56604  4.44307  5.32454  -2.09449 2.00040  -0.31407 206 DT D "O3'" 
433 C "C2'" . DT C 5  ? 6.88252  4.05988  5.42109  -2.30539 1.78837  -0.30691 206 DT D "C2'" 
434 C "C1'" . DT C 5  ? 6.78873  4.00935  5.52969  -2.24875 1.65015  -0.25072 206 DT D "C1'" 
435 N N1    . DT C 5  ? 6.95656  3.89222  5.64652  -2.21807 1.40936  -0.19026 206 DT D N1    
436 C C2    . DT C 5  ? 6.95828  3.79018  5.69402  -2.11963 1.24971  -0.06610 206 DT D C2    
437 O O2    . DT C 5  ? 6.85170  3.77611  5.64167  -2.06015 1.29235  0.00270  206 DT D O2    
438 N N3    . DT C 5  ? 7.07920  3.72389  5.81718  -2.08665 1.04443  -0.02234 206 DT D N3    
439 C C4    . DT C 5  ? 7.20502  3.74585  5.89198  -2.13722 0.98724  -0.07868 206 DT D C4    
440 O O4    . DT C 5  ? 7.28931  3.69865  6.01547  -2.09234 0.81445  -0.03099 206 DT D O4    
441 C C5    . DT C 5  ? 7.22151  3.84473  5.82967  -2.24325 1.15700  -0.19962 206 DT D C5    
442 C C7    . DT C 5  ? 7.36907  3.88654  5.90829  -2.30541 1.11718  -0.25989 206 DT D C7    
443 C C6    . DT C 5  ? 7.09349  3.91375  5.71450  -2.28010 1.35695  -0.25508 206 DT D C6    
444 P P     . DG C 6  ? 6.75957  5.04089  5.54036  -1.99115 2.17768  -0.37617 207 DG D P     
445 O OP1   . DG C 6  ? 6.40262  5.28522  5.53218  -1.84372 2.19913  -0.46485 207 DG D OP1   
446 O OP2   . DG C 6  ? 6.99138  5.11563  5.58691  -2.13897 2.29728  -0.45807 207 DG D OP2   
447 O "O5'" . DG C 6  ? 6.81086  4.89148  5.38967  -1.88824 2.16262  -0.21208 207 DG D "O5'" 
448 C "C5'" . DG C 6  ? 6.73612  4.76426  5.38626  -1.78645 2.02966  -0.08701 207 DG D "C5'" 
449 C "C4'" . DG C 6  ? 6.95669  4.38211  5.30342  -1.85838 1.93473  0.06901  207 DG D "C4'" 
450 O "O4'" . DG C 6  ? 7.10033  4.16808  5.39105  -1.99950 1.81382  0.05745  207 DG D "O4'" 
451 C "C3'" . DG C 6  ? 7.15943  4.30972  5.18254  -1.90159 2.03095  0.10698  207 DG D "C3'" 
452 O "O3'" . DG C 6  ? 7.11530  4.30556  5.06579  -1.75902 2.04379  0.21996  207 DG D "O3'" 
453 C "C2'" . DG C 6  ? 7.46184  4.18138  5.31619  -1.93591 1.82158  0.13831  207 DG D "C2'" 
454 C "C1'" . DG C 6  ? 7.36548  4.07970  5.41775  -1.95197 1.66822  0.14319  207 DG D "C1'" 
455 N N9    . DG C 6  ? 7.51281  4.03280  5.51814  -2.01553 1.53824  0.09549  207 DG D N9    
456 C C8    . DG C 6  ? 7.59893  4.09527  5.52062  -2.11816 1.61723  -0.01549 207 DG D C8    
457 N N7    . DG C 6  ? 7.72803  4.05204  5.62103  -2.13835 1.46777  -0.01787 207 DG D N7    
458 C C5    . DG C 6  ? 7.71169  3.96243  5.69617  -2.04257 1.27944  0.09111  207 DG D C5    
459 C C6    . DG C 6  ? 7.79264  3.91080  5.83208  -2.00695 1.07747  0.13645  207 DG D C6    
460 O O6    . DG C 6  ? 7.91143  3.93217  5.91054  -2.05149 1.02276  0.09646  207 DG D O6    
461 N N1    . DG C 6  ? 7.71947  3.84515  5.88996  -1.90561 0.94263  0.23858  207 DG D N1    
462 C C2    . DG C 6  ? 7.60245  3.82858  5.82052  -1.84680 0.98898  0.29920  207 DG D C2    
463 N N2    . DG C 6  ? 7.55068  3.77545  5.90599  -1.75403 0.84315  0.39460  207 DG D N2    
464 N N3    . DG C 6  ? 7.53509  3.87719  5.68834  -1.87288 1.17703  0.26830  207 DG D N3    
465 C C4    . DG C 6  ? 7.58658  3.94451  5.63507  -1.97099 1.31694  0.15994  207 DG D C4    
466 P P     . DT C 7  ? 7.17095  4.32898  4.89015  -1.70304 2.15049  0.23003  208 DT D P     
467 O OP1   . DT C 7  ? 6.93446  4.60517  4.81641  -1.54801 2.27418  0.19411  208 DT D OP1   
468 O OP2   . DT C 7  ? 7.38215  4.36081  4.95028  -1.81781 2.17788  0.13300  208 DT D OP2   
469 O "O5'" . DT C 7  ? 7.28029  4.09125  4.83774  -1.61127 1.96587  0.38101  208 DT D "O5'" 
470 C "C5'" . DT C 7  ? 7.43268  3.89280  4.89486  -1.64856 1.76480  0.40689  208 DT D "C5'" 
471 C "C4'" . DT C 7  ? 7.31377  3.72054  4.91032  -1.57701 1.57208  0.51100  208 DT D "C4'" 
472 O "O4'" . DT C 7  ? 7.24628  3.67176  5.00939  -1.65134 1.49514  0.46239  208 DT D "O4'" 
473 C "C3'" . DT C 7  ? 7.40489  3.57701  4.91012  -1.51397 1.37570  0.58931  208 DT D "C3'" 
474 O "O3'" . DT C 7  ? 7.39169  3.57281  4.82377  -1.40471 1.38048  0.67570  208 DT D "O3'" 
475 C "C2'" . DT C 7  ? 7.27888  3.45116  4.98997  -1.50083 1.19369  0.63017  208 DT D "C2'" 
476 C "C1'" . DT C 7  ? 7.25209  3.51062  5.05942  -1.60985 1.26529  0.52788  208 DT D "C1'" 
477 N N1    . DT C 7  ? 7.39304  3.50911  5.13489  -1.69019 1.20780  0.45459  208 DT D N1    
478 C C2    . DT C 7  ? 7.36660  3.40042  5.21640  -1.66772 1.01586  0.48717  208 DT D C2    
479 O O2    . DT C 7  ? 7.22912  3.30247  5.23666  -1.59078 0.89186  0.56651  208 DT D O2    
480 N N3    . DT C 7  ? 7.50355  3.42521  5.28305  -1.73518 0.98477  0.42292  208 DT D N3    
481 C C4    . DT C 7  ? 7.66816  3.54220  5.27856  -1.82840 1.11832  0.33061  208 DT D C4    
482 O O4    . DT C 7  ? 7.78715  3.55888  5.34660  -1.87925 1.07131  0.28826  208 DT D O4    
483 C C5    . DT C 7  ? 7.68020  3.65224  5.20035  -1.85459 1.31872  0.29132  208 DT D C5    
484 C C7    . DT C 7  ? 7.84206  3.79939  5.20871  -1.95734 1.48435  0.18212  208 DT D C7    
485 C C6    . DT C 7  ? 7.53916  3.63315  5.13251  -1.78087 1.35531  0.35555  208 DT D C6    
486 P P     . DG C 8  ? 7.09857  3.44366  4.68465  -1.29381 1.34733  0.78378  209 DG D P     
487 O OP1   . DG C 8  ? 7.02557  3.29444  4.74212  -1.24590 1.12549  0.86014  209 DG D OP1   
488 O OP2   . DG C 8  ? 6.96215  3.54858  4.67853  -1.31805 1.49786  0.75020  209 DG D OP2   
489 O "O5'" . DG C 8  ? 7.15110  3.51955  4.58153  -1.20033 1.43329  0.82948  209 DG D "O5'" 
490 C "C5'" . DG C 8  ? 7.29667  3.47488  4.57116  -1.17921 1.35676  0.84145  209 DG D "C5'" 
491 C "C4'" . DG C 8  ? 7.37169  3.59426  4.48079  -1.11773 1.49840  0.84322  209 DG D "C4'" 
492 O "O4'" . DG C 8  ? 7.48027  3.73357  4.47828  -1.19842 1.67815  0.73624  209 DG D "O4'" 
493 C "C3'" . DG C 8  ? 7.21689  3.68130  4.40631  -1.00848 1.58008  0.90829  209 DG D "C3'" 
494 O "O3'" . DG C 8  ? 7.16480  3.58792  4.39000  -0.91188 1.43384  1.01043  209 DG D "O3'" 
495 C "C2'" . DG C 8  ? 7.29542  3.87379  4.33941  -0.98235 1.77528  0.85038  209 DG D "C2'" 
496 C "C1'" . DG C 8  ? 7.42308  3.91451  4.39999  -1.12280 1.85026  0.73159  209 DG D "C1'" 
497 N N9    . DG C 8  ? 7.30094  4.08110  4.41474  -1.17341 2.00571  0.64680  209 DG D N9    
498 C C8    . DG C 8  ? 7.25458  4.03694  4.49408  -1.28534 1.98716  0.59298  209 DG D C8    
499 N N7    . DG C 8  ? 7.11503  4.24906  4.49835  -1.30550 2.14908  0.50087  209 DG D N7    
500 C C5    . DG C 8  ? 7.04996  4.46588  4.41552  -1.17947 2.26842  0.48590  209 DG D C5    
501 C C6    . DG C 8  ? 6.85472  4.79080  4.39653  -1.10026 2.41917  0.37085  209 DG D C6    
502 O O6    . DG C 8  ? 6.69454  4.95487  4.45040  -1.13398 2.48861  0.25429  209 DG D O6    
503 N N1    . DG C 8  ? 6.83581  4.93974  4.32327  -0.95156 2.45526  0.38515  209 DG D N1    
504 C C2    . DG C 8  ? 6.99778  4.78764  4.26885  -0.90284 2.38149  0.49942  209 DG D C2    
505 N N2    . DG C 8  ? 6.95423  4.97105  4.20955  -0.75989 2.42634  0.49261  209 DG D N2    
506 N N3    . DG C 8  ? 7.17113  4.49101  4.28715  -0.97588 2.24498  0.59953  209 DG D N3    
507 C C4    . DG C 8  ? 7.17968  4.35053  4.36272  -1.10506 2.18616  0.58340  209 DG D C4    
508 P P     . DG C 9  ? 7.34818  3.99229  4.63367  -0.77546 1.47996  1.09528  210 DG D P     
509 O OP1   . DG C 9  ? 7.24990  3.85774  4.67180  -0.72999 1.28292  1.18921  210 DG D OP1   
510 O OP2   . DG C 9  ? 7.22466  4.14376  4.60163  -0.76405 1.64946  1.06326  210 DG D OP2   
511 O "O5'" . DG C 9  ? 7.47418  4.09515  4.56255  -0.70828 1.56437  1.08406  210 DG D "O5'" 
512 C "C5'" . DG C 9  ? 7.39276  4.21072  4.48367  -0.57356 1.62345  1.13853  210 DG D "C5'" 
513 C "C4'" . DG C 9  ? 7.35879  4.45784  4.42266  -0.53089 1.83993  1.06401  210 DG D "C4'" 
514 O "O4'" . DG C 9  ? 7.34386  4.50343  4.46809  -0.64423 1.92647  0.97247  210 DG D "O4'" 
515 C "C3'" . DG C 9  ? 7.15546  4.62456  4.35912  -0.39134 1.91077  1.09939  210 DG D "C3'" 
516 O "O3'" . DG C 9  ? 7.18090  4.71106  4.29775  -0.26494 1.91475  1.13287  210 DG D "O3'" 
517 C "C2'" . DG C 9  ? 7.04114  4.87196  4.35368  -0.40119 2.08813  0.97369  210 DG D "C2'" 
518 C "C1'" . DG C 9  ? 7.19744  4.78087  4.42389  -0.57461 2.09842  0.89508  210 DG D "C1'" 
519 N N9    . DG C 9  ? 7.01675  4.75903  4.40536  -0.66650 2.16147  0.81617  210 DG D N9    
520 C C8    . DG C 9  ? 7.06759  4.55103  4.48408  -0.80455 2.07121  0.82965  210 DG D C8    
521 N N7    . DG C 9  ? 6.95042  4.65920  4.52734  -0.87048 2.16014  0.73756  210 DG D N7    
522 C C5    . DG C 9  ? 6.78768  4.97765  4.47976  -0.75574 2.30525  0.64224  210 DG D C5    
523 C C6    . DG C 9  ? 6.56776  5.24074  4.52557  -0.73474 2.38801  0.48840  210 DG D C6    
524 O O6    . DG C 9  ? 6.47676  5.23950  4.61693  -0.82089 2.35457  0.40838  210 DG D O6    
525 N N1    . DG C 9  ? 6.43444  5.53560  4.47641  -0.58155 2.47096  0.41594  210 DG D N1    
526 C C2    . DG C 9  ? 6.49850  5.56943  4.40290  -0.46397 2.45115  0.48072  210 DG D C2    
527 N N2    . DG C 9  ? 6.33984  5.87451  4.38614  -0.32274 2.48471  0.38852  210 DG D N2    
528 N N3    . DG C 9  ? 6.70033  5.32578  4.36189  -0.48394 2.37763  0.61936  210 DG D N3    
529 C C4    . DG C 9  ? 6.82972  5.03981  4.40591  -0.62744 2.29968  0.69155  210 DG D C4    
530 P P     . DC C 10 ? 7.39304  4.92469  4.56942  -0.15682 1.79075  1.25409  211 DC D P     
531 O OP1   . DC C 10 ? 7.44326  5.04873  4.51329  -0.03855 1.82441  1.25700  211 DC D OP1   
532 O OP2   . DC C 10 ? 7.43838  4.66480  4.63924  -0.24934 1.60071  1.31471  211 DC D OP2   
533 O "O5'" . DC C 10 ? 7.17155  5.06270  4.56121  -0.08243 1.85363  1.26748  211 DC D "O5'" 
534 C "C5'" . DC C 10 ? 7.04036  5.20431  4.50547  0.07863  1.87029  1.30846  211 DC D "C5'" 
535 C "C4'" . DC C 10 ? 6.96648  5.50993  4.45513  0.18000  2.01449  1.19679  211 DC D "C4'" 
536 O "O4'" . DC C 10 ? 6.97438  5.62790  4.50008  0.08598  2.11504  1.07042  211 DC D "O4'" 
537 C "C3'" . DC C 10 ? 6.73504  5.72786  4.42907  0.33247  2.04971  1.18248  211 DC D "C3'" 
538 O "O3'" . DC C 10 ? 6.74779  5.92078  4.40263  0.45700  2.07165  1.14159  211 DC D "O3'" 
539 C "C2'" . DC C 10 ? 6.56874  5.91368  4.46844  0.30099  2.14014  1.05401  211 DC D "C2'" 
540 C "C1'" . DC C 10 ? 6.73834  5.86325  4.51232  0.14776  2.18792  0.97919  211 DC D "C1'" 
541 N N1    . DC C 10 ? 6.52002  5.57415  4.38558  0.01433  2.20607  0.95717  211 DC D N1    
542 C C2    . DC C 10 ? 6.34166  5.79575  4.42663  0.00607  2.28971  0.80629  211 DC D C2    
543 O O2    . DC C 10 ? 6.20101  6.07846  4.41844  0.10836  2.32262  0.68870  211 DC D O2    
544 N N3    . DC C 10 ? 6.32827  5.68952  4.49003  -0.12331 2.30717  0.78359  211 DC D N3    
545 C C4    . DC C 10 ? 6.47527  5.37862  4.52387  -0.24313 2.20723  0.89516  211 DC D C4    
546 N N4    . DC C 10 ? 6.43499  5.28593  4.61920  -0.36909 2.15031  0.84081  211 DC D N4    
547 C C5    . DC C 10 ? 6.65379  5.15469  4.48456  -0.23471 2.11137  1.04774  211 DC D C5    
548 C C6    . DC C 10 ? 6.66288  5.26483  4.41901  -0.10466 2.11227  1.06836  211 DC D C6    
549 P P     . DT C 11 ? 8.27630  7.63555  6.01991  0.62048  2.02163  1.21125  212 DT D P     
550 O OP1   . DT C 11 ? 8.23791  7.89230  6.00745  0.73330  2.06372  1.10933  212 DT D OP1   
551 O OP2   . DT C 11 ? 8.39715  7.36128  6.00930  0.59746  1.90933  1.35918  212 DT D OP2   
552 O "O5'" . DT C 11 ? 8.05305  7.71890  6.05546  0.64393  2.03052  1.20143  212 DT D "O5'" 
553 C "C5'" . DT C 11 ? 7.86717  7.95470  6.06524  0.78303  2.03467  1.14644  212 DT D "C5'" 
554 C "C4'" . DT C 11 ? 7.74628  8.21823  6.10486  0.77643  2.09299  0.94835  212 DT D "C4'" 
555 O "O4'" . DT C 11 ? 7.76063  8.16781  6.13782  0.63305  2.14217  0.88833  212 DT D "O4'" 
556 C "C3'" . DT C 11 ? 7.52501  8.42433  6.15612  0.86688  2.06752  0.86937  212 DT D "C3'" 
557 O "O3'" . DT C 11 ? 7.47140  8.65916  6.19641  0.88901  2.08196  0.69417  212 DT D "O3'" 
558 C "C2'" . DT C 11 ? 7.42194  8.38324  6.20502  0.77753  2.08301  0.85011  212 DT D "C2'" 
559 C "C1'" . DT C 11 ? 7.55897  8.29762  6.20120  0.63326  2.14541  0.80470  212 DT D "C1'" 
560 N N1    . DT C 11 ? 6.41828  6.92220  5.05156  0.51628  2.15938  0.88333  212 DT D N1    
561 C C2    . DT C 11 ? 6.30025  7.00057  5.11114  0.43866  2.19881  0.76639  212 DT D C2    
562 O O2    . DT C 11 ? 6.16649  7.23269  5.14782  0.45497  2.21223  0.59249  212 DT D O2    
563 N N3    . DT C 11 ? 6.35976  6.77850  5.14165  0.32602  2.20875  0.85748  212 DT D N3    
564 C C4    . DT C 11 ? 6.52744  6.48161  5.12791  0.26893  2.15424  1.04178  212 DT D C4    
565 O O4    . DT C 11 ? 6.56539  6.27029  5.20364  0.13693  2.06424  1.06735  212 DT D O4    
566 C C5    . DT C 11 ? 6.63751  6.42205  5.06647  0.35278  2.09821  1.14717  212 DT D C5    
567 C C7    . DT C 11 ? 6.81315  6.10789  5.07228  0.29029  1.98648  1.32131  212 DT D C7    
568 C C6    . DT C 11 ? 6.57547  6.64633  5.02868  0.47651  2.11509  1.06674  212 DT D C6    
569 P P     . DG C 12 ? 8.54154  10.09723 7.49281  0.99495  2.03067  0.61019  213 DG D P     
570 O OP1   . DG C 12 ? 8.64642  10.34895 7.60768  1.00603  2.04615  0.46592  213 DG D OP1   
571 O OP2   . DG C 12 ? 8.52771  10.02249 7.45526  1.11131  1.97453  0.77231  213 DG D OP2   
572 O "O5'" . DG C 12 ? 8.32185  10.08914 7.50913  0.92266  2.03266  0.51017  213 DG D "O5'" 
573 C "C5'" . DG C 12 ? 8.31293  10.13196 7.55027  0.79648  2.08997  0.36487  213 DG D "C5'" 
574 C "C4'" . DG C 12 ? 8.14239  10.08345 7.57251  0.73586  2.08706  0.32357  213 DG D "C4'" 
575 O "O4'" . DG C 12 ? 8.19483  9.87889  7.51649  0.68114  2.10595  0.47253  213 DG D "O4'" 
576 C "C3'" . DG C 12 ? 7.96525  10.12868 7.60206  0.82578  2.01536  0.32279  213 DG D "C3'" 
577 O "O3'" . DG C 12 ? 7.85846  10.24563 7.70073  0.78682  2.01910  0.14260  213 DG D "O3'" 
578 C "C2'" . DG C 12 ? 7.89576  9.95613  7.55629  0.81179  2.00081  0.46402  213 DG D "C2'" 
579 C "C1'" . DG C 12 ? 8.01776  9.83610  7.53527  0.68539  2.07381  0.48786  213 DG D "C1'" 
580 N N9    . DG C 12 ? 6.24490  7.76389  5.65341  0.65719  2.08027  0.68356  213 DG D N9    
581 C C8    . DG C 12 ? 6.37842  7.60421  5.59306  0.70236  2.06238  0.86661  213 DG D C8    
582 N N7    . DG C 12 ? 6.44647  7.38104  5.59753  0.63304  2.06242  1.01602  213 DG D N7    
583 C C5    . DG C 12 ? 6.34473  7.40099  5.66210  0.54601  2.09370  0.93243  213 DG D C5    
584 C C6    . DG C 12 ? 6.36989  7.18036  5.73369  0.41727  2.03941  0.99246  213 DG D C6    
585 O O6    . DG C 12 ? 6.49131  6.91354  5.75599  0.34925  1.93848  1.13134  213 DG D O6    
586 N N1    . DG C 12 ? 6.24459  7.27631  5.80819  0.35040  2.05414  0.84203  213 DG D N1    
587 C C2    . DG C 12 ? 6.10888  7.56476  5.80402  0.40959  2.14670  0.67385  213 DG D C2    
588 N N2    . DG C 12 ? 6.00718  7.61781  5.88756  0.32934  2.15168  0.54962  213 DG D N2    
589 N N3    . DG C 12 ? 6.09939  7.73505  5.76364  0.49454  2.12352  0.58318  213 DG D N3    
590 C C4    . DG C 12 ? 6.21691  7.64293  5.69336  0.56329  2.10378  0.72354  213 DG D C4    
591 P P     . DC C 13 ? 8.07262  10.67908 8.13958  0.85403  1.94679  0.10899  214 DC D P     
592 O OP1   . DC C 13 ? 8.10916  10.85207 8.29449  0.84851  1.95894  -0.04883 214 DC D OP1   
593 O OP2   . DC C 13 ? 8.06901  10.66141 8.07900  0.97117  1.88124  0.25893  214 DC D OP2   
594 O "O5'" . DC C 13 ? 7.97513  10.60105 8.17251  0.77424  1.95409  0.10305  214 DC D "O5'" 
595 C "C5'" . DC C 13 ? 8.00493  10.57518 8.20573  0.65010  2.02843  0.01525  214 DC D "C5'" 
596 C "C4'" . DC C 13 ? 7.92168  10.49923 8.22884  0.59251  2.02334  0.05154  214 DC D "C4'" 
597 O "O4'" . DC C 13 ? 7.97412  10.34858 8.12724  0.59711  2.02439  0.24545  214 DC D "O4'" 
598 C "C3'" . DC C 13 ? 7.78058  10.54793 8.31509  0.65096  1.94754  0.02845  214 DC D "C3'" 
599 O "O3'" . DC C 13 ? 7.71026  10.54986 8.41211  0.57326  1.96963  -0.07274 214 DC D "O3'" 
600 C "C2'" . DC C 13 ? 7.74467  10.44380 8.23912  0.70278  1.90170  0.21311  214 DC D "C2'" 
601 C "C1'" . DC C 13 ? 7.86056  10.30414 8.16409  0.62413  1.97362  0.32103  214 DC D "C1'" 
602 N N1    . DC C 13 ? 6.24686  8.47153  6.41094  0.67628  1.96273  0.54419  214 DC D N1    
603 C C2    . DC C 13 ? 6.23913  8.30502  6.43222  0.62458  1.97513  0.68602  214 DC D C2    
604 O O2    . DC C 13 ? 6.16449  8.30043  6.50213  0.54337  1.99170  0.62152  214 DC D O2    
605 N N3    . DC C 13 ? 6.32598  8.13984  6.39247  0.65506  1.96812  0.89507  214 DC D N3    
606 C C4    . DC C 13 ? 6.40954  8.15433  6.32286  0.74524  1.94831  0.95739  214 DC D C4    
607 N N4    . DC C 13 ? 6.50742  7.98070  6.29393  0.76234  1.93281  1.16166  214 DC D N4    
608 C C5    . DC C 13 ? 6.40860  8.33493  6.29599  0.80953  1.93690  0.81584  214 DC D C5    
609 C C6    . DC C 13 ? 6.32945  8.48095  6.34605  0.76688  1.94441  0.61550  214 DC D C6    
610 O "O5'" . DG D 1  ? 5.30985  10.52097 5.76641  -3.47446 -1.30478 0.06009  100 DG X "O5'" 
611 C "C5'" . DG D 1  ? 5.26658  10.55328 5.85346  -3.40395 -1.30635 -0.09885 100 DG X "C5'" 
612 C "C4'" . DG D 1  ? 5.29525  10.60053 5.84101  -3.41344 -1.24276 -0.27243 100 DG X "C4'" 
613 O "O4'" . DG D 1  ? 5.32691  10.51719 5.78950  -3.48019 -1.20909 -0.20925 100 DG X "O4'" 
614 C "C3'" . DG D 1  ? 5.22265  10.53620 5.66269  -3.28095 -1.21114 -0.45856 100 DG X "C3'" 
615 O "O3'" . DG D 1  ? 5.19702  10.53809 5.75073  -3.22230 -1.18965 -0.64981 100 DG X "O3'" 
616 C "C2'" . DG D 1  ? 5.29157  10.58536 5.49382  -3.35382 -1.15253 -0.42478 100 DG X "C2'" 
617 C "C1'" . DG D 1  ? 5.32502  10.50877 5.61077  -3.44680 -1.15318 -0.32750 100 DG X "C1'" 
618 N N9    . DG D 1  ? 5.34787  10.43271 5.48352  -3.49425 -1.13776 -0.21656 100 DG X N9    
619 C C8    . DG D 1  ? 5.36664  10.37530 5.52761  -3.55433 -1.17092 -0.03764 100 DG X C8    
620 N N7    . DG D 1  ? 5.38536  10.31777 5.38710  -3.57954 -1.14651 0.01195  100 DG X N7    
621 C C5    . DG D 1  ? 5.37886  10.33553 5.24439  -3.53787 -1.09176 -0.13586 100 DG X C5    
622 C C6    . DG D 1  ? 5.39242  10.29395 5.06840  -3.54120 -1.04311 -0.16060 100 DG X C6    
623 O O6    . DG D 1  ? 5.41621  10.23741 4.99555  -3.58294 -1.04144 -0.06165 100 DG X O6    
624 N N1    . DG D 1  ? 5.37418  10.32342 4.98024  -3.48370 -0.98984 -0.32583 100 DG X N1    
625 C C2    . DG D 1  ? 5.34554  10.38653 5.04974  -3.42374 -0.98668 -0.45816 100 DG X C2    
626 N N2    . DG D 1  ? 5.32593  10.39912 4.95134  -3.36202 -0.92922 -0.61125 100 DG X N2    
627 N N3    . DG D 1  ? 5.33526  10.43202 5.21094  -3.41935 -1.03496 -0.44487 100 DG X N3    
628 C C4    . DG D 1  ? 5.35364  10.40303 5.30284  -3.48178 -1.08520 -0.27644 100 DG X C4    
629 P P     . DA D 2  ? 5.17440  10.53088 5.76386  -3.03178 -1.20219 -0.84386 101 DA X P     
630 O OP1   . DA D 2  ? 5.18790  10.56391 5.81314  -3.00766 -1.15614 -1.02439 101 DA X OP1   
631 O OP2   . DA D 2  ? 5.10837  10.47532 5.86255  -2.95964 -1.27436 -0.81274 101 DA X OP2   
632 O "O5'" . DA D 2  ? 5.14499  10.47876 5.51273  -2.96705 -1.17800 -0.83481 101 DA X "O5'" 
633 C "C5'" . DA D 2  ? 5.09051  10.42774 5.38512  -2.82750 -1.14649 -1.00793 101 DA X "C5'" 
634 C "C4'" . DA D 2  ? 5.09716  10.40897 5.17449  -2.82829 -1.10091 -0.96502 101 DA X "C4'" 
635 O "O4'" . DA D 2  ? 5.17202  10.46622 5.17543  -2.98446 -1.10051 -0.77554 101 DA X "O4'" 
636 C "C3'" . DA D 2  ? 5.01625  10.31433 5.03797  -2.68921 -1.12745 -0.96657 101 DA X "C3'" 
637 O "O3'" . DA D 2  ? 5.00378  10.28611 4.85507  -2.62891 -1.06245 -1.04010 101 DA X "O3'" 
638 C "C2'" . DA D 2  ? 5.03295  10.31537 5.05173  -2.77515 -1.17380 -0.75764 101 DA X "C2'" 
639 C "C1'" . DA D 2  ? 5.13821  10.41067 5.08166  -2.95487 -1.13592 -0.65566 101 DA X "C1'" 
640 N N9    . DA D 2  ? 5.18777  10.45192 5.19335  -3.07293 -1.18416 -0.46194 101 DA X N9    
641 C C8    . DA D 2  ? 5.16742  10.44481 5.36494  -3.07563 -1.24642 -0.40352 101 DA X C8    
642 N N7    . DA D 2  ? 5.22731  10.48933 5.44344  -3.19228 -1.27631 -0.21043 101 DA X N7    
643 C C5    . DA D 2  ? 5.29465  10.53315 5.30649  -3.26957 -1.23529 -0.14257 101 DA X C5    
644 C C6    . DA D 2  ? 5.37986  10.58584 5.30236  -3.39300 -1.24447 0.04442  101 DA X C6    
645 N N6    . DA D 2  ? 5.38702  10.54903 5.44479  -3.43910 -1.30114 0.20195  101 DA X N6    
646 N N1    . DA D 2  ? 5.39345  10.53135 5.14209  -3.40433 -1.20138 0.04003  101 DA X N1    
647 C C2    . DA D 2  ? 5.38214  10.55903 5.01287  -3.35420 -1.13899 -0.11386 101 DA X C2    
648 N N3    . DA D 2  ? 5.31711  10.54073 5.00610  -3.24695 -1.12065 -0.28661 101 DA X N3    
649 C C4    . DA D 2  ? 5.26841  10.50892 5.15318  -3.19978 -1.17594 -0.29686 101 DA X C4    
650 P P     . DG D 3  ? 5.36636  10.61809 5.04534  -2.67035 -1.03847 -0.91321 102 DG X P     
651 O OP1   . DG D 3  ? 5.39939  10.64238 5.11011  -2.59658 -1.10036 -0.82715 102 DG X OP1   
652 O OP2   . DG D 3  ? 5.46511  10.71174 5.07671  -2.85143 -1.00692 -0.80940 102 DG X OP2   
653 O "O5'" . DG D 3  ? 5.33600  10.57949 4.88820  -2.57050 -0.96506 -1.04457 102 DG X "O5'" 
654 C "C5'" . DG D 3  ? 5.39353  10.62805 4.80411  -2.66672 -0.88901 -1.02744 102 DG X "C5'" 
655 C "C4'" . DG D 3  ? 5.41829  10.62477 4.70974  -2.73969 -0.88781 -0.87131 102 DG X "C4'" 
656 O "O4'" . DG D 3  ? 5.48350  10.68644 4.80860  -2.88002 -0.93715 -0.70795 102 DG X "O4'" 
657 C "C3'" . DG D 3  ? 5.34052  10.52872 4.61391  -2.61560 -0.91733 -0.84501 102 DG X "C3'" 
658 O "O3'" . DG D 3  ? 5.35184  10.51846 4.48109  -2.63675 -0.86070 -0.81201 102 DG X "O3'" 
659 C "C2'" . DG D 3  ? 5.34904  10.53411 4.70225  -2.67383 -0.99969 -0.68544 102 DG X "C2'" 
660 C "C1'" . DG D 3  ? 5.45525  10.63785 4.76897  -2.86193 -0.98547 -0.58076 102 DG X "C1'" 
661 N N9    . DG D 3  ? 5.48511  10.67088 4.90741  -2.94210 -1.05834 -0.44062 102 DG X N9    
662 C C8    . DG D 3  ? 5.49459  10.70231 5.08871  -2.90948 -1.11218 -0.46425 102 DG X C8    
663 N N7    . DG D 3  ? 5.57044  10.77533 5.24448  -2.99699 -1.16849 -0.30671 102 DG X N7    
664 C C5    . DG D 3  ? 5.59941  10.77765 5.13707  -3.09168 -1.15521 -0.16981 102 DG X C5    
665 C C6    . DG D 3  ? 5.67591  10.83793 5.21903  -3.20538 -1.19993 0.03213  102 DG X C6    
666 O O6    . DG D 3  ? 5.73046  10.89774 5.41103  -3.24801 -1.25802 0.13874  102 DG X O6    
667 N N1    . DG D 3  ? 5.68688  10.82425 5.06046  -3.27201 -1.16987 0.11090  102 DG X N1    
668 C C2    . DG D 3  ? 5.66353  10.79353 4.89274  -3.23588 -1.10063 0.00794  102 DG X C2    
669 N N2    . DG D 3  ? 5.71901  10.81508 4.81279  -3.30726 -1.08149 0.10060  102 DG X N2    
670 N N3    . DG D 3  ? 5.59901  10.74297 4.82940  -3.12864 -1.05477 -0.17458 102 DG X N3    
671 C C4    . DG D 3  ? 5.54843  10.71571 4.93142  -3.06056 -1.08751 -0.25390 102 DG X C4    
672 P P     . DC D 4  ? 4.86888  10.01248 3.95352  -2.57505 -0.88609 -0.72162 103 DC X P     
673 O OP1   . DC D 4  ? 4.87223  10.00101 3.82924  -2.57055 -0.80715 -0.75793 103 DC X OP1   
674 O OP2   . DC D 4  ? 4.78570  9.93876  3.96811  -2.41847 -0.94263 -0.76868 103 DC X OP2   
675 O "O5'" . DC D 4  ? 4.93503  10.06687 4.01808  -2.72808 -0.93681 -0.52035 103 DC X "O5'" 
676 C "C5'" . DC D 4  ? 4.97937  10.08825 3.94636  -2.81241 -0.91149 -0.41520 103 DC X "C5'" 
677 C "C4'" . DC D 4  ? 5.00675  10.10428 4.01374  -2.88731 -0.98614 -0.22620 103 DC X "C4'" 
678 O "O4'" . DC D 4  ? 5.02410  10.13725 4.15473  -2.92596 -1.04531 -0.18277 103 DC X "O4'" 
679 C "C3'" . DC D 4  ? 4.92333  10.01569 3.97583  -2.77497 -1.03144 -0.17874 103 DC X "C3'" 
680 O "O3'" . DC D 4  ? 4.94252  10.01332 3.89250  -2.81244 -1.00582 -0.10590 103 DC X "O3'" 
681 C "C2'" . DC D 4  ? 4.92452  10.02456 4.11271  -2.80824 -1.12234 -0.04303 103 DC X "C2'" 
682 C "C1'" . DC D 4  ? 5.00811  10.11521 4.21928  -2.93233 -1.12140 -0.03063 103 DC X "C1'" 
683 N N1    . DC D 4  ? 4.97889  10.10902 4.36010  -2.90431 -1.18239 -0.03010 103 DC X N1    
684 C C2    . DC D 4  ? 5.01034  10.13767 4.49158  -2.98257 -1.25144 0.14344  103 DC X C2    
685 O O2    . DC D 4  ? 5.06454  10.16896 4.48457  -3.06839 -1.26478 0.29360  103 DC X O2    
686 N N3    . DC D 4  ? 4.98282  10.13280 4.63378  -2.96067 -1.30131 0.14242  103 DC X N3    
687 C C4    . DC D 4  ? 4.93064  10.10649 4.64449  -2.86689 -1.28751 -0.02904 103 DC X C4    
688 N N4    . DC D 4  ? 4.90733  10.10751 4.79852  -2.85222 -1.33709 -0.02862 103 DC X N4    
689 C C5    . DC D 4  ? 4.90297  10.08041 4.50896  -2.78231 -1.22143 -0.20734 103 DC X C5    
690 C C6    . DC D 4  ? 4.92674  10.08056 4.37202  -2.80471 -1.16907 -0.19773 103 DC X C6    
691 P P     . DA D 5  ? 5.16022  10.21123 4.05673  -2.98382 -1.02870 0.07889  104 DA X P     
692 O OP1   . DA D 5  ? 5.25930  10.31435 4.14566  -3.11842 -1.03080 0.11800  104 DA X OP1   
693 O OP2   . DA D 5  ? 5.17176  10.20690 3.94809  -2.99620 -0.97197 0.06916  104 DA X OP2   
694 O "O5'" . DA D 5  ? 5.12223  10.17180 4.13576  -2.95756 -1.12011 0.23074  104 DA X "O5'" 
695 C "C5'" . DA D 5  ? 5.20104  10.23229 4.20192  -3.08232 -1.16162 0.41711  104 DA X "C5'" 
696 C "C4'" . DA D 5  ? 5.14342  10.17739 4.28264  -3.02867 -1.24359 0.54551  104 DA X "C4'" 
697 O "O4'" . DA D 5  ? 5.12332  10.17489 4.40378  -3.01173 -1.29426 0.55895  104 DA X "O4'" 
698 C "C3'" . DA D 5  ? 5.02729  10.07352 4.19914  -2.86984 -1.24143 0.48113  104 DA X "C3'" 
699 O "O3'" . DA D 5  ? 5.03289  10.06414 4.15745  -2.88869 -1.24222 0.57466  104 DA X "O3'" 
700 C "C2'" . DA D 5  ? 4.95383  10.02370 4.30160  -2.78219 -1.31366 0.52140  104 DA X "C2'" 
701 C "C1'" . DA D 5  ? 5.02751  10.09431 4.44540  -2.89811 -1.34969 0.59964  104 DA X "C1'" 
702 N N9    . DA D 5  ? 4.97523  10.07056 4.51111  -2.82410 -1.37009 0.50819  104 DA X N9    
703 C C8    . DA D 5  ? 4.91752  10.03375 4.43133  -2.71119 -1.33076 0.31432  104 DA X C8    
704 N N7    . DA D 5  ? 4.88478  10.02758 4.52722  -2.66520 -1.36401 0.26306  104 DA X N7    
705 C C5    . DA D 5  ? 4.91899  10.05752 4.68381  -2.75548 -1.42618 0.43941  104 DA X C5    
706 C C6    . DA D 5  ? 4.90787  10.06680 4.85225  -2.76403 -1.48001 0.48416  104 DA X C6    
707 N N6    . DA D 5  ? 4.85799  10.05070 4.88613  -2.67871 -1.48238 0.33949  104 DA X N6    
708 N N1    . DA D 5  ? 4.95379  10.09667 4.99484  -2.86174 -1.53019 0.68227  104 DA X N1    
709 C C2    . DA D 5  ? 5.01203  10.12185 4.96504  -2.94364 -1.53092 0.82198  104 DA X C2    
710 N N3    . DA D 5  ? 5.02953  10.12128 4.81168  -2.94840 -1.48564 0.79062  104 DA X N3    
711 C C4    . DA D 5  ? 4.97745  10.08486 4.67595  -2.85166 -1.43186 0.59551  104 DA X C4    
712 P P     . DG D 6  ? 5.52080  10.53135 4.68027  -3.01276 -1.30250 0.79436  105 DG X P     
713 O OP1   . DG D 6  ? 5.65289  10.64400 4.69649  -3.17172 -1.27780 0.83148  105 DG X OP1   
714 O OP2   . DG D 6  ? 5.47150  10.48144 4.63318  -2.95792 -1.30721 0.84139  105 DG X OP2   
715 O "O5'" . DG D 6  ? 5.48926  10.51128 4.83568  -2.98968 -1.38601 0.90429  105 DG X "O5'" 
716 C "C5'" . DG D 6  ? 5.58659  10.59381 4.97124  -3.11995 -1.42949 1.04414  105 DG X "C5'" 
717 C "C4'" . DG D 6  ? 5.54763  10.55882 5.12905  -3.09148 -1.51203 1.19980  105 DG X "C4'" 
718 O "O4'" . DG D 6  ? 5.47396  10.51269 5.18467  -3.00562 -1.52922 1.12290  105 DG X "O4'" 
719 C "C3'" . DG D 6  ? 5.47072  10.48439 5.13065  -3.00693 -1.54182 1.27985  105 DG X "C3'" 
720 O "O3'" . DG D 6  ? 5.51266  10.50833 5.29468  -3.07033 -1.61006 1.49135  105 DG X "O3'" 
721 C "C2'" . DG D 6  ? 5.34655  10.39736 5.11389  -2.84298 -1.54707 1.17236  105 DG X "C2'" 
722 C "C1'" . DG D 6  ? 5.36129  10.42148 5.20872  -2.87179 -1.56511 1.14455  105 DG X "C1'" 
723 N N9    . DG D 6  ? 5.27943  10.37519 5.14676  -2.74799 -1.54320 0.96180  105 DG X N9    
724 C C8    . DG D 6  ? 5.23882  10.34709 4.97746  -2.65981 -1.48270 0.77986  105 DG X C8    
725 N N7    . DG D 6  ? 5.17993  10.32007 4.96168  -2.55441 -1.47788 0.63750  105 DG X N7    
726 C C5    . DG D 6  ? 5.22643  10.34337 5.17928  -2.56311 -1.52290 0.72678  105 DG X C5    
727 C C6    . DG D 6  ? 5.30407  10.37927 5.36786  -2.45124 -1.51367 0.63691  105 DG X C6    
728 O O6    . DG D 6  ? 5.32198  10.38591 5.34981  -2.32242 -1.47223 0.45604  105 DG X O6    
729 N N1    . DG D 6  ? 5.36476  10.41124 5.59978  -2.50056 -1.56010 0.77873  105 DG X N1    
730 C C2    . DG D 6  ? 5.34407  10.40438 5.63524  -2.63855 -1.61178 0.98734  105 DG X C2    
731 N N2    . DG D 6  ? 5.40761  10.43538 5.87632  -2.66358 -1.64841 1.10480  105 DG X N2    
732 N N3    . DG D 6  ? 5.26615  10.37038 5.45028  -2.74455 -1.62752 1.07410  105 DG X N3    
733 C C4    . DG D 6  ? 5.23717  10.36060 5.25317  -2.69768 -1.57732 0.93181  105 DG X C4    
734 P P     . DC D 7  ? 5.41268  10.40249 5.28601  -3.02497 -1.64750 1.62819  106 DC X P     
735 O OP1   . DC D 7  ? 5.52910  10.48545 5.40449  -3.15776 -1.68949 1.81590  106 DC X OP1   
736 O OP2   . DC D 7  ? 5.35255  10.35661 5.12021  -2.94741 -1.59525 1.50573  106 DC X OP2   
737 O "O5'" . DC D 7  ? 5.30250  10.31650 5.40750  -2.90369 -1.69713 1.67911  106 DC X "O5'" 
738 C "C5'" . DC D 7  ? 5.33212  10.33967 5.57646  -2.94709 -1.74196 1.77279  106 DC X "C5'" 
739 C "C4'" . DC D 7  ? 5.25289  10.27729 5.64656  -2.80800 -1.74628 1.69778  106 DC X "C4'" 
740 O "O4'" . DC D 7  ? 5.24612  10.27453 5.51006  -2.72080 -1.68125 1.46954  106 DC X "O4'" 
741 C "C3'" . DC D 7  ? 5.36066  10.27954 5.89011  -2.62211 -1.72280 1.76089  106 DC X "C3'" 
742 O "O3'" . DC D 7  ? 5.42617  10.28858 6.15117  -2.58053 -1.74515 1.85546  106 DC X "O3'" 
743 C "C2'" . DC D 7  ? 5.42605  10.29844 5.85936  -2.43852 -1.64134 1.55118  106 DC X "C2'" 
744 C "C1'" . DC D 7  ? 5.36905  10.30026 5.71931  -2.50442 -1.63498 1.40280  106 DC X "C1'" 
745 N N1    . DC D 7  ? 5.29528  10.22665 5.50497  -2.38907 -1.56696 1.17498  106 DC X N1    
746 C C2    . DC D 7  ? 5.37497  10.26904 5.63082  -2.26978 -1.53962 1.04072  106 DC X C2    
747 O O2    . DC D 7  ? 5.44515  10.30276 5.85630  -2.26351 -1.56777 1.11093  106 DC X O2    
748 N N3    . DC D 7  ? 5.37337  10.27377 5.50820  -2.16545 -1.48436 0.83837  106 DC X N3    
749 C C4    . DC D 7  ? 5.29895  10.23778 5.27460  -2.17751 -1.45088 0.77175  106 DC X C4    
750 N N4    . DC D 7  ? 5.29594  10.24142 5.16270  -2.06924 -1.39599 0.57592  106 DC X N4    
751 C C5    . DC D 7  ? 5.22615  10.19933 5.15250  -2.30105 -1.47321 0.90284  106 DC X C5    
752 C C6    . DC D 7  ? 5.22448  10.19450 5.26950  -2.40392 -1.53409 1.10045  106 DC X C6    
753 P P     . DC D 8  ? 5.02514  9.78062  5.93909  -2.43437 -1.73887 1.98873  107 DC X P     
754 O OP1   . DC D 8  ? 5.07226  9.85153  6.13016  -2.56789 -1.81289 2.21669  107 DC X OP1   
755 O OP2   . DC D 8  ? 4.97992  9.69442  5.81960  -2.30942 -1.68848 1.93853  107 DC X OP2   
756 O "O5'" . DC D 8  ? 5.00498  9.67646  6.01954  -2.27694 -1.69831 1.88649  107 DC X "O5'" 
757 C "C5'" . DC D 8  ? 5.00413  9.70949  5.92937  -2.28101 -1.67669 1.70222  107 DC X "C5'" 
758 C "C4'" . DC D 8  ? 5.12096  9.74429  6.02424  -2.05995 -1.60820 1.52811  107 DC X "C4'" 
759 O "O4'" . DC D 8  ? 5.05639  9.72801  5.75568  -2.03777 -1.56829 1.34817  107 DC X "O4'" 
760 C "C3'" . DC D 8  ? 5.23948  9.75433  6.22619  -1.88455 -1.57394 1.59743  107 DC X "C3'" 
761 O "O3'" . DC D 8  ? 5.38439  9.80474  6.44990  -1.70551 -1.53434 1.50598  107 DC X "O3'" 
762 C "C2'" . DC D 8  ? 5.20556  9.73920  6.01365  -1.83147 -1.53054 1.50065  107 DC X "C2'" 
763 C "C1'" . DC D 8  ? 5.15468  9.74716  5.82293  -1.84462 -1.51152 1.29184  107 DC X "C1'" 
764 N N1    . DC D 8  ? 5.08081  9.72411  5.54813  -1.83902 -1.47268 1.16367  107 DC X N1    
765 C C2    . DC D 8  ? 5.10180  9.75177  5.45557  -1.73720 -1.42610 0.94859  107 DC X C2    
766 O O2    . DC D 8  ? 5.17928  9.79685  5.59703  -1.65873 -1.42251 0.86379  107 DC X O2    
767 N N3    . DC D 8  ? 5.03527  9.72915  5.21697  -1.72908 -1.38684 0.83809  107 DC X N3    
768 C C4    . DC D 8  ? 4.96278  9.68893  5.08471  -1.81723 -1.39092 0.92910  107 DC X C4    
769 N N4    . DC D 8  ? 4.90931  9.67491  4.86691  -1.80590 -1.34608 0.81237  107 DC X N4    
770 C C5    . DC D 8  ? 4.94029  9.66160  5.17454  -1.92187 -1.44219 1.14324  107 DC X C5    
771 C C6    . DC D 8  ? 4.99728  9.67748  5.40235  -1.92590 -1.48176 1.25588  107 DC X C6    
772 P P     . DT D 9  ? 5.02426  9.31906  6.28055  -1.56710 -1.51869 1.63834  108 DT X P     
773 O OP1   . DT D 9  ? 4.96012  9.26695  6.39711  -1.69903 -1.57721 1.81942  108 DT X OP1   
774 O OP2   . DT D 9  ? 4.99358  9.24173  6.20841  -1.46819 -1.48120 1.68561  108 DT X OP2   
775 O "O5'" . DT D 9  ? 5.20548  9.41808  6.47276  -1.37973 -1.47014 1.46487  108 DT X "O5'" 
776 C "C5'" . DT D 9  ? 5.27077  9.50825  6.58559  -1.42658 -1.49066 1.37743  108 DT X "C5'" 
777 C "C4'" . DT D 9  ? 5.42723  9.57955  6.73349  -1.22216 -1.44122 1.20476  108 DT X "C4'" 
778 O "O4'" . DT D 9  ? 5.36586  9.58227  6.49149  -1.20092 -1.42339 0.99331  108 DT X "O4'" 
779 C "C3'" . DT D 9  ? 5.51225  9.54893  6.81792  -1.01789 -1.38532 1.22095  108 DT X "C3'" 
780 O "O3'" . DT D 9  ? 5.62500  9.56061  7.12930  -0.96209 -1.38328 1.36406  108 DT X "O3'" 
781 C "C2'" . DT D 9  ? 5.58971  9.59860  6.77067  -0.85097 -1.34116 0.98747  108 DT X "C2'" 
782 C "C1'" . DT D 9  ? 5.46222  9.60214  6.49999  -0.98298 -1.36515 0.86449  108 DT X "C1'" 
783 N N1    . DT D 9  ? 5.35764  9.54648  6.21796  -0.98165 -1.33984 0.82446  108 DT X N1    
784 C C2    . DT D 9  ? 5.37190  9.55489  6.08191  -0.83714 -1.29448 0.63217  108 DT X C2    
785 O O2    . DT D 9  ? 5.46092  9.60315  6.17271  -0.71057 -1.27962 0.49249  108 DT X O2    
786 N N3    . DT D 9  ? 5.27868  9.50717  5.83717  -0.84664 -1.26797 0.60821  108 DT X N3    
787 C C4    . DT D 9  ? 5.17989  9.45836  5.72112  -0.98687 -1.28424 0.74722  108 DT X C4    
788 O O4    . DT D 9  ? 5.11460  9.42783  5.51677  -0.97865 -1.25309 0.70000  108 DT X O4    
789 C C5    . DT D 9  ? 5.16299  9.44834  5.86100  -1.13411 -1.33874 0.94309  108 DT X C5    
790 C C7    . DT D 9  ? 5.05462  9.39598  5.74373  -1.28972 -1.36691 1.10126  108 DT X C7    
791 C C6    . DT D 9  ? 5.24861  9.48989  6.09710  -1.12356 -1.36248 0.97447  108 DT X C6    
792 P P     . DG D 10 ? 5.25013  9.06010  6.80171  -0.78466 -1.32834 1.45436  109 DG X P     
793 O OP1   . DG D 10 ? 5.26442  9.02901  7.03407  -0.84446 -1.35343 1.67436  109 DG X OP1   
794 O OP2   . DG D 10 ? 5.14725  8.98934  6.53864  -0.76072 -1.30156 1.43200  109 DG X OP2   
795 O "O5'" . DG D 10 ? 5.40378  9.10839  6.93247  -0.56447 -1.27429 1.28147  109 DG X "O5'" 
796 C "C5'" . DG D 10 ? 5.41041  9.02402  6.84200  -0.35555 -1.20473 1.21557  109 DG X "C5'" 
797 C "C4'" . DG D 10 ? 5.39938  9.06685  6.61271  -0.29012 -1.18430 0.99644  109 DG X "C4'" 
798 O "O4'" . DG D 10 ? 5.26850  9.05335  6.37622  -0.43893 -1.20890 1.01533  109 DG X "O4'" 
799 C "C3'" . DG D 10 ? 5.40364  8.97807  6.49605  -0.05782 -1.10883 0.90385  109 DG X "C3'" 
800 O "O3'" . DG D 10 ? 5.52410  9.03990  6.58762  0.09027  -1.09041 0.73816  109 DG X "O3'" 
801 C "C2'" . DG D 10 ? 5.29737  8.96699  6.19438  -0.09290 -1.09883 0.81526  109 DG X "C2'" 
802 C "C1'" . DG D 10 ? 5.24158  9.04848  6.15493  -0.33725 -1.16997 0.84138  109 DG X "C1'" 
803 N N9    . DG D 10 ? 5.11047  9.00839  5.92310  -0.45860 -1.17703 0.88506  109 DG X N9    
804 C C8    . DG D 10 ? 5.02203  8.98385  5.90539  -0.65123 -1.22349 1.05421  109 DG X C8    
805 N N7    . DG D 10 ? 4.92191  8.95840  5.67958  -0.72664 -1.21902 1.04495  109 DG X N7    
806 C C5    . DG D 10 ? 4.94645  8.96809  5.54598  -0.57403 -1.16317 0.86177  109 DG X C5    
807 C C6    . DG D 10 ? 4.88075  8.95780  5.30716  -0.56846 -1.12920 0.77083  109 DG X C6    
808 O O6    . DG D 10 ? 4.79077  8.94117  5.16546  -0.70477 -1.14187 0.83145  109 DG X O6    
809 N N1    . DG D 10 ? 4.93071  8.97004  5.23853  -0.38107 -1.07552 0.59134  109 DG X N1    
810 C C2    . DG D 10 ? 5.02653  8.98576  5.37022  -0.22095 -1.06122 0.50582  109 DG X C2    
811 N N2    . DG D 10 ? 5.04308  8.98071  5.24940  -0.05007 -1.01326 0.33349  109 DG X N2    
812 N N3    . DG D 10 ? 5.09930  9.00345  5.60227  -0.22725 -1.09168 0.58298  109 DG X N3    
813 C C4    . DG D 10 ? 5.05598  8.99487  5.68393  -0.40700 -1.13986 0.76220  109 DG X C4    
814 P P     . DT D 11 ? 5.53219  8.88040  6.65677  0.31256  -1.03000 0.75374  110 DT X P     
815 O OP1   . DT D 11 ? 5.63096  8.94925  6.64597  0.46687  -1.01307 0.53438  110 DT X OP1   
816 O OP2   . DT D 11 ? 5.56747  8.86152  6.91824  0.23898  -1.05043 0.93369  110 DT X OP2   
817 O "O5'" . DT D 11 ? 5.38996  8.68504  6.42841  0.42273  -0.96478 0.82487  110 DT X "O5'" 
818 C "C5'" . DT D 11 ? 5.38150  8.54485  6.35943  0.66189  -0.88927 0.77284  110 DT X "C5'" 
819 C "C4'" . DT D 11 ? 5.35494  8.54945  6.10333  0.77944  -0.85408 0.59356  110 DT X "C4'" 
820 O "O4'" . DT D 11 ? 5.30247  8.63990  5.97119  0.61234  -0.89030 0.58151  110 DT X "O4'" 
821 C "C3'" . DT D 11 ? 5.23208  8.32222  5.89651  0.97326  -0.76562 0.62112  110 DT X "C3'" 
822 O "O3'" . DT D 11 ? 5.23079  8.31260  5.69729  1.14064  -0.72995 0.42450  110 DT X "O3'" 
823 C "C2'" . DT D 11 ? 5.12100  8.28622  5.78317  0.84013  -0.76693 0.74459  110 DT X "C2'" 
824 C "C1'" . DT D 11 ? 5.18091  8.50638  5.77998  0.65157  -0.83885 0.65371  110 DT X "C1'" 
825 N N1    . DT D 11 ? 5.12264  8.54139  5.80307  0.42672  -0.88582 0.80565  110 DT X N1    
826 C C2    . DT D 11 ? 5.06226  8.57651  5.62008  0.34485  -0.88377 0.77826  110 DT X C2    
827 O O2    . DT D 11 ? 5.05212  8.57916  5.44281  0.44932  -0.84169 0.63832  110 DT X O2    
828 N N3    . DT D 11 ? 5.00534  8.60000  5.64345  0.13534  -0.93291 0.92232  110 DT X N3    
829 C C4    . DT D 11 ? 4.98990  8.58260  5.81593  0.00515  -0.98507 1.09237  110 DT X C4    
830 O O4    . DT D 11 ? 4.92312  8.59528  5.80068  -0.17956 -1.03178 1.21441  110 DT X O4    
831 C C5    . DT D 11 ? 5.05378  8.54401  6.00997  0.10276  -0.98063 1.11616  110 DT X C5    
832 C C7    . DT D 11 ? 5.03776  8.51590  6.21044  -0.02019 -1.03061 1.29935  110 DT X C7    
833 C C6    . DT D 11 ? 5.12234  8.52996  5.99923  0.30481  -0.93087 0.97077  110 DT X C6    
834 P P     . DG D 12 ? 6.04356  8.97718  6.46117  1.39619  -0.67281 0.33444  111 DG X P     
835 O OP1   . DG D 12 ? 6.12903  9.11730  6.42572  1.44400  -0.70808 0.11227  111 DG X OP1   
836 O OP2   . DG D 12 ? 6.07810  8.90220  6.69039  1.40130  -0.66459 0.48176  111 DG X OP2   
837 O "O5'" . DG D 12 ? 5.84540  8.70609  6.12525  1.57697  -0.57877 0.34600  111 DG X "O5'" 
838 C "C5'" . DG D 12 ? 5.71970  8.58198  6.05387  1.51185  -0.54599 0.51394  111 DG X "C5'" 
839 C "C4'" . DG D 12 ? 5.61153  8.53940  5.76700  1.54456  -0.51069 0.43711  111 DG X "C4'" 
840 O "O4'" . DG D 12 ? 5.64325  8.70901  5.83356  1.31342  -0.56419 0.49718  111 DG X "O4'" 
841 C "C3'" . DG D 12 ? 5.41617  8.23864  5.52950  1.70592  -0.40930 0.51746  111 DG X "C3'" 
842 O "O3'" . DG D 12 ? 5.32825  8.17308  5.23464  1.83187  -0.36327 0.37438  111 DG X "O3'" 
843 C "C2'" . DG D 12 ? 5.37520  8.25120  5.61540  1.52458  -0.42269 0.69916  111 DG X "C2'" 
844 C "C1'" . DG D 12 ? 5.51216  8.55796  5.72670  1.30261  -0.51325 0.63394  111 DG X "C1'" 
845 N N9    . DG D 12 ? 5.54275  8.65375  5.92553  1.07484  -0.57507 0.79980  111 DG X N9    
846 C C8    . DG D 12 ? 5.56664  8.63800  6.14146  1.00133  -0.61496 0.93022  111 DG X C8    
847 N N7    . DG D 12 ? 5.55633  8.70813  6.24644  0.79319  -0.67117 1.06723  111 DG X N7    
848 C C5    . DG D 12 ? 5.54029  8.78911  6.10385  0.72060  -0.66756 1.02102  111 DG X C5    
849 C C6    . DG D 12 ? 5.52110  8.88178  6.11765  0.50778  -0.71580 1.11376  111 DG X C6    
850 O O6    . DG D 12 ? 5.49711  8.89632  6.24353  0.34054  -0.77621 1.26335  111 DG X O6    
851 N N1    . DG D 12 ? 5.52109  8.95027  5.95298  0.50208  -0.68721 1.01697  111 DG X N1    
852 C C2    . DG D 12 ? 5.52456  8.92127  5.78667  0.68219  -0.62084 0.85606  111 DG X C2    
853 N N2    . DG D 12 ? 5.52341  8.99648  5.65071  0.64603  -0.59771 0.78467  111 DG X N2    
854 N N3    . DG D 12 ? 5.51996  8.81579  5.74463  0.88538  -0.57966 0.77056  111 DG X N3    
855 C C4    . DG D 12 ? 5.53630  8.76154  5.91519  0.89101  -0.60642 0.85761  111 DG X C4    
# 
